data_5XKJ
#
_entry.id   5XKJ
#
_cell.length_a   66.154
_cell.length_b   65.601
_cell.length_c   142.496
_cell.angle_alpha   102.86
_cell.angle_beta   97.60
_cell.angle_gamma   93.58
#
_symmetry.space_group_name_H-M   'P 1'
#
loop_
_entity.id
_entity.type
_entity.pdbx_description
1 polymer 'Protein TOO MANY MOUTHS'
2 polymer 'Protein EPIDERMAL PATTERNING FACTOR 2'
3 polymer 'LRR receptor-like serine/threonine-protein kinase ERL1'
#
loop_
_entity_poly.entity_id
_entity_poly.type
_entity_poly.pdbx_seq_one_letter_code
_entity_poly.pdbx_strand_id
1 'polypeptide(L)'
;TSDSTAPSALIDGPQTGFTMTNDGARTEPDEQDAVYDIMRATGNDWAAAIPDVCRGRWHGIECMPDQDNVYHVVSLSFGA
LSDDTAFPTCDPQRSYVSESLTRLKHLKALFFYRCLGRAPQRIPAFLGRLGSSLQTLVLRENGFLGPIPDELGNLTNLKV
LDLHKNHLNGSIPLSFNRFSGLRSLDLSGNRLTGSIPGFVLPALSVLDLNQNLLTGPVPPTLTSCGSLIKIDLSRNRVTG
PIPESINRLNQLVLLDLSYNRLSGPFPSSLQGLNSLQALMLKGNTKFSTTIPENAFKGLKNLMILVLSNTNIQGSIPKSL
TRLNSLRVLHLEGNNLTGEIPLEFRDVKHLSELRLNDNSLTGPVPFERDTVWRMRRKLRLYNNAGLCVNRDSDLDDAFGS
KSGSTVRLCDAETSRPAPSGTVQHLSREEDGAL
;
C,D
2 'polypeptide(L)' TGSSLPDCSYACGACSPCKRVMISFECSVAESCSVIYRCTCRGRYYHVPSRA E,F
3 'polypeptide(L)'
;SAMNNEGKALMAIKGSFSNLVNMLLDWDDVHNSDLCSWRGVFCDNVSYSVVSLNLSSLNLGGEISPAIGDLRNLQSIDLQ
GNKLAGQIPDEIGNCASLVYLDLSENLLYGDIPFSISKLKQLETLNLKNNQLTGPVPATLTQIPNLKRLDLAGNHLTGEI
SRLLYWNEVLQYLGLRGNMLTGTLSSDMCQLTGLWYFDVRGNNLTGTIPESIGNCTSFQILDISYNQITGEIPYNIGFLQ
VATLSLQGNRLTGRIPEVIGLMQALAVLDLSDNELVGPIPPILGNLSFTGKLYLHGNMLTGPIPSELGNMSRLSYLQLND
NKLVGTIPPELGKLEQLFELNLANNRLVGPIPSNISSCAALNQFNVHGNLLSGSIPLAFRNLGSLTYLNLSSNNFKGKIP
VELGHIINLDKLDLSGNNFSGSIPLTLGDLEHLLILNLSRNHLSGQLPAEFGNLRSIQMIDVSFNLLSGVIPTELGQLQN
LNSLILNNNKLHGKIPDQLTNCFTLVNLNVSFNNLSGIVPPMKNFSRFAPASFVGNPYLCGNWVGSICGHHHHHH
;
A,B
#
# COMPACT_ATOMS: atom_id res chain seq x y z
N GLY A 24 41.94 17.58 -33.11
CA GLY A 24 42.12 16.50 -34.06
C GLY A 24 42.29 15.14 -33.42
N ALA A 25 41.81 15.02 -32.18
CA ALA A 25 41.97 13.79 -31.41
C ALA A 25 40.80 12.84 -31.67
N ARG A 26 41.11 11.55 -31.73
CA ARG A 26 40.13 10.52 -32.04
C ARG A 26 40.18 9.44 -30.97
N THR A 27 39.08 8.68 -30.86
CA THR A 27 38.92 7.72 -29.78
C THR A 27 39.40 6.34 -30.20
N GLU A 28 39.53 5.46 -29.21
CA GLU A 28 39.99 4.09 -29.43
C GLU A 28 38.83 3.23 -29.92
N PRO A 29 39.02 2.42 -30.97
CA PRO A 29 37.88 1.78 -31.64
C PRO A 29 37.14 0.73 -30.82
N ASP A 30 37.86 -0.17 -30.15
CA ASP A 30 37.19 -1.22 -29.40
C ASP A 30 36.43 -0.67 -28.20
N GLU A 31 36.94 0.41 -27.59
CA GLU A 31 36.18 1.07 -26.55
C GLU A 31 34.93 1.75 -27.11
N GLN A 32 35.02 2.25 -28.35
CA GLN A 32 33.86 2.88 -28.97
C GLN A 32 32.79 1.83 -29.27
N ASP A 33 33.18 0.68 -29.81
CA ASP A 33 32.22 -0.38 -30.06
C ASP A 33 31.64 -0.91 -28.74
N ALA A 34 32.47 -1.01 -27.70
CA ALA A 34 31.95 -1.35 -26.38
C ALA A 34 30.88 -0.36 -25.95
N VAL A 35 31.09 0.93 -26.20
CA VAL A 35 30.09 1.93 -25.87
C VAL A 35 28.83 1.73 -26.70
N TYR A 36 28.99 1.36 -27.99
CA TYR A 36 27.83 1.11 -28.83
C TYR A 36 26.98 -0.03 -28.27
N ASP A 37 27.63 -1.15 -27.95
CA ASP A 37 26.90 -2.30 -27.40
C ASP A 37 26.25 -1.96 -26.06
N ILE A 38 26.98 -1.27 -25.18
CA ILE A 38 26.42 -0.90 -23.88
C ILE A 38 25.18 -0.03 -24.07
N MET A 39 25.27 0.97 -24.96
CA MET A 39 24.18 1.91 -25.13
C MET A 39 22.97 1.25 -25.77
N ARG A 40 23.18 0.40 -26.78
CA ARG A 40 22.08 -0.39 -27.32
C ARG A 40 21.47 -1.26 -26.22
N ALA A 41 22.32 -1.96 -25.47
CA ALA A 41 21.86 -2.85 -24.40
C ALA A 41 20.96 -2.14 -23.41
N THR A 42 21.29 -0.88 -23.09
CA THR A 42 20.46 -0.17 -22.13
C THR A 42 19.17 0.36 -22.74
N GLY A 43 19.05 0.37 -24.07
CA GLY A 43 17.85 0.82 -24.73
C GLY A 43 17.99 2.10 -25.51
N ASN A 44 19.19 2.68 -25.58
CA ASN A 44 19.43 3.98 -26.21
C ASN A 44 20.20 3.74 -27.51
N ASP A 45 19.45 3.36 -28.56
CA ASP A 45 20.03 3.13 -29.86
C ASP A 45 20.63 4.40 -30.48
N TRP A 46 20.21 5.58 -30.02
CA TRP A 46 20.64 6.83 -30.64
C TRP A 46 22.16 6.98 -30.62
N ALA A 47 22.84 6.34 -29.68
CA ALA A 47 24.29 6.42 -29.60
C ALA A 47 24.99 5.72 -30.76
N ALA A 48 24.25 5.12 -31.70
CA ALA A 48 24.84 4.44 -32.84
C ALA A 48 25.11 5.38 -34.00
N ALA A 49 24.21 6.33 -34.23
CA ALA A 49 24.42 7.32 -35.29
C ALA A 49 25.69 8.14 -35.07
N ILE A 50 26.13 8.25 -33.83
CA ILE A 50 27.25 9.11 -33.41
C ILE A 50 28.46 8.83 -34.31
N PRO A 51 29.08 9.86 -34.89
CA PRO A 51 30.28 9.63 -35.71
C PRO A 51 31.53 9.37 -34.90
N ASP A 52 31.50 9.71 -33.61
CA ASP A 52 32.59 9.44 -32.68
C ASP A 52 32.10 9.70 -31.27
N VAL A 53 32.27 8.70 -30.40
CA VAL A 53 31.57 8.68 -29.13
C VAL A 53 32.11 9.75 -28.18
N CYS A 54 33.43 9.97 -28.20
CA CYS A 54 34.07 10.83 -27.22
C CYS A 54 34.11 12.30 -27.62
N ARG A 55 33.75 12.65 -28.85
CA ARG A 55 33.62 14.05 -29.23
C ARG A 55 32.19 14.56 -29.18
N GLY A 56 31.21 13.66 -29.37
CA GLY A 56 29.80 14.01 -29.20
C GLY A 56 29.26 13.53 -27.86
N ARG A 57 29.78 14.13 -26.80
CA ARG A 57 29.62 13.60 -25.45
C ARG A 57 28.24 13.96 -24.89
N TRP A 58 27.54 12.94 -24.37
CA TRP A 58 26.28 13.11 -23.66
C TRP A 58 26.51 13.03 -22.16
N HIS A 59 25.55 13.53 -21.39
CA HIS A 59 25.73 13.55 -19.95
C HIS A 59 25.79 12.13 -19.41
N GLY A 60 26.92 11.80 -18.80
CA GLY A 60 27.14 10.47 -18.23
C GLY A 60 28.28 9.72 -18.84
N ILE A 61 28.88 10.23 -19.91
CA ILE A 61 30.08 9.63 -20.48
C ILE A 61 31.20 10.66 -20.43
N GLU A 62 32.32 10.27 -19.84
CA GLU A 62 33.51 11.09 -19.80
C GLU A 62 34.63 10.38 -20.55
N CYS A 63 35.60 11.16 -21.01
CA CYS A 63 36.69 10.63 -21.79
C CYS A 63 37.96 11.37 -21.40
N MET A 64 39.09 10.67 -21.49
CA MET A 64 40.39 11.26 -21.21
C MET A 64 41.35 10.81 -22.30
N PRO A 65 42.06 11.73 -22.94
CA PRO A 65 43.06 11.33 -23.93
C PRO A 65 44.39 11.00 -23.27
N ASP A 66 45.06 9.99 -23.81
CA ASP A 66 46.39 9.63 -23.35
C ASP A 66 47.43 10.43 -24.13
N GLN A 67 48.69 10.00 -24.10
CA GLN A 67 49.77 10.79 -24.69
C GLN A 67 49.68 10.87 -26.21
N ASP A 68 48.94 9.97 -26.86
CA ASP A 68 48.91 9.89 -28.31
C ASP A 68 47.68 10.56 -28.92
N ASN A 69 47.06 11.50 -28.21
CA ASN A 69 45.83 12.15 -28.67
C ASN A 69 44.73 11.13 -28.96
N VAL A 70 44.60 10.15 -28.07
CA VAL A 70 43.62 9.07 -28.23
C VAL A 70 42.72 9.06 -27.00
N TYR A 71 41.44 9.32 -27.21
CA TYR A 71 40.47 9.38 -26.13
C TYR A 71 40.11 7.97 -25.66
N HIS A 72 39.96 7.82 -24.35
CA HIS A 72 39.42 6.60 -23.75
C HIS A 72 38.25 6.94 -22.85
N VAL A 73 37.33 5.97 -22.71
CA VAL A 73 36.10 6.17 -21.95
C VAL A 73 36.37 5.89 -20.48
N VAL A 74 35.89 6.78 -19.62
CA VAL A 74 36.24 6.77 -18.20
C VAL A 74 35.03 6.75 -17.27
N SER A 75 33.87 7.22 -17.70
CA SER A 75 32.67 7.25 -16.88
C SER A 75 31.48 6.81 -17.71
N LEU A 76 30.70 5.86 -17.21
CA LEU A 76 29.52 5.36 -17.91
C LEU A 76 28.36 5.35 -16.93
N SER A 77 27.33 6.18 -17.18
CA SER A 77 26.29 6.36 -16.19
C SER A 77 24.89 6.40 -16.79
N PHE A 78 23.95 5.76 -16.09
CA PHE A 78 22.51 5.73 -16.39
C PHE A 78 21.89 5.71 -14.98
N GLY A 79 20.57 5.88 -14.80
CA GLY A 79 19.66 6.59 -15.67
C GLY A 79 19.43 8.03 -15.22
N ALA A 80 18.19 8.39 -14.92
CA ALA A 80 17.81 9.77 -14.63
C ALA A 80 17.42 9.95 -13.16
N LEU A 81 18.23 10.71 -12.41
CA LEU A 81 17.81 11.12 -11.08
C LEU A 81 16.76 12.22 -11.15
N SER A 82 16.66 12.87 -12.32
CA SER A 82 15.79 14.01 -12.59
C SER A 82 16.13 14.48 -14.00
N ASP A 83 15.67 15.68 -14.37
CA ASP A 83 16.20 16.35 -15.56
C ASP A 83 17.27 17.31 -15.09
N ASP A 84 18.50 17.09 -15.52
CA ASP A 84 19.66 17.75 -14.92
C ASP A 84 19.65 17.36 -13.44
N THR A 85 20.24 16.21 -13.09
CA THR A 85 21.11 15.44 -13.98
C THR A 85 20.38 14.34 -14.75
N ALA A 86 20.36 14.46 -16.07
CA ALA A 86 19.62 13.54 -16.94
C ALA A 86 20.61 12.69 -17.73
N PHE A 87 21.08 11.61 -17.11
CA PHE A 87 21.76 10.58 -17.86
C PHE A 87 20.75 9.87 -18.76
N PRO A 88 21.20 9.20 -19.81
CA PRO A 88 20.27 8.40 -20.62
C PRO A 88 19.63 7.31 -19.77
N THR A 89 18.30 7.24 -19.80
CA THR A 89 17.59 6.23 -19.06
C THR A 89 17.65 4.91 -19.83
N CYS A 90 17.15 3.86 -19.18
CA CYS A 90 17.14 2.55 -19.79
C CYS A 90 15.72 2.11 -20.06
N ASP A 91 15.58 1.10 -20.90
CA ASP A 91 14.26 0.55 -21.19
C ASP A 91 13.78 -0.27 -20.00
N PRO A 92 12.71 0.13 -19.30
CA PRO A 92 12.25 -0.67 -18.16
C PRO A 92 11.86 -2.08 -18.55
N GLN A 93 11.36 -2.26 -19.77
CA GLN A 93 10.90 -3.56 -20.24
C GLN A 93 11.98 -4.33 -20.99
N ARG A 94 13.09 -3.71 -21.37
CA ARG A 94 14.04 -4.39 -22.25
C ARG A 94 15.51 -4.41 -21.84
N SER A 95 15.97 -3.41 -21.08
CA SER A 95 17.40 -3.16 -20.97
C SER A 95 18.15 -4.33 -20.31
N TYR A 96 19.48 -4.26 -20.37
CA TYR A 96 20.36 -5.20 -19.68
C TYR A 96 21.75 -4.56 -19.61
N VAL A 97 22.64 -5.21 -18.87
CA VAL A 97 24.02 -4.75 -18.72
C VAL A 97 24.90 -5.57 -19.65
N SER A 98 25.48 -4.91 -20.64
CA SER A 98 26.25 -5.60 -21.67
C SER A 98 27.59 -6.09 -21.12
N GLU A 99 27.99 -7.29 -21.57
CA GLU A 99 29.34 -7.78 -21.30
C GLU A 99 30.41 -6.81 -21.81
N SER A 100 30.08 -6.00 -22.82
CA SER A 100 31.07 -5.15 -23.49
C SER A 100 31.75 -4.17 -22.54
N LEU A 101 31.18 -3.92 -21.36
CA LEU A 101 31.87 -3.13 -20.35
C LEU A 101 33.29 -3.61 -20.12
N THR A 102 33.52 -4.92 -20.29
CA THR A 102 34.84 -5.50 -20.03
C THR A 102 35.92 -4.91 -20.93
N ARG A 103 35.54 -4.24 -22.02
CA ARG A 103 36.51 -3.72 -22.98
C ARG A 103 36.84 -2.25 -22.74
N LEU A 104 36.28 -1.62 -21.70
CA LEU A 104 36.68 -0.27 -21.32
C LEU A 104 37.82 -0.37 -20.32
N LYS A 105 39.04 -0.49 -20.86
CA LYS A 105 40.23 -0.72 -20.05
C LYS A 105 40.53 0.44 -19.10
N HIS A 106 39.89 1.60 -19.28
CA HIS A 106 40.15 2.76 -18.45
C HIS A 106 38.90 3.26 -17.73
N LEU A 107 37.81 2.50 -17.77
CA LEU A 107 36.58 2.88 -17.09
C LEU A 107 36.83 3.09 -15.60
N LYS A 108 36.68 4.34 -15.15
CA LYS A 108 36.93 4.71 -13.76
C LYS A 108 35.67 4.77 -12.92
N ALA A 109 34.51 5.02 -13.52
CA ALA A 109 33.29 5.07 -12.74
C ALA A 109 32.13 4.54 -13.56
N LEU A 110 31.23 3.82 -12.88
CA LEU A 110 30.09 3.18 -13.51
C LEU A 110 28.88 3.38 -12.61
N PHE A 111 27.80 3.90 -13.19
CA PHE A 111 26.68 4.44 -12.41
C PHE A 111 25.37 3.99 -13.04
N PHE A 112 24.53 3.32 -12.24
CA PHE A 112 23.19 2.92 -12.66
C PHE A 112 22.22 3.31 -11.56
N TYR A 113 21.18 4.08 -11.91
CA TYR A 113 20.22 4.60 -10.95
C TYR A 113 18.83 4.53 -11.56
N ARG A 114 17.96 3.73 -10.94
CA ARG A 114 16.58 3.55 -11.41
C ARG A 114 16.56 3.05 -12.86
N CYS A 115 17.58 2.28 -13.24
CA CYS A 115 17.64 1.59 -14.52
C CYS A 115 17.46 0.10 -14.31
N LEU A 116 16.38 -0.45 -14.86
CA LEU A 116 16.00 -1.84 -14.64
C LEU A 116 16.57 -2.71 -15.75
N GLY A 117 15.92 -3.85 -16.00
CA GLY A 117 16.26 -4.75 -17.07
C GLY A 117 15.00 -5.48 -17.50
N ARG A 118 15.12 -6.26 -18.58
CA ARG A 118 13.97 -7.07 -19.01
C ARG A 118 13.39 -7.85 -17.85
N ALA A 119 14.22 -8.65 -17.21
CA ALA A 119 13.89 -9.43 -16.04
C ALA A 119 14.89 -9.06 -14.95
N PRO A 120 14.43 -8.62 -13.77
CA PRO A 120 15.35 -8.39 -12.66
C PRO A 120 16.42 -9.47 -12.60
N GLN A 121 17.64 -9.08 -12.94
CA GLN A 121 18.72 -10.03 -13.17
C GLN A 121 19.63 -10.05 -11.94
N ARG A 122 20.77 -10.72 -12.09
CA ARG A 122 21.78 -10.70 -11.04
C ARG A 122 22.76 -9.57 -11.32
N ILE A 123 23.69 -9.37 -10.40
CA ILE A 123 24.81 -8.46 -10.65
C ILE A 123 25.79 -9.26 -11.49
N PRO A 124 26.14 -8.79 -12.68
CA PRO A 124 27.05 -9.56 -13.54
C PRO A 124 28.40 -9.83 -12.88
N ALA A 125 28.93 -11.02 -13.13
CA ALA A 125 30.25 -11.34 -12.59
C ALA A 125 31.37 -10.66 -13.37
N PHE A 126 31.14 -10.35 -14.65
CA PHE A 126 32.23 -9.81 -15.46
C PHE A 126 32.60 -8.39 -15.08
N LEU A 127 31.81 -7.74 -14.22
CA LEU A 127 32.23 -6.48 -13.62
C LEU A 127 33.56 -6.62 -12.90
N GLY A 128 33.95 -7.83 -12.53
CA GLY A 128 35.27 -8.03 -11.97
C GLY A 128 36.39 -7.71 -12.94
N ARG A 129 36.22 -8.10 -14.22
CA ARG A 129 37.32 -8.09 -15.20
C ARG A 129 37.91 -6.71 -15.44
N LEU A 130 37.32 -5.64 -14.92
CA LEU A 130 37.92 -4.31 -15.04
C LEU A 130 38.43 -3.81 -13.69
N GLY A 131 39.36 -4.57 -13.09
CA GLY A 131 39.72 -4.34 -11.70
C GLY A 131 40.55 -3.09 -11.48
N SER A 132 41.60 -2.90 -12.29
CA SER A 132 42.61 -1.91 -11.95
C SER A 132 42.09 -0.48 -12.09
N SER A 133 41.24 -0.23 -13.09
CA SER A 133 40.80 1.13 -13.37
C SER A 133 39.64 1.57 -12.48
N LEU A 134 38.62 0.72 -12.34
CA LEU A 134 37.38 1.10 -11.68
C LEU A 134 37.62 1.58 -10.26
N GLN A 135 37.15 2.79 -9.96
CA GLN A 135 37.26 3.36 -8.62
C GLN A 135 35.93 3.84 -8.07
N THR A 136 34.83 3.60 -8.78
CA THR A 136 33.50 3.99 -8.28
C THR A 136 32.45 3.13 -8.98
N LEU A 137 31.70 2.36 -8.20
CA LEU A 137 30.70 1.45 -8.74
C LEU A 137 29.38 1.68 -8.00
N VAL A 138 28.43 2.32 -8.68
CA VAL A 138 27.12 2.62 -8.12
C VAL A 138 26.08 1.82 -8.91
N LEU A 139 25.30 1.00 -8.20
CA LEU A 139 24.18 0.26 -8.76
C LEU A 139 22.98 0.45 -7.82
N ARG A 140 22.44 1.67 -7.83
CA ARG A 140 21.44 2.10 -6.88
C ARG A 140 20.04 1.92 -7.46
N GLU A 141 19.15 1.28 -6.70
CA GLU A 141 17.73 1.16 -7.03
C GLU A 141 17.53 0.59 -8.43
N ASN A 142 18.10 -0.59 -8.65
CA ASN A 142 18.00 -1.26 -9.95
C ASN A 142 17.13 -2.50 -9.93
N GLY A 143 16.58 -2.87 -8.77
CA GLY A 143 15.80 -4.09 -8.70
C GLY A 143 16.60 -5.36 -8.86
N PHE A 144 17.92 -5.28 -8.74
CA PHE A 144 18.78 -6.44 -8.96
C PHE A 144 18.42 -7.58 -8.00
N LEU A 145 18.40 -8.79 -8.54
CA LEU A 145 18.07 -9.98 -7.78
C LEU A 145 19.33 -10.77 -7.43
N GLY A 146 19.22 -11.57 -6.37
CA GLY A 146 20.21 -12.58 -6.05
C GLY A 146 21.39 -12.05 -5.28
N PRO A 147 22.38 -12.92 -5.04
CA PRO A 147 23.48 -12.58 -4.14
C PRO A 147 24.49 -11.63 -4.80
N ILE A 148 25.51 -11.28 -4.04
CA ILE A 148 26.60 -10.42 -4.51
C ILE A 148 27.67 -11.31 -5.12
N PRO A 149 27.96 -11.19 -6.42
CA PRO A 149 29.13 -11.88 -6.99
C PRO A 149 30.38 -11.70 -6.14
N ASP A 150 31.13 -12.79 -6.00
CA ASP A 150 32.36 -12.76 -5.21
C ASP A 150 33.44 -11.96 -5.91
N GLU A 151 33.55 -12.08 -7.23
CA GLU A 151 34.57 -11.40 -8.00
C GLU A 151 34.43 -9.88 -8.02
N LEU A 152 33.34 -9.32 -7.46
CA LEU A 152 33.33 -7.90 -7.15
C LEU A 152 34.48 -7.51 -6.24
N GLY A 153 35.06 -8.49 -5.52
CA GLY A 153 36.24 -8.22 -4.72
C GLY A 153 37.48 -7.97 -5.54
N ASN A 154 37.56 -8.54 -6.75
CA ASN A 154 38.74 -8.35 -7.57
C ASN A 154 38.95 -6.90 -7.96
N LEU A 155 37.93 -6.05 -7.78
CA LEU A 155 38.07 -4.61 -7.90
C LEU A 155 38.84 -4.06 -6.70
N THR A 156 40.13 -4.43 -6.59
CA THR A 156 40.93 -4.00 -5.45
C THR A 156 40.97 -2.49 -5.31
N ASN A 157 40.96 -1.77 -6.43
CA ASN A 157 41.24 -0.34 -6.45
C ASN A 157 39.98 0.49 -6.24
N LEU A 158 38.88 -0.15 -5.84
CA LEU A 158 37.61 0.55 -5.66
C LEU A 158 37.71 1.52 -4.49
N LYS A 159 37.14 2.72 -4.68
CA LYS A 159 37.06 3.72 -3.62
C LYS A 159 35.65 3.93 -3.10
N VAL A 160 34.63 3.68 -3.91
CA VAL A 160 33.24 3.98 -3.55
C VAL A 160 32.37 2.86 -4.13
N LEU A 161 31.70 2.11 -3.24
CA LEU A 161 30.84 1.01 -3.63
C LEU A 161 29.44 1.26 -3.10
N ASP A 162 28.47 1.26 -4.00
CA ASP A 162 27.08 1.53 -3.66
C ASP A 162 26.20 0.48 -4.34
N LEU A 163 25.42 -0.25 -3.54
CA LEU A 163 24.42 -1.20 -4.02
C LEU A 163 23.10 -0.97 -3.30
N HIS A 164 22.85 0.28 -2.91
CA HIS A 164 21.69 0.65 -2.11
C HIS A 164 20.38 0.30 -2.80
N LYS A 165 19.44 -0.24 -2.02
CA LYS A 165 18.06 -0.48 -2.44
C LYS A 165 17.95 -1.45 -3.62
N ASN A 166 18.69 -2.55 -3.56
CA ASN A 166 18.47 -3.63 -4.50
C ASN A 166 17.66 -4.73 -3.79
N HIS A 167 17.69 -5.95 -4.34
CA HIS A 167 17.00 -7.08 -3.72
C HIS A 167 17.97 -8.21 -3.38
N LEU A 168 19.24 -7.88 -3.17
CA LEU A 168 20.27 -8.89 -2.95
C LEU A 168 20.01 -9.64 -1.65
N ASN A 169 20.54 -10.86 -1.59
CA ASN A 169 20.46 -11.71 -0.41
C ASN A 169 21.79 -12.46 -0.30
N GLY A 170 21.79 -13.50 0.52
CA GLY A 170 23.02 -14.22 0.78
C GLY A 170 24.03 -13.38 1.56
N SER A 171 25.23 -13.93 1.65
CA SER A 171 26.28 -13.35 2.48
C SER A 171 26.81 -12.07 1.84
N ILE A 172 27.61 -11.34 2.62
CA ILE A 172 28.48 -10.31 2.10
C ILE A 172 29.83 -10.95 1.82
N PRO A 173 30.32 -10.92 0.58
CA PRO A 173 31.56 -11.64 0.27
C PRO A 173 32.70 -11.21 1.18
N LEU A 174 33.51 -12.19 1.57
CA LEU A 174 34.74 -11.87 2.29
C LEU A 174 35.70 -11.11 1.39
N SER A 175 35.62 -11.33 0.08
CA SER A 175 36.49 -10.63 -0.88
C SER A 175 36.46 -9.12 -0.68
N PHE A 176 35.48 -8.62 0.09
CA PHE A 176 35.37 -7.19 0.34
C PHE A 176 36.50 -6.64 1.21
N ASN A 177 37.16 -7.47 2.04
CA ASN A 177 38.35 -6.94 2.70
C ASN A 177 39.54 -6.82 1.76
N ARG A 178 39.37 -7.08 0.46
CA ARG A 178 40.40 -6.82 -0.52
C ARG A 178 40.39 -5.37 -1.01
N PHE A 179 39.48 -4.54 -0.48
CA PHE A 179 39.40 -3.12 -0.83
C PHE A 179 40.27 -2.31 0.14
N SER A 180 41.58 -2.40 -0.05
CA SER A 180 42.50 -1.70 0.84
C SER A 180 42.27 -0.19 0.85
N GLY A 181 41.67 0.36 -0.20
CA GLY A 181 41.48 1.79 -0.34
C GLY A 181 40.04 2.29 -0.34
N LEU A 182 39.08 1.44 0.02
CA LEU A 182 37.68 1.84 -0.03
C LEU A 182 37.42 3.04 0.87
N ARG A 183 36.51 3.91 0.43
CA ARG A 183 36.13 5.12 1.17
C ARG A 183 34.68 5.08 1.64
N SER A 184 33.75 4.80 0.74
CA SER A 184 32.32 4.78 1.06
C SER A 184 31.75 3.44 0.67
N LEU A 185 30.99 2.81 1.57
CA LEU A 185 30.36 1.53 1.29
C LEU A 185 28.92 1.58 1.75
N ASP A 186 27.98 1.54 0.80
CA ASP A 186 26.56 1.70 1.10
C ASP A 186 25.82 0.50 0.52
N LEU A 187 25.28 -0.34 1.41
CA LEU A 187 24.58 -1.56 1.04
C LEU A 187 23.13 -1.57 1.51
N SER A 188 22.59 -0.40 1.81
CA SER A 188 21.26 -0.26 2.41
C SER A 188 20.17 -0.88 1.54
N GLY A 189 19.06 -1.25 2.19
CA GLY A 189 17.85 -1.60 1.49
C GLY A 189 17.84 -2.97 0.88
N ASN A 190 18.58 -3.91 1.44
CA ASN A 190 18.71 -5.24 0.85
C ASN A 190 18.15 -6.30 1.79
N ARG A 191 18.19 -7.55 1.33
CA ARG A 191 17.87 -8.70 2.15
C ARG A 191 19.12 -9.42 2.63
N LEU A 192 20.24 -8.71 2.70
CA LEU A 192 21.53 -9.31 3.01
C LEU A 192 21.48 -10.09 4.31
N THR A 193 21.97 -11.32 4.27
CA THR A 193 21.96 -12.23 5.40
C THR A 193 23.40 -12.50 5.86
N GLY A 194 23.54 -13.28 6.92
CA GLY A 194 24.86 -13.55 7.47
C GLY A 194 25.28 -12.50 8.48
N SER A 195 26.59 -12.29 8.61
CA SER A 195 27.14 -11.42 9.64
C SER A 195 27.90 -10.26 9.01
N ILE A 196 28.21 -9.28 9.84
CA ILE A 196 28.90 -8.07 9.40
C ILE A 196 30.35 -8.40 9.08
N PRO A 197 30.95 -7.84 8.03
CA PRO A 197 32.30 -8.23 7.64
C PRO A 197 33.34 -7.95 8.73
N GLY A 198 34.40 -8.75 8.71
CA GLY A 198 35.53 -8.58 9.60
C GLY A 198 36.52 -7.55 9.08
N PHE A 199 36.02 -6.62 8.28
CA PHE A 199 36.77 -5.49 7.73
C PHE A 199 37.84 -4.92 8.64
N VAL A 200 39.06 -4.75 8.10
CA VAL A 200 40.00 -3.78 8.64
C VAL A 200 40.39 -2.89 7.46
N LEU A 201 39.55 -1.90 7.17
CA LEU A 201 39.67 -1.08 5.97
C LEU A 201 40.10 0.31 6.40
N PRO A 202 41.40 0.64 6.33
CA PRO A 202 41.88 1.87 6.99
C PRO A 202 41.21 3.14 6.52
N ALA A 203 40.93 3.26 5.23
CA ALA A 203 40.43 4.51 4.65
C ALA A 203 38.92 4.67 4.73
N LEU A 204 38.19 3.66 5.18
CA LEU A 204 36.73 3.67 5.06
C LEU A 204 36.13 4.79 5.92
N SER A 205 35.28 5.59 5.30
CA SER A 205 34.67 6.76 5.95
C SER A 205 33.24 6.47 6.39
N VAL A 206 32.35 6.20 5.45
CA VAL A 206 30.95 5.91 5.73
C VAL A 206 30.67 4.45 5.44
N LEU A 207 30.14 3.75 6.44
CA LEU A 207 29.74 2.35 6.33
C LEU A 207 28.25 2.26 6.65
N ASP A 208 27.44 2.00 5.63
CA ASP A 208 25.99 1.95 5.75
C ASP A 208 25.52 0.56 5.33
N LEU A 209 25.10 -0.24 6.31
CA LEU A 209 24.56 -1.57 6.08
C LEU A 209 23.12 -1.68 6.55
N ASN A 210 22.46 -0.54 6.76
CA ASN A 210 21.16 -0.52 7.41
C ASN A 210 20.09 -1.17 6.55
N GLN A 211 18.97 -1.51 7.21
CA GLN A 211 17.83 -2.17 6.60
C GLN A 211 18.28 -3.44 5.87
N ASN A 212 18.91 -4.32 6.65
CA ASN A 212 19.37 -5.62 6.18
C ASN A 212 19.02 -6.65 7.24
N LEU A 213 19.26 -7.91 6.93
CA LEU A 213 19.02 -9.00 7.87
C LEU A 213 20.31 -9.48 8.54
N LEU A 214 21.41 -8.75 8.37
CA LEU A 214 22.70 -9.13 8.97
C LEU A 214 22.56 -9.34 10.47
N THR A 215 23.14 -10.43 10.95
CA THR A 215 23.02 -10.83 12.35
C THR A 215 24.39 -10.84 13.03
N GLY A 216 24.56 -11.75 13.98
CA GLY A 216 25.79 -11.85 14.73
C GLY A 216 26.00 -10.65 15.63
N PRO A 217 27.24 -10.40 16.03
CA PRO A 217 27.54 -9.20 16.83
C PRO A 217 28.25 -8.14 16.01
N VAL A 218 28.54 -7.00 16.64
CA VAL A 218 29.41 -5.99 16.05
C VAL A 218 30.83 -6.51 16.11
N PRO A 219 31.46 -6.81 14.97
CA PRO A 219 32.79 -7.43 15.00
C PRO A 219 33.82 -6.48 15.58
N PRO A 220 34.92 -7.01 16.13
CA PRO A 220 35.92 -6.14 16.76
C PRO A 220 36.68 -5.30 15.74
N THR A 221 37.13 -5.98 14.68
CA THR A 221 37.82 -5.40 13.53
C THR A 221 37.31 -4.01 13.15
N LEU A 222 35.99 -3.81 13.30
CA LEU A 222 35.37 -2.53 12.94
C LEU A 222 36.12 -1.35 13.56
N THR A 223 36.33 -1.38 14.87
CA THR A 223 36.96 -0.23 15.53
C THR A 223 38.41 -0.03 15.11
N SER A 224 39.00 -0.96 14.37
CA SER A 224 40.31 -0.74 13.78
C SER A 224 40.26 0.19 12.58
N CYS A 225 39.08 0.44 12.03
CA CYS A 225 38.90 1.39 10.91
C CYS A 225 38.65 2.77 11.49
N GLY A 226 39.74 3.41 11.94
CA GLY A 226 39.65 4.69 12.61
C GLY A 226 39.00 5.78 11.77
N SER A 227 39.18 5.74 10.45
CA SER A 227 38.69 6.80 9.57
C SER A 227 37.18 6.93 9.55
N LEU A 228 36.45 5.99 10.14
CA LEU A 228 35.00 5.95 10.02
C LEU A 228 34.36 7.18 10.65
N ILE A 229 33.30 7.69 10.00
CA ILE A 229 32.58 8.85 10.52
C ILE A 229 31.08 8.56 10.58
N LYS A 230 30.58 7.72 9.69
CA LYS A 230 29.19 7.28 9.72
C LYS A 230 29.14 5.76 9.82
N ILE A 231 28.47 5.26 10.85
CA ILE A 231 28.21 3.83 10.97
C ILE A 231 26.71 3.65 11.16
N ASP A 232 26.02 3.14 10.14
CA ASP A 232 24.56 3.00 10.21
C ASP A 232 24.18 1.55 9.98
N LEU A 233 23.80 0.85 11.05
CA LEU A 233 23.41 -0.55 11.02
C LEU A 233 21.95 -0.73 11.41
N SER A 234 21.11 0.26 11.13
CA SER A 234 19.74 0.25 11.65
C SER A 234 18.89 -0.79 10.95
N ARG A 235 17.87 -1.26 11.68
CA ARG A 235 16.84 -2.15 11.15
C ARG A 235 17.44 -3.46 10.65
N ASN A 236 18.31 -4.04 11.46
CA ASN A 236 18.96 -5.31 11.18
C ASN A 236 18.61 -6.30 12.30
N ARG A 237 19.46 -7.30 12.52
CA ARG A 237 19.31 -8.18 13.67
C ARG A 237 20.67 -8.45 14.31
N VAL A 238 21.54 -7.44 14.36
CA VAL A 238 22.84 -7.62 14.99
C VAL A 238 22.64 -7.73 16.50
N THR A 239 23.45 -8.58 17.14
CA THR A 239 23.24 -8.95 18.53
C THR A 239 24.48 -8.57 19.34
N GLY A 240 24.54 -9.09 20.57
CA GLY A 240 25.67 -8.88 21.44
C GLY A 240 25.79 -7.45 21.94
N PRO A 241 26.63 -7.24 22.94
CA PRO A 241 26.85 -5.87 23.45
C PRO A 241 27.56 -4.97 22.44
N ILE A 242 27.86 -3.75 22.86
CA ILE A 242 28.54 -2.77 22.00
C ILE A 242 30.01 -2.77 22.38
N PRO A 243 30.93 -2.68 21.41
CA PRO A 243 32.36 -2.86 21.72
C PRO A 243 32.86 -1.85 22.73
N GLU A 244 33.72 -2.34 23.64
CA GLU A 244 34.39 -1.47 24.60
C GLU A 244 35.28 -0.46 23.89
N SER A 245 36.01 -0.89 22.86
CA SER A 245 37.01 -0.07 22.20
C SER A 245 36.43 0.87 21.15
N ILE A 246 35.15 1.23 21.25
CA ILE A 246 34.56 2.15 20.28
C ILE A 246 35.08 3.57 20.44
N ASN A 247 35.85 3.83 21.50
CA ASN A 247 36.61 5.09 21.60
C ASN A 247 37.56 5.23 20.42
N ARG A 248 38.21 4.13 20.04
CA ARG A 248 39.20 4.13 18.96
C ARG A 248 38.66 4.82 17.70
N LEU A 249 37.36 4.72 17.45
CA LEU A 249 36.72 5.45 16.38
C LEU A 249 36.65 6.94 16.72
N ASN A 250 37.81 7.60 16.80
CA ASN A 250 37.87 8.97 17.30
C ASN A 250 37.52 10.02 16.25
N GLN A 251 37.21 9.61 15.02
CA GLN A 251 36.69 10.52 14.01
C GLN A 251 35.16 10.43 13.86
N LEU A 252 34.56 9.37 14.39
CA LEU A 252 33.14 9.07 14.27
C LEU A 252 32.26 10.30 14.47
N VAL A 253 31.43 10.58 13.48
CA VAL A 253 30.42 11.64 13.59
C VAL A 253 29.10 11.04 14.06
N LEU A 254 28.56 10.08 13.31
CA LEU A 254 27.24 9.54 13.56
C LEU A 254 27.28 8.02 13.73
N LEU A 255 26.54 7.54 14.73
CA LEU A 255 26.41 6.12 15.04
C LEU A 255 24.93 5.81 15.24
N ASP A 256 24.38 5.02 14.31
CA ASP A 256 22.95 4.76 14.24
C ASP A 256 22.77 3.24 14.24
N LEU A 257 22.31 2.71 15.37
CA LEU A 257 22.13 1.28 15.57
C LEU A 257 20.68 0.93 15.93
N SER A 258 19.73 1.76 15.50
CA SER A 258 18.34 1.59 15.89
C SER A 258 17.76 0.28 15.33
N TYR A 259 16.74 -0.23 16.01
CA TYR A 259 16.00 -1.42 15.62
C TYR A 259 16.95 -2.60 15.34
N ASN A 260 17.68 -2.98 16.39
CA ASN A 260 18.60 -4.11 16.35
C ASN A 260 18.37 -4.96 17.60
N ARG A 261 19.18 -6.00 17.76
CA ARG A 261 19.05 -6.94 18.86
C ARG A 261 20.15 -6.74 19.90
N LEU A 262 20.70 -5.54 19.99
CA LEU A 262 21.82 -5.28 20.87
C LEU A 262 21.43 -5.52 22.33
N SER A 263 22.43 -5.71 23.18
CA SER A 263 22.21 -6.07 24.57
C SER A 263 23.42 -5.62 25.39
N GLY A 264 23.58 -6.20 26.57
CA GLY A 264 24.78 -6.08 27.35
C GLY A 264 24.85 -4.81 28.17
N PRO A 265 26.04 -4.49 28.68
CA PRO A 265 26.23 -3.28 29.48
C PRO A 265 26.74 -2.10 28.66
N PHE A 266 26.41 -0.88 29.07
CA PHE A 266 26.92 0.28 28.36
C PHE A 266 28.45 0.32 28.46
N PRO A 267 29.15 0.74 27.40
CA PRO A 267 30.62 0.75 27.46
C PRO A 267 31.12 1.64 28.58
N SER A 268 32.30 1.29 29.11
CA SER A 268 32.90 2.03 30.21
C SER A 268 33.02 3.52 29.88
N SER A 269 33.54 3.85 28.69
CA SER A 269 33.74 5.23 28.31
C SER A 269 33.59 5.38 26.80
N LEU A 270 33.06 6.54 26.40
CA LEU A 270 33.04 6.99 25.01
C LEU A 270 33.76 8.32 24.85
N GLN A 271 34.68 8.60 25.78
CA GLN A 271 35.32 9.91 25.84
C GLN A 271 36.15 10.18 24.59
N GLY A 272 36.85 9.17 24.08
CA GLY A 272 37.63 9.33 22.86
C GLY A 272 36.80 9.71 21.66
N LEU A 273 35.49 9.50 21.73
CA LEU A 273 34.57 9.77 20.61
C LEU A 273 34.22 11.26 20.54
N ASN A 274 35.25 12.08 20.38
CA ASN A 274 35.01 13.47 20.04
C ASN A 274 34.66 13.57 18.56
N SER A 275 33.90 14.61 18.22
CA SER A 275 33.29 14.87 16.93
C SER A 275 32.03 14.00 16.75
N LEU A 276 31.77 13.05 17.65
CA LEU A 276 30.52 12.31 17.60
C LEU A 276 29.36 13.26 17.85
N GLN A 277 28.45 13.34 16.87
CA GLN A 277 27.37 14.30 16.90
C GLN A 277 26.02 13.67 17.16
N ALA A 278 25.83 12.40 16.84
CA ALA A 278 24.50 11.80 16.86
C ALA A 278 24.64 10.30 17.11
N LEU A 279 23.93 9.81 18.13
CA LEU A 279 23.96 8.41 18.51
C LEU A 279 22.54 7.97 18.83
N MET A 280 22.06 6.93 18.15
CA MET A 280 20.69 6.48 18.36
C MET A 280 20.66 4.97 18.51
N LEU A 281 20.23 4.52 19.68
CA LEU A 281 20.04 3.10 19.96
C LEU A 281 18.56 2.74 20.11
N LYS A 282 17.68 3.43 19.39
CA LYS A 282 16.24 3.24 19.58
C LYS A 282 15.80 1.87 19.12
N GLY A 283 14.88 1.26 19.86
CA GLY A 283 14.25 0.02 19.44
C GLY A 283 14.95 -1.24 19.86
N ASN A 284 16.01 -1.15 20.65
CA ASN A 284 16.72 -2.34 21.14
C ASN A 284 16.04 -2.77 22.44
N THR A 285 14.92 -3.49 22.28
CA THR A 285 14.02 -3.78 23.39
C THR A 285 14.64 -4.67 24.47
N LYS A 286 15.65 -5.46 24.14
CA LYS A 286 16.28 -6.35 25.12
C LYS A 286 17.54 -5.75 25.72
N PHE A 287 17.75 -4.44 25.53
CA PHE A 287 18.94 -3.79 26.06
C PHE A 287 19.02 -3.93 27.57
N SER A 288 18.00 -3.45 28.27
CA SER A 288 17.82 -3.62 29.71
C SER A 288 19.12 -3.40 30.49
N THR A 289 19.63 -2.18 30.42
CA THR A 289 20.81 -1.78 31.18
C THR A 289 20.61 -0.34 31.63
N THR A 290 21.29 0.03 32.72
CA THR A 290 21.27 1.41 33.19
C THR A 290 22.29 2.24 32.43
N ILE A 291 22.25 3.55 32.64
CA ILE A 291 23.19 4.47 32.01
C ILE A 291 24.17 4.93 33.08
N PRO A 292 25.46 4.60 32.98
CA PRO A 292 26.40 4.99 34.02
C PRO A 292 26.70 6.48 33.99
N GLU A 293 26.93 7.05 35.18
CA GLU A 293 27.16 8.48 35.31
C GLU A 293 28.28 8.97 34.39
N ASN A 294 29.39 8.24 34.34
CA ASN A 294 30.54 8.67 33.57
C ASN A 294 30.46 8.30 32.10
N ALA A 295 29.35 7.73 31.64
CA ALA A 295 29.25 7.34 30.24
C ALA A 295 29.34 8.55 29.32
N PHE A 296 28.61 9.61 29.63
CA PHE A 296 28.50 10.77 28.75
C PHE A 296 29.06 11.99 29.47
N LYS A 297 30.38 12.01 29.68
CA LYS A 297 30.99 13.14 30.37
C LYS A 297 31.62 14.12 29.38
N GLY A 298 32.67 13.70 28.68
CA GLY A 298 33.37 14.59 27.76
C GLY A 298 32.86 14.55 26.34
N LEU A 299 31.61 14.99 26.11
CA LEU A 299 30.99 14.96 24.80
C LEU A 299 30.46 16.36 24.50
N LYS A 300 31.38 17.26 24.15
CA LYS A 300 31.01 18.62 23.81
C LYS A 300 30.17 18.65 22.55
N ASN A 301 30.64 17.98 21.50
CA ASN A 301 30.03 18.03 20.18
C ASN A 301 28.75 17.19 20.06
N LEU A 302 28.42 16.38 21.06
CA LEU A 302 27.23 15.53 20.97
C LEU A 302 25.99 16.39 20.79
N MET A 303 25.17 16.05 19.80
CA MET A 303 23.94 16.77 19.51
C MET A 303 22.69 15.93 19.78
N ILE A 304 22.59 14.77 19.16
CA ILE A 304 21.38 13.96 19.18
C ILE A 304 21.65 12.66 19.92
N LEU A 305 20.82 12.35 20.92
CA LEU A 305 20.93 11.14 21.71
C LEU A 305 19.56 10.48 21.79
N VAL A 306 19.34 9.41 21.02
CA VAL A 306 18.07 8.69 21.07
C VAL A 306 18.32 7.33 21.71
N LEU A 307 17.73 7.13 22.89
CA LEU A 307 17.82 5.86 23.61
C LEU A 307 16.43 5.30 23.94
N SER A 308 15.42 5.68 23.17
CA SER A 308 14.04 5.36 23.50
C SER A 308 13.69 3.93 23.13
N ASN A 309 12.78 3.35 23.92
CA ASN A 309 12.30 1.98 23.71
C ASN A 309 13.44 0.97 23.74
N THR A 310 14.22 1.01 24.83
CA THR A 310 15.32 0.08 25.02
C THR A 310 15.31 -0.57 26.39
N ASN A 311 14.18 -0.53 27.09
CA ASN A 311 14.04 -1.15 28.40
C ASN A 311 15.16 -0.71 29.36
N ILE A 312 15.68 0.50 29.15
CA ILE A 312 16.70 1.04 30.04
C ILE A 312 16.15 1.15 31.45
N GLN A 313 16.94 0.72 32.42
CA GLN A 313 16.61 0.80 33.83
C GLN A 313 17.44 1.91 34.49
N GLY A 314 17.07 2.25 35.72
CA GLY A 314 17.86 3.18 36.49
C GLY A 314 17.25 4.58 36.53
N SER A 315 18.05 5.50 37.04
CA SER A 315 17.67 6.89 37.20
C SER A 315 18.38 7.77 36.18
N ILE A 316 17.69 8.82 35.75
CA ILE A 316 18.18 9.78 34.77
C ILE A 316 19.53 10.32 35.21
N PRO A 317 20.64 9.92 34.57
CA PRO A 317 21.95 10.42 35.00
C PRO A 317 22.07 11.92 34.73
N LYS A 318 22.75 12.61 35.64
CA LYS A 318 22.83 14.06 35.59
C LYS A 318 24.02 14.59 34.80
N SER A 319 24.91 13.71 34.32
CA SER A 319 25.95 14.17 33.42
C SER A 319 25.43 14.32 31.99
N LEU A 320 24.16 14.02 31.75
CA LEU A 320 23.49 14.41 30.52
C LEU A 320 23.15 15.90 30.52
N THR A 321 23.19 16.53 31.69
CA THR A 321 22.91 17.96 31.80
C THR A 321 24.12 18.79 31.34
N ARG A 322 25.33 18.29 31.55
CA ARG A 322 26.55 19.00 31.18
C ARG A 322 26.98 18.74 29.75
N LEU A 323 26.09 18.24 28.90
CA LEU A 323 26.38 18.05 27.48
C LEU A 323 26.06 19.38 26.78
N ASN A 324 27.12 20.13 26.45
CA ASN A 324 26.95 21.49 25.96
C ASN A 324 26.10 21.55 24.69
N SER A 325 26.49 20.79 23.66
CA SER A 325 25.81 20.91 22.37
C SER A 325 24.55 20.06 22.28
N LEU A 326 24.13 19.40 23.35
CA LEU A 326 22.97 18.53 23.29
C LEU A 326 21.73 19.33 22.94
N ARG A 327 21.09 18.97 21.82
CA ARG A 327 19.83 19.54 21.42
C ARG A 327 18.65 18.61 21.62
N VAL A 328 18.83 17.32 21.34
CA VAL A 328 17.74 16.35 21.33
C VAL A 328 18.12 15.16 22.21
N LEU A 329 17.24 14.85 23.18
CA LEU A 329 17.45 13.75 24.13
C LEU A 329 16.15 12.96 24.22
N HIS A 330 16.13 11.78 23.62
CA HIS A 330 14.98 10.89 23.66
C HIS A 330 15.23 9.74 24.61
N LEU A 331 14.39 9.62 25.64
CA LEU A 331 14.46 8.52 26.60
C LEU A 331 13.09 7.90 26.82
N GLU A 332 12.17 8.05 25.87
CA GLU A 332 10.80 7.63 26.08
C GLU A 332 10.67 6.11 25.96
N GLY A 333 9.52 5.61 26.41
CA GLY A 333 9.22 4.19 26.39
C GLY A 333 10.28 3.32 27.04
N ASN A 334 10.71 3.69 28.24
CA ASN A 334 11.67 2.89 29.00
C ASN A 334 11.13 2.59 30.39
N ASN A 335 11.96 2.02 31.24
CA ASN A 335 11.62 1.76 32.63
C ASN A 335 12.55 2.54 33.55
N LEU A 336 12.78 3.81 33.20
CA LEU A 336 13.53 4.71 34.07
C LEU A 336 12.71 5.03 35.31
N THR A 337 13.41 5.30 36.41
CA THR A 337 12.76 5.45 37.70
C THR A 337 13.48 6.51 38.53
N GLY A 338 12.77 7.05 39.49
CA GLY A 338 13.30 8.07 40.38
C GLY A 338 12.76 9.44 40.09
N GLU A 339 13.48 10.45 40.58
CA GLU A 339 13.15 11.83 40.28
C GLU A 339 13.76 12.24 38.94
N ILE A 340 13.25 13.34 38.40
CA ILE A 340 13.99 14.08 37.38
C ILE A 340 15.04 14.94 38.08
N PRO A 341 16.31 14.86 37.67
CA PRO A 341 17.35 15.56 38.43
C PRO A 341 17.18 17.07 38.36
N LEU A 342 17.40 17.73 39.51
CA LEU A 342 17.20 19.17 39.62
C LEU A 342 17.98 19.94 38.57
N GLU A 343 19.11 19.38 38.13
CA GLU A 343 20.00 20.07 37.19
C GLU A 343 19.42 20.18 35.79
N PHE A 344 18.23 19.62 35.54
CA PHE A 344 17.53 19.91 34.30
C PHE A 344 17.02 21.35 34.28
N ARG A 345 16.86 21.97 35.44
CA ARG A 345 16.72 23.43 35.51
C ARG A 345 17.88 24.13 34.82
N ASP A 346 19.07 23.54 34.90
CA ASP A 346 20.28 24.12 34.32
C ASP A 346 20.42 23.82 32.83
N VAL A 347 19.32 23.58 32.13
CA VAL A 347 19.37 23.22 30.72
C VAL A 347 18.31 23.96 29.93
N LYS A 348 18.72 25.00 29.21
CA LYS A 348 17.83 25.73 28.32
C LYS A 348 18.17 25.51 26.85
N HIS A 349 19.17 24.67 26.53
CA HIS A 349 19.57 24.51 25.14
C HIS A 349 18.77 23.45 24.39
N LEU A 350 18.18 22.49 25.09
CA LEU A 350 17.49 21.39 24.43
C LEU A 350 16.29 21.89 23.65
N SER A 351 16.05 21.27 22.49
CA SER A 351 14.86 21.52 21.69
C SER A 351 13.88 20.36 21.66
N GLU A 352 14.33 19.15 22.01
CA GLU A 352 13.45 17.99 22.15
C GLU A 352 13.92 17.17 23.33
N LEU A 353 13.03 16.96 24.30
CA LEU A 353 13.35 16.17 25.50
C LEU A 353 12.19 15.24 25.78
N ARG A 354 12.38 13.95 25.53
CA ARG A 354 11.33 12.95 25.70
C ARG A 354 11.64 12.08 26.91
N LEU A 355 10.93 12.32 28.01
CA LEU A 355 10.95 11.44 29.18
C LEU A 355 9.60 10.76 29.41
N ASN A 356 8.76 10.69 28.37
CA ASN A 356 7.43 10.13 28.51
C ASN A 356 7.45 8.61 28.53
N ASP A 357 6.42 8.02 29.15
CA ASP A 357 6.25 6.57 29.22
C ASP A 357 7.37 5.91 30.03
N ASN A 358 7.66 6.49 31.19
CA ASN A 358 8.54 5.85 32.15
C ASN A 358 7.84 5.73 33.49
N SER A 359 8.59 5.52 34.56
CA SER A 359 8.04 5.54 35.92
C SER A 359 8.91 6.45 36.80
N LEU A 360 8.93 7.74 36.44
CA LEU A 360 9.62 8.74 37.24
C LEU A 360 8.71 9.20 38.36
N THR A 361 9.30 9.45 39.54
CA THR A 361 8.49 9.70 40.73
C THR A 361 8.33 11.18 41.01
N GLY A 362 9.42 11.87 41.34
CA GLY A 362 9.37 13.24 41.80
C GLY A 362 8.73 14.20 40.80
N PRO A 363 8.05 15.21 41.32
CA PRO A 363 7.50 16.26 40.45
C PRO A 363 8.61 17.07 39.80
N VAL A 364 8.31 17.60 38.62
CA VAL A 364 9.32 18.04 37.66
C VAL A 364 9.92 19.39 38.03
N PRO A 365 11.19 19.65 37.66
CA PRO A 365 11.84 20.90 38.06
C PRO A 365 12.17 21.83 36.91
N PHE A 366 11.31 21.86 35.91
CA PHE A 366 11.55 22.67 34.74
C PHE A 366 11.09 24.07 34.90
N GLU A 367 11.89 25.01 34.44
CA GLU A 367 11.54 26.40 34.56
C GLU A 367 10.56 26.86 33.52
N ARG A 368 10.05 28.06 33.64
CA ARG A 368 9.05 28.48 32.70
C ARG A 368 9.60 28.89 31.37
N ASP A 369 10.87 29.21 31.30
CA ASP A 369 11.44 29.58 30.03
C ASP A 369 11.33 28.35 29.19
N THR A 370 11.91 27.30 29.72
CA THR A 370 11.93 26.04 29.07
C THR A 370 10.54 25.57 28.72
N VAL A 371 9.61 25.51 29.65
CA VAL A 371 8.29 24.99 29.27
C VAL A 371 7.55 25.74 28.20
N TRP A 372 7.61 27.04 28.20
CA TRP A 372 7.00 27.88 27.18
C TRP A 372 7.63 27.63 25.81
N ARG A 373 8.96 27.57 25.76
CA ARG A 373 9.63 27.39 24.48
C ARG A 373 9.41 25.98 23.93
N MET A 374 9.60 24.96 24.76
CA MET A 374 9.53 23.58 24.31
C MET A 374 8.10 23.21 23.92
N ARG A 375 7.13 23.51 24.79
CA ARG A 375 5.73 23.11 24.61
C ARG A 375 5.69 21.59 24.42
N ARG A 376 5.03 21.08 23.38
CA ARG A 376 4.86 19.65 23.19
C ARG A 376 6.17 18.92 22.94
N LYS A 377 7.21 19.64 22.50
CA LYS A 377 8.50 19.00 22.26
C LYS A 377 9.17 18.55 23.55
N LEU A 378 8.59 18.89 24.70
CA LEU A 378 8.94 18.27 25.98
C LEU A 378 7.81 17.29 26.34
N ARG A 379 8.13 16.01 26.35
CA ARG A 379 7.16 14.95 26.65
C ARG A 379 7.43 14.40 28.05
N LEU A 380 6.42 14.47 28.91
CA LEU A 380 6.50 13.90 30.24
C LEU A 380 5.33 13.00 30.61
N TYR A 381 4.38 12.79 29.70
CA TYR A 381 3.18 12.02 30.05
C TYR A 381 3.54 10.56 30.30
N ASN A 382 2.57 9.84 30.87
CA ASN A 382 2.72 8.42 31.21
C ASN A 382 3.89 8.18 32.15
N ASN A 383 4.08 9.09 33.10
CA ASN A 383 4.87 8.86 34.30
C ASN A 383 3.93 8.88 35.48
N ALA A 384 3.92 7.79 36.26
CA ALA A 384 2.90 7.61 37.30
C ALA A 384 3.08 8.60 38.44
N GLY A 385 4.32 8.84 38.86
CA GLY A 385 4.55 9.54 40.12
C GLY A 385 4.45 11.05 40.08
N LEU A 386 4.61 11.66 38.90
CA LEU A 386 4.77 13.11 38.81
C LEU A 386 3.58 13.88 39.36
N THR B 1 43.75 22.45 -16.40
CA THR B 1 43.40 22.05 -17.76
C THR B 1 42.21 22.88 -18.26
N GLY B 2 41.27 23.19 -17.36
CA GLY B 2 40.24 24.17 -17.66
C GLY B 2 38.84 23.62 -17.81
N SER B 3 38.11 24.17 -18.79
CA SER B 3 36.73 23.79 -19.04
C SER B 3 36.36 24.30 -20.42
N SER B 4 35.32 23.71 -21.00
CA SER B 4 34.90 24.04 -22.35
C SER B 4 33.38 24.23 -22.40
N LEU B 5 32.94 24.94 -23.44
CA LEU B 5 31.52 25.14 -23.66
C LEU B 5 30.82 23.79 -23.85
N PRO B 6 29.53 23.71 -23.51
CA PRO B 6 28.84 22.40 -23.53
C PRO B 6 28.97 21.63 -24.83
N ASP B 7 29.02 22.30 -25.98
CA ASP B 7 28.95 21.64 -27.28
C ASP B 7 27.79 20.63 -27.29
N CYS B 8 26.58 21.18 -27.23
CA CYS B 8 25.44 20.33 -27.00
C CYS B 8 24.86 19.82 -28.31
N SER B 9 25.73 19.29 -29.18
CA SER B 9 25.27 18.82 -30.49
C SER B 9 24.53 17.50 -30.39
N TYR B 10 24.99 16.60 -29.52
CA TYR B 10 24.53 15.22 -29.51
C TYR B 10 23.88 14.78 -28.20
N ALA B 11 23.73 15.67 -27.21
CA ALA B 11 23.40 15.25 -25.84
C ALA B 11 21.92 15.02 -25.59
N CYS B 12 21.06 15.23 -26.57
CA CYS B 12 19.65 14.98 -26.31
C CYS B 12 19.24 13.54 -26.61
N GLY B 13 19.66 13.00 -27.75
CA GLY B 13 19.41 11.62 -28.12
C GLY B 13 18.07 11.41 -28.79
N ALA B 14 17.15 12.36 -28.65
CA ALA B 14 15.92 12.40 -29.42
C ALA B 14 15.65 13.87 -29.70
N CYS B 15 15.01 14.18 -30.83
CA CYS B 15 14.91 15.59 -31.22
C CYS B 15 16.29 16.23 -31.37
N SER B 16 16.92 15.87 -32.49
CA SER B 16 18.32 16.23 -32.76
C SER B 16 18.71 17.71 -32.62
N PRO B 17 17.87 18.72 -32.97
CA PRO B 17 18.27 20.12 -32.72
C PRO B 17 18.51 20.41 -31.24
N CYS B 18 19.67 19.96 -30.78
CA CYS B 18 20.06 20.01 -29.37
C CYS B 18 20.88 21.27 -29.15
N LYS B 19 20.37 22.17 -28.31
CA LYS B 19 20.95 23.48 -28.10
C LYS B 19 21.40 23.67 -26.67
N ARG B 20 22.19 24.73 -26.45
CA ARG B 20 22.47 25.24 -25.13
C ARG B 20 21.45 26.31 -24.75
N VAL B 21 21.30 26.52 -23.44
CA VAL B 21 20.23 27.34 -22.90
C VAL B 21 20.74 28.05 -21.66
N MET B 22 20.27 29.28 -21.48
CA MET B 22 20.68 30.15 -20.38
C MET B 22 19.68 30.02 -19.25
N ILE B 23 20.15 29.73 -18.05
CA ILE B 23 19.26 29.64 -16.90
C ILE B 23 19.75 30.58 -15.81
N SER B 24 18.80 31.20 -15.11
CA SER B 24 19.09 32.18 -14.08
C SER B 24 18.15 31.96 -12.90
N PHE B 25 18.67 32.15 -11.69
CA PHE B 25 17.90 31.90 -10.48
C PHE B 25 17.90 33.12 -9.55
N CYS B 33 20.71 36.30 -9.89
CA CYS B 33 21.58 36.47 -11.05
C CYS B 33 22.70 35.42 -11.06
N SER B 34 22.32 34.16 -10.93
CA SER B 34 23.24 33.04 -11.05
C SER B 34 22.84 32.21 -12.26
N VAL B 35 23.79 31.97 -13.16
CA VAL B 35 23.51 31.45 -14.48
C VAL B 35 24.10 30.05 -14.60
N ILE B 36 23.30 29.09 -15.07
CA ILE B 36 23.82 27.79 -15.43
C ILE B 36 23.52 27.54 -16.91
N TYR B 37 24.32 26.64 -17.47
CA TYR B 37 24.12 26.16 -18.83
C TYR B 37 23.20 24.95 -18.77
N ARG B 38 22.21 24.93 -19.65
CA ARG B 38 21.32 23.80 -19.78
C ARG B 38 21.32 23.41 -21.26
N CYS B 39 20.66 22.31 -21.57
CA CYS B 39 20.61 21.92 -22.96
C CYS B 39 19.19 21.55 -23.31
N THR B 40 18.61 22.21 -24.31
CA THR B 40 17.25 21.85 -24.63
C THR B 40 17.04 21.61 -26.10
N CYS B 41 16.08 20.73 -26.35
CA CYS B 41 15.48 20.60 -27.66
C CYS B 41 14.01 20.24 -27.44
N ARG B 42 13.12 20.81 -28.26
CA ARG B 42 11.70 20.54 -28.09
C ARG B 42 11.36 20.80 -26.63
N GLY B 43 10.82 19.80 -25.93
CA GLY B 43 10.65 19.90 -24.49
C GLY B 43 11.90 19.50 -23.72
N ARG B 44 12.05 20.11 -22.54
CA ARG B 44 12.93 19.63 -21.48
C ARG B 44 14.41 19.92 -21.72
N TYR B 45 15.22 19.71 -20.70
CA TYR B 45 16.59 20.10 -20.83
C TYR B 45 17.53 19.00 -20.40
N TYR B 46 18.77 19.02 -20.91
CA TYR B 46 19.78 17.99 -20.63
C TYR B 46 21.08 18.40 -19.88
N HIS B 47 22.29 18.21 -20.43
CA HIS B 47 23.53 18.52 -19.67
C HIS B 47 24.87 18.70 -20.39
N VAL B 48 25.52 17.56 -20.70
CA VAL B 48 26.85 17.34 -21.36
C VAL B 48 28.07 17.53 -20.44
N PRO B 49 29.05 16.59 -20.41
CA PRO B 49 30.09 16.80 -19.42
C PRO B 49 31.51 16.46 -19.73
N SER B 50 32.37 16.74 -18.76
CA SER B 50 33.77 16.34 -18.86
C SER B 50 34.36 16.50 -17.47
N ARG B 51 35.60 16.07 -17.29
CA ARG B 51 36.15 16.00 -15.94
C ARG B 51 37.65 16.20 -15.95
N ALA B 52 38.17 16.50 -14.75
CA ALA B 52 39.60 16.67 -14.53
C ALA B 52 39.91 16.64 -13.03
N ASN C 5 -12.28 10.83 10.28
CA ASN C 5 -11.03 10.12 10.52
C ASN C 5 -9.86 10.95 9.99
N GLU C 6 -9.85 11.20 8.68
CA GLU C 6 -8.88 12.10 8.07
C GLU C 6 -9.34 13.55 8.12
N GLY C 7 -10.64 13.79 7.83
CA GLY C 7 -11.18 15.12 8.01
C GLY C 7 -11.09 15.63 9.43
N LYS C 8 -11.05 14.72 10.41
CA LYS C 8 -10.77 15.11 11.79
C LYS C 8 -9.44 15.84 11.89
N ALA C 9 -8.40 15.24 11.32
CA ALA C 9 -7.07 15.85 11.36
C ALA C 9 -7.02 17.10 10.50
N LEU C 10 -7.70 17.10 9.36
CA LEU C 10 -7.77 18.32 8.55
C LEU C 10 -8.45 19.46 9.30
N MET C 11 -9.39 19.14 10.19
CA MET C 11 -10.07 20.17 10.97
C MET C 11 -9.31 20.59 12.21
N ALA C 12 -8.40 19.76 12.72
CA ALA C 12 -7.46 20.28 13.71
C ALA C 12 -6.41 21.17 13.05
N ILE C 13 -5.94 20.78 11.86
CA ILE C 13 -5.05 21.61 11.06
C ILE C 13 -5.68 22.99 10.85
N LYS C 14 -6.85 23.02 10.20
CA LYS C 14 -7.56 24.30 10.05
C LYS C 14 -7.82 24.95 11.40
N GLY C 15 -8.05 24.16 12.44
CA GLY C 15 -8.29 24.72 13.76
C GLY C 15 -7.14 25.59 14.24
N SER C 16 -5.92 25.24 13.88
CA SER C 16 -4.79 26.03 14.35
C SER C 16 -4.28 27.08 13.40
N PHE C 17 -5.11 27.52 12.48
CA PHE C 17 -4.69 28.53 11.54
C PHE C 17 -5.32 29.84 11.94
N SER C 18 -4.60 30.66 12.70
CA SER C 18 -5.03 31.98 13.17
C SER C 18 -6.49 32.05 13.50
N ASN C 19 -7.24 32.76 12.68
CA ASN C 19 -8.67 32.88 12.87
C ASN C 19 -9.49 33.27 11.65
N LEU C 20 -9.11 32.84 10.45
CA LEU C 20 -9.85 33.20 9.26
C LEU C 20 -10.61 32.09 8.56
N VAL C 21 -11.94 32.23 8.43
CA VAL C 21 -12.65 31.23 7.66
C VAL C 21 -12.92 31.73 6.24
N ASN C 22 -12.50 32.95 5.93
CA ASN C 22 -12.65 33.49 4.58
C ASN C 22 -11.82 32.71 3.57
N MET C 23 -10.60 32.33 3.93
CA MET C 23 -9.71 31.70 2.96
C MET C 23 -10.10 30.25 2.71
N LEU C 24 -10.25 29.48 3.79
CA LEU C 24 -10.57 28.06 3.67
C LEU C 24 -12.07 27.82 3.77
N LEU C 25 -12.79 28.76 3.18
CA LEU C 25 -14.23 28.78 3.13
C LEU C 25 -14.75 27.45 2.73
N ASP C 26 -13.93 26.74 1.98
CA ASP C 26 -14.28 25.46 1.46
C ASP C 26 -14.38 24.43 2.55
N TRP C 27 -13.35 24.28 3.39
CA TRP C 27 -13.40 23.27 4.43
C TRP C 27 -14.53 23.39 5.40
N ASP C 28 -15.70 22.89 5.06
CA ASP C 28 -16.87 22.96 5.89
C ASP C 28 -17.48 21.60 5.81
N ASP C 29 -17.30 20.77 6.83
CA ASP C 29 -17.79 19.38 6.79
C ASP C 29 -19.27 19.10 6.97
N VAL C 30 -20.11 20.12 7.01
CA VAL C 30 -21.52 19.88 7.13
C VAL C 30 -22.20 20.27 5.84
N HIS C 31 -21.56 21.16 5.09
CA HIS C 31 -22.13 21.60 3.85
C HIS C 31 -21.16 21.43 2.70
N ASN C 32 -20.21 20.52 2.90
CA ASN C 32 -19.21 20.11 1.92
C ASN C 32 -18.56 18.93 2.58
N SER C 33 -19.17 17.76 2.47
CA SER C 33 -18.67 16.59 3.15
C SER C 33 -17.42 15.92 2.62
N ASP C 34 -17.37 15.62 1.33
CA ASP C 34 -16.22 14.96 0.74
C ASP C 34 -15.02 15.81 0.98
N LEU C 35 -13.97 15.33 1.62
CA LEU C 35 -12.83 16.20 1.85
C LEU C 35 -11.85 16.28 0.74
N CYS C 36 -12.10 15.58 -0.35
CA CYS C 36 -11.19 15.58 -1.47
C CYS C 36 -11.63 16.59 -2.52
N SER C 37 -12.59 17.42 -2.17
CA SER C 37 -13.09 18.50 -2.97
C SER C 37 -12.79 19.82 -2.28
N TRP C 38 -12.14 19.76 -1.11
CA TRP C 38 -11.79 20.92 -0.34
C TRP C 38 -10.63 21.64 -0.98
N ARG C 39 -10.37 22.82 -0.53
CA ARG C 39 -9.35 23.63 -1.18
C ARG C 39 -7.95 23.17 -0.80
N GLY C 40 -7.11 22.99 -1.81
CA GLY C 40 -5.72 22.66 -1.60
C GLY C 40 -5.44 21.23 -1.19
N VAL C 41 -6.47 20.42 -1.00
CA VAL C 41 -6.30 19.02 -0.65
C VAL C 41 -6.58 18.17 -1.88
N PHE C 42 -5.82 17.10 -2.05
CA PHE C 42 -5.98 16.22 -3.21
C PHE C 42 -5.83 14.78 -2.74
N CYS C 43 -6.72 13.93 -3.23
CA CYS C 43 -6.66 12.50 -2.95
C CYS C 43 -6.38 11.76 -4.24
N ASP C 44 -5.45 10.81 -4.20
CA ASP C 44 -5.18 10.03 -5.39
C ASP C 44 -6.42 9.20 -5.72
N ASN C 45 -6.73 9.12 -7.01
CA ASN C 45 -8.03 8.63 -7.45
C ASN C 45 -8.33 7.19 -7.03
N VAL C 46 -7.35 6.44 -6.51
CA VAL C 46 -7.58 5.04 -6.17
C VAL C 46 -7.92 4.91 -4.69
N SER C 47 -6.91 4.94 -3.82
CA SER C 47 -7.13 4.72 -2.40
C SER C 47 -8.01 5.81 -1.80
N TYR C 48 -8.02 6.99 -2.40
CA TYR C 48 -8.88 8.10 -1.99
C TYR C 48 -8.57 8.59 -0.58
N SER C 49 -7.29 8.58 -0.22
CA SER C 49 -6.78 9.28 0.95
C SER C 49 -6.02 10.51 0.48
N VAL C 50 -5.91 11.50 1.37
CA VAL C 50 -5.24 12.76 1.03
C VAL C 50 -3.74 12.49 0.87
N VAL C 51 -3.20 12.83 -0.29
CA VAL C 51 -1.80 12.56 -0.61
C VAL C 51 -1.06 13.86 -0.86
N SER C 52 -1.78 14.89 -1.30
CA SER C 52 -1.19 16.17 -1.62
C SER C 52 -1.95 17.29 -0.92
N LEU C 53 -1.22 18.22 -0.34
CA LEU C 53 -1.75 19.40 0.32
C LEU C 53 -1.03 20.62 -0.23
N ASN C 54 -1.78 21.59 -0.74
CA ASN C 54 -1.20 22.83 -1.26
C ASN C 54 -2.01 24.01 -0.73
N LEU C 55 -1.53 24.60 0.35
CA LEU C 55 -2.06 25.86 0.87
C LEU C 55 -1.09 27.00 0.59
N SER C 56 -0.25 26.85 -0.42
CA SER C 56 0.86 27.75 -0.67
C SER C 56 0.36 29.17 -0.96
N SER C 57 0.88 30.13 -0.18
CA SER C 57 0.67 31.56 -0.42
C SER C 57 -0.77 31.95 -0.14
N LEU C 58 -1.21 31.79 1.11
CA LEU C 58 -2.54 32.22 1.52
C LEU C 58 -2.56 33.02 2.82
N ASN C 59 -1.53 32.93 3.65
CA ASN C 59 -1.49 33.63 4.93
C ASN C 59 -2.62 33.15 5.84
N LEU C 60 -2.47 31.95 6.38
CA LEU C 60 -3.39 31.46 7.41
C LEU C 60 -2.86 31.68 8.82
N GLY C 61 -1.54 31.82 8.97
CA GLY C 61 -0.95 32.51 10.12
C GLY C 61 -1.26 31.95 11.50
N GLY C 62 -1.26 30.64 11.64
CA GLY C 62 -1.41 30.06 12.97
C GLY C 62 -0.21 29.23 13.37
N GLU C 63 -0.42 27.93 13.51
CA GLU C 63 0.64 26.95 13.66
C GLU C 63 0.41 25.84 12.66
N ILE C 64 1.39 24.95 12.53
CA ILE C 64 1.18 23.67 11.87
C ILE C 64 0.71 22.71 12.96
N SER C 65 -0.60 22.46 12.99
CA SER C 65 -1.15 21.53 13.96
C SER C 65 -0.50 20.16 13.78
N PRO C 66 -0.23 19.44 14.88
CA PRO C 66 0.39 18.11 14.76
C PRO C 66 -0.49 17.11 14.07
N ALA C 67 -1.78 17.42 13.88
CA ALA C 67 -2.67 16.54 13.15
C ALA C 67 -2.22 16.30 11.73
N ILE C 68 -1.24 17.07 11.24
CA ILE C 68 -0.65 16.80 9.93
C ILE C 68 0.02 15.44 9.93
N GLY C 69 0.49 14.98 11.08
CA GLY C 69 0.99 13.63 11.26
C GLY C 69 -0.05 12.54 11.15
N ASP C 70 -1.32 12.90 10.99
CA ASP C 70 -2.41 11.94 10.90
C ASP C 70 -2.92 11.77 9.48
N LEU C 71 -2.33 12.47 8.51
CA LEU C 71 -2.56 12.20 7.10
C LEU C 71 -1.33 11.43 6.63
N ARG C 72 -1.40 10.10 6.76
CA ARG C 72 -0.22 9.27 6.55
C ARG C 72 0.20 9.23 5.09
N ASN C 73 -0.76 9.26 4.17
CA ASN C 73 -0.46 9.13 2.76
C ASN C 73 -0.07 10.44 2.09
N LEU C 74 -0.03 11.54 2.83
CA LEU C 74 0.56 12.77 2.30
C LEU C 74 1.94 12.50 1.73
N GLN C 75 2.08 12.71 0.42
CA GLN C 75 3.38 12.71 -0.22
C GLN C 75 3.78 14.09 -0.74
N SER C 76 2.89 15.08 -0.63
CA SER C 76 3.23 16.46 -0.94
C SER C 76 2.61 17.38 0.09
N ILE C 77 3.42 18.27 0.68
CA ILE C 77 2.93 19.27 1.62
C ILE C 77 3.60 20.60 1.24
N ASP C 78 2.80 21.54 0.74
CA ASP C 78 3.29 22.86 0.35
C ASP C 78 2.51 23.91 1.13
N LEU C 79 3.10 24.41 2.22
CA LEU C 79 2.47 25.39 3.09
C LEU C 79 3.19 26.73 3.06
N GLN C 80 3.73 27.13 1.91
CA GLN C 80 4.57 28.31 1.86
C GLN C 80 3.72 29.59 1.89
N GLY C 81 4.28 30.62 2.52
CA GLY C 81 3.68 31.93 2.51
C GLY C 81 2.69 32.20 3.63
N ASN C 82 2.20 31.16 4.29
CA ASN C 82 1.09 31.30 5.22
C ASN C 82 1.48 31.95 6.54
N LYS C 83 2.73 32.39 6.70
CA LYS C 83 3.19 33.07 7.91
C LYS C 83 2.96 32.21 9.16
N LEU C 84 3.10 30.91 9.01
CA LEU C 84 2.91 30.01 10.15
C LEU C 84 3.99 30.27 11.20
N ALA C 85 3.57 30.43 12.44
CA ALA C 85 4.47 30.69 13.55
C ALA C 85 4.79 29.37 14.25
N GLY C 86 5.49 29.46 15.38
CA GLY C 86 5.78 28.28 16.15
C GLY C 86 6.84 27.39 15.48
N GLN C 87 6.98 26.21 16.05
CA GLN C 87 7.95 25.23 15.60
C GLN C 87 7.38 24.32 14.51
N ILE C 88 8.27 23.67 13.78
CA ILE C 88 7.90 22.58 12.87
C ILE C 88 7.44 21.41 13.73
N PRO C 89 6.17 21.03 13.68
CA PRO C 89 5.69 19.96 14.56
C PRO C 89 6.42 18.65 14.30
N ASP C 90 6.63 17.90 15.38
CA ASP C 90 7.38 16.65 15.28
C ASP C 90 6.61 15.59 14.50
N GLU C 91 5.28 15.57 14.66
CA GLU C 91 4.46 14.52 14.05
C GLU C 91 4.57 14.50 12.53
N ILE C 92 5.04 15.59 11.92
CA ILE C 92 5.30 15.61 10.48
C ILE C 92 6.28 14.53 10.06
N GLY C 93 6.96 13.91 11.01
CA GLY C 93 7.86 12.82 10.74
C GLY C 93 7.24 11.44 10.87
N ASN C 94 5.91 11.32 10.70
CA ASN C 94 5.34 10.00 10.50
C ASN C 94 4.32 10.00 9.36
N CYS C 95 4.57 10.82 8.34
CA CYS C 95 3.89 10.68 7.05
C CYS C 95 4.83 10.03 6.04
N ALA C 96 5.28 8.82 6.37
CA ALA C 96 6.43 8.20 5.72
C ALA C 96 6.34 8.18 4.20
N SER C 97 5.13 8.25 3.64
CA SER C 97 4.97 8.35 2.20
C SER C 97 5.46 9.69 1.65
N LEU C 98 5.73 10.67 2.50
CA LEU C 98 6.01 12.03 2.04
C LEU C 98 7.25 12.09 1.16
N VAL C 99 7.12 12.76 0.01
CA VAL C 99 8.22 12.98 -0.90
C VAL C 99 8.70 14.43 -0.85
N TYR C 100 7.79 15.39 -0.73
CA TYR C 100 8.07 16.79 -1.04
C TYR C 100 7.49 17.67 0.06
N LEU C 101 8.36 18.30 0.85
CA LEU C 101 7.94 19.19 1.93
C LEU C 101 8.47 20.60 1.66
N ASP C 102 7.55 21.51 1.32
CA ASP C 102 7.84 22.93 1.21
C ASP C 102 7.16 23.64 2.37
N LEU C 103 7.97 24.12 3.32
CA LEU C 103 7.51 25.02 4.37
C LEU C 103 8.11 26.41 4.24
N SER C 104 8.68 26.73 3.07
CA SER C 104 9.43 27.96 2.89
C SER C 104 8.54 29.19 3.06
N GLU C 105 9.17 30.34 3.31
CA GLU C 105 8.46 31.62 3.42
C GLU C 105 7.44 31.61 4.57
N ASN C 106 7.95 31.34 5.77
CA ASN C 106 7.10 31.38 6.96
C ASN C 106 7.90 31.92 8.13
N LEU C 107 7.24 32.02 9.29
CA LEU C 107 7.83 32.55 10.52
C LEU C 107 8.13 31.44 11.52
N LEU C 108 8.45 30.24 11.03
CA LEU C 108 8.73 29.11 11.90
C LEU C 108 10.06 29.28 12.61
N TYR C 109 10.09 28.97 13.90
CA TYR C 109 11.34 28.95 14.65
C TYR C 109 11.61 27.54 15.16
N GLY C 110 12.37 27.42 16.24
CA GLY C 110 12.76 26.12 16.73
C GLY C 110 13.75 25.43 15.80
N ASP C 111 13.94 24.13 16.05
CA ASP C 111 14.95 23.37 15.36
C ASP C 111 14.39 22.67 14.13
N ILE C 112 15.30 22.17 13.30
CA ILE C 112 14.98 21.13 12.32
C ILE C 112 14.80 19.84 13.10
N PRO C 113 13.63 19.24 13.09
CA PRO C 113 13.32 18.18 14.04
C PRO C 113 13.99 16.85 13.69
N PHE C 114 14.26 16.07 14.74
CA PHE C 114 14.76 14.70 14.56
C PHE C 114 13.85 13.90 13.65
N SER C 115 12.54 14.02 13.82
CA SER C 115 11.58 13.20 13.09
C SER C 115 11.70 13.34 11.58
N ILE C 116 12.34 14.41 11.10
CA ILE C 116 12.57 14.56 9.67
C ILE C 116 13.30 13.35 9.11
N SER C 117 14.21 12.76 9.90
CA SER C 117 14.96 11.60 9.44
C SER C 117 14.10 10.37 9.23
N LYS C 118 12.90 10.31 9.83
CA LYS C 118 12.02 9.16 9.62
C LYS C 118 11.49 9.08 8.19
N LEU C 119 11.53 10.18 7.45
CA LEU C 119 10.83 10.29 6.17
C LEU C 119 11.74 9.78 5.04
N LYS C 120 11.95 8.46 5.04
CA LYS C 120 12.91 7.84 4.14
C LYS C 120 12.50 7.88 2.67
N GLN C 121 11.35 8.46 2.34
CA GLN C 121 10.95 8.68 0.94
C GLN C 121 11.21 10.09 0.47
N LEU C 122 11.48 11.03 1.39
CA LEU C 122 11.53 12.45 1.06
C LEU C 122 12.59 12.75 0.00
N GLU C 123 12.26 13.68 -0.89
CA GLU C 123 13.16 14.13 -1.95
C GLU C 123 13.51 15.61 -1.86
N THR C 124 12.54 16.47 -1.51
CA THR C 124 12.75 17.91 -1.47
C THR C 124 12.43 18.44 -0.08
N LEU C 125 13.46 18.87 0.65
CA LEU C 125 13.29 19.60 1.91
C LEU C 125 13.52 21.08 1.64
N ASN C 126 12.42 21.84 1.62
CA ASN C 126 12.44 23.28 1.34
C ASN C 126 11.93 23.99 2.59
N LEU C 127 12.85 24.35 3.47
CA LEU C 127 12.55 25.11 4.68
C LEU C 127 12.97 26.57 4.54
N LYS C 128 13.03 27.06 3.30
CA LYS C 128 13.65 28.35 2.99
C LYS C 128 12.97 29.50 3.71
N ASN C 129 13.77 30.53 4.00
CA ASN C 129 13.30 31.82 4.51
C ASN C 129 12.36 31.64 5.72
N ASN C 130 12.88 30.96 6.74
CA ASN C 130 12.15 30.78 7.99
C ASN C 130 12.98 31.41 9.10
N GLN C 131 12.77 30.98 10.35
CA GLN C 131 13.54 31.49 11.48
C GLN C 131 14.15 30.35 12.29
N LEU C 132 14.41 29.21 11.66
CA LEU C 132 14.88 28.04 12.40
C LEU C 132 16.22 28.33 13.07
N THR C 133 16.32 27.96 14.34
CA THR C 133 17.50 28.21 15.16
C THR C 133 18.11 26.88 15.57
N GLY C 134 19.39 26.70 15.31
CA GLY C 134 20.05 25.44 15.59
C GLY C 134 20.74 24.86 14.38
N PRO C 135 21.53 23.82 14.59
CA PRO C 135 22.44 23.35 13.56
C PRO C 135 21.74 22.51 12.49
N VAL C 136 22.42 22.39 11.35
CA VAL C 136 22.03 21.46 10.31
C VAL C 136 22.40 20.07 10.81
N PRO C 137 21.44 19.26 11.26
CA PRO C 137 21.80 18.03 11.96
C PRO C 137 22.46 17.03 11.01
N ALA C 138 23.37 16.23 11.58
CA ALA C 138 24.02 15.19 10.81
C ALA C 138 23.02 14.21 10.23
N THR C 139 21.87 14.05 10.89
CA THR C 139 20.88 13.05 10.51
C THR C 139 20.21 13.35 9.18
N LEU C 140 20.38 14.55 8.62
CA LEU C 140 19.92 14.77 7.26
C LEU C 140 20.71 13.94 6.26
N THR C 141 21.79 13.28 6.69
CA THR C 141 22.46 12.30 5.85
C THR C 141 21.68 10.99 5.76
N GLN C 142 20.81 10.72 6.73
CA GLN C 142 20.03 9.49 6.76
C GLN C 142 18.75 9.57 5.94
N ILE C 143 18.73 10.39 4.90
CA ILE C 143 17.63 10.43 3.93
C ILE C 143 18.21 10.10 2.56
N PRO C 144 18.13 8.85 2.14
CA PRO C 144 18.89 8.42 0.95
C PRO C 144 18.39 9.01 -0.35
N ASN C 145 17.16 9.52 -0.39
CA ASN C 145 16.57 10.03 -1.62
C ASN C 145 16.50 11.54 -1.67
N LEU C 146 16.92 12.23 -0.61
CA LEU C 146 16.89 13.69 -0.58
C LEU C 146 17.76 14.25 -1.69
N LYS C 147 17.16 15.08 -2.54
CA LYS C 147 17.86 15.65 -3.69
C LYS C 147 18.01 17.16 -3.64
N ARG C 148 16.96 17.88 -3.24
CA ARG C 148 17.05 19.32 -3.01
C ARG C 148 16.91 19.57 -1.52
N LEU C 149 17.99 20.02 -0.90
CA LEU C 149 17.99 20.48 0.49
C LEU C 149 18.31 21.96 0.48
N ASP C 150 17.37 22.79 0.95
CA ASP C 150 17.71 24.20 1.15
C ASP C 150 17.14 24.74 2.44
N LEU C 151 18.03 25.18 3.32
CA LEU C 151 17.70 25.85 4.56
C LEU C 151 17.96 27.35 4.48
N ALA C 152 18.17 27.86 3.27
CA ALA C 152 18.47 29.26 3.04
C ALA C 152 17.49 30.19 3.74
N GLY C 153 18.03 31.23 4.37
CA GLY C 153 17.21 32.26 4.98
C GLY C 153 16.84 32.02 6.43
N ASN C 154 17.61 31.19 7.13
CA ASN C 154 17.36 30.87 8.52
C ASN C 154 18.52 31.39 9.38
N HIS C 155 18.44 31.12 10.68
CA HIS C 155 19.49 31.55 11.61
C HIS C 155 20.25 30.34 12.13
N LEU C 156 20.61 29.44 11.22
CA LEU C 156 21.23 28.18 11.62
C LEU C 156 22.64 28.41 12.14
N THR C 157 23.02 27.65 13.17
CA THR C 157 24.32 27.77 13.82
C THR C 157 25.10 26.46 13.65
N GLY C 158 26.27 26.40 14.27
CA GLY C 158 27.15 25.26 14.12
C GLY C 158 27.87 25.24 12.78
N GLU C 159 28.78 24.29 12.65
CA GLU C 159 29.52 24.17 11.41
C GLU C 159 28.78 23.27 10.43
N ILE C 160 29.38 23.06 9.26
CA ILE C 160 28.90 22.12 8.26
C ILE C 160 29.73 20.85 8.45
N SER C 161 29.12 19.83 9.06
CA SER C 161 29.85 18.59 9.31
C SER C 161 30.14 17.89 7.99
N ARG C 162 31.39 17.45 7.81
CA ARG C 162 31.80 16.85 6.55
C ARG C 162 30.99 15.63 6.18
N LEU C 163 30.36 14.99 7.18
CA LEU C 163 29.38 13.94 6.92
C LEU C 163 28.36 14.37 5.87
N LEU C 164 27.90 15.62 5.95
CA LEU C 164 26.91 16.13 5.01
C LEU C 164 27.37 16.07 3.57
N TYR C 165 28.68 16.05 3.31
CA TYR C 165 29.16 16.05 1.93
C TYR C 165 29.26 14.66 1.34
N TRP C 166 29.23 13.61 2.17
CA TRP C 166 29.23 12.24 1.67
C TRP C 166 27.80 11.89 1.30
N ASN C 167 27.45 12.16 0.04
CA ASN C 167 26.07 12.02 -0.43
C ASN C 167 26.11 11.94 -1.95
N GLU C 168 25.54 10.89 -2.51
CA GLU C 168 25.69 10.58 -3.92
C GLU C 168 24.54 11.08 -4.79
N VAL C 169 23.36 11.35 -4.21
CA VAL C 169 22.19 11.73 -5.00
C VAL C 169 21.87 13.22 -4.92
N LEU C 170 22.43 13.94 -3.96
CA LEU C 170 22.02 15.31 -3.70
C LEU C 170 22.27 16.19 -4.93
N GLN C 171 21.26 16.99 -5.28
CA GLN C 171 21.32 17.93 -6.40
C GLN C 171 21.63 19.35 -5.96
N TYR C 172 20.91 19.84 -4.97
CA TYR C 172 20.85 21.27 -4.64
C TYR C 172 21.14 21.45 -3.16
N LEU C 173 22.26 22.12 -2.86
CA LEU C 173 22.62 22.47 -1.49
C LEU C 173 22.47 23.97 -1.32
N GLY C 174 21.39 24.38 -0.66
CA GLY C 174 21.12 25.78 -0.41
C GLY C 174 21.24 26.15 1.05
N LEU C 175 22.33 26.83 1.40
CA LEU C 175 22.63 27.19 2.78
C LEU C 175 22.74 28.70 2.97
N ARG C 176 22.37 29.49 1.96
CA ARG C 176 22.69 30.92 1.98
C ARG C 176 21.88 31.66 3.03
N GLY C 177 22.56 32.55 3.75
CA GLY C 177 21.88 33.42 4.68
C GLY C 177 21.63 32.86 6.06
N ASN C 178 22.56 32.05 6.58
CA ASN C 178 22.53 31.64 7.98
C ASN C 178 23.76 32.17 8.69
N MET C 179 24.06 31.65 9.87
CA MET C 179 25.26 32.06 10.59
C MET C 179 26.16 30.85 10.83
N LEU C 180 26.40 30.08 9.77
CA LEU C 180 27.23 28.88 9.88
C LEU C 180 28.70 29.26 9.98
N THR C 181 29.40 28.62 10.92
CA THR C 181 30.81 28.89 11.18
C THR C 181 31.62 27.69 10.71
N GLY C 182 32.93 27.72 10.97
CA GLY C 182 33.79 26.62 10.63
C GLY C 182 34.47 26.79 9.28
N THR C 183 34.90 25.67 8.73
CA THR C 183 35.74 25.62 7.54
C THR C 183 34.97 24.98 6.39
N LEU C 184 35.47 25.21 5.17
CA LEU C 184 35.12 24.37 4.04
C LEU C 184 35.97 23.10 4.13
N SER C 185 35.32 21.96 4.37
CA SER C 185 36.05 20.71 4.51
C SER C 185 36.52 20.24 3.14
N SER C 186 37.66 19.54 3.14
CA SER C 186 38.17 19.01 1.88
C SER C 186 37.48 17.72 1.49
N ASP C 187 36.49 17.27 2.26
CA ASP C 187 35.56 16.25 1.82
C ASP C 187 34.35 16.84 1.12
N MET C 188 34.31 18.16 0.99
CA MET C 188 33.19 18.85 0.36
C MET C 188 32.92 18.28 -1.02
N CYS C 189 33.96 17.80 -1.69
CA CYS C 189 33.80 17.33 -3.05
C CYS C 189 33.46 15.86 -3.14
N GLN C 190 32.79 15.33 -2.14
CA GLN C 190 32.23 13.99 -2.24
C GLN C 190 30.73 14.01 -2.51
N LEU C 191 30.16 15.19 -2.79
CA LEU C 191 28.79 15.28 -3.31
C LEU C 191 28.91 15.21 -4.82
N THR C 192 28.93 13.98 -5.34
CA THR C 192 29.34 13.76 -6.72
C THR C 192 28.26 14.05 -7.74
N GLY C 193 27.05 14.35 -7.29
CA GLY C 193 25.95 14.61 -8.21
C GLY C 193 25.28 15.93 -7.91
N LEU C 194 25.95 16.75 -7.11
CA LEU C 194 25.46 18.09 -6.79
C LEU C 194 25.76 19.05 -7.93
N TRP C 195 24.80 19.92 -8.24
CA TRP C 195 25.00 20.92 -9.27
C TRP C 195 24.91 22.34 -8.72
N TYR C 196 24.75 22.51 -7.41
CA TYR C 196 24.49 23.82 -6.82
C TYR C 196 25.03 23.80 -5.39
N PHE C 197 26.22 24.38 -5.20
CA PHE C 197 26.75 24.60 -3.86
C PHE C 197 26.55 26.06 -3.49
N ASP C 198 25.77 26.32 -2.43
CA ASP C 198 25.47 27.68 -1.99
C ASP C 198 25.68 27.78 -0.49
N VAL C 199 26.79 28.38 -0.08
CA VAL C 199 27.08 28.61 1.32
C VAL C 199 27.27 30.10 1.60
N ARG C 200 26.73 30.95 0.72
CA ARG C 200 26.95 32.39 0.80
C ARG C 200 26.26 32.99 2.02
N GLY C 201 26.87 34.04 2.58
CA GLY C 201 26.25 34.81 3.64
C GLY C 201 26.48 34.33 5.05
N ASN C 202 27.29 33.30 5.25
CA ASN C 202 27.56 32.76 6.57
C ASN C 202 28.81 33.43 7.15
N ASN C 203 29.44 32.81 8.14
CA ASN C 203 30.64 33.33 8.79
C ASN C 203 31.80 32.32 8.72
N LEU C 204 31.96 31.66 7.58
CA LEU C 204 32.92 30.56 7.46
C LEU C 204 34.35 31.09 7.40
N THR C 205 35.18 30.65 8.32
CA THR C 205 36.59 31.02 8.29
C THR C 205 37.33 29.98 7.45
N GLY C 206 38.65 29.92 7.55
CA GLY C 206 39.42 28.92 6.84
C GLY C 206 39.62 29.27 5.38
N THR C 207 40.58 28.57 4.77
CA THR C 207 40.92 28.80 3.37
C THR C 207 40.07 27.94 2.46
N ILE C 208 40.21 28.16 1.16
CA ILE C 208 39.55 27.29 0.18
C ILE C 208 40.29 25.96 0.13
N PRO C 209 39.58 24.83 0.13
CA PRO C 209 40.27 23.53 0.07
C PRO C 209 41.03 23.37 -1.24
N GLU C 210 42.32 23.06 -1.12
CA GLU C 210 43.15 22.89 -2.30
C GLU C 210 42.64 21.76 -3.20
N SER C 211 41.96 20.78 -2.61
CA SER C 211 41.35 19.68 -3.35
C SER C 211 39.97 20.01 -3.91
N ILE C 212 39.75 21.25 -4.36
CA ILE C 212 38.45 21.64 -4.90
C ILE C 212 38.35 21.39 -6.41
N GLY C 213 39.42 20.95 -7.04
CA GLY C 213 39.40 20.68 -8.48
C GLY C 213 38.62 19.46 -8.88
N ASN C 214 38.24 18.61 -7.93
CA ASN C 214 37.49 17.40 -8.22
C ASN C 214 35.97 17.62 -8.23
N CYS C 215 35.53 18.87 -8.10
CA CYS C 215 34.11 19.22 -8.00
C CYS C 215 33.47 19.45 -9.37
N THR C 216 33.65 18.49 -10.28
CA THR C 216 33.20 18.65 -11.65
C THR C 216 31.69 18.53 -11.81
N SER C 217 30.97 18.06 -10.79
CA SER C 217 29.51 18.01 -10.88
C SER C 217 28.87 19.39 -10.73
N PHE C 218 29.61 20.39 -10.25
CA PHE C 218 29.01 21.65 -9.84
C PHE C 218 28.71 22.55 -11.04
N GLN C 219 27.46 23.01 -11.14
CA GLN C 219 27.15 24.11 -12.04
C GLN C 219 27.42 25.47 -11.40
N ILE C 220 27.21 25.59 -10.09
CA ILE C 220 27.33 26.87 -9.39
C ILE C 220 28.11 26.65 -8.11
N LEU C 221 29.15 27.46 -7.90
CA LEU C 221 29.87 27.48 -6.62
C LEU C 221 29.76 28.89 -6.05
N ASP C 222 29.05 29.01 -4.93
CA ASP C 222 28.86 30.30 -4.26
C ASP C 222 29.34 30.18 -2.82
N ILE C 223 30.56 30.63 -2.56
CA ILE C 223 31.08 30.77 -1.20
C ILE C 223 31.23 32.22 -0.81
N SER C 224 30.64 33.14 -1.58
CA SER C 224 30.89 34.55 -1.40
C SER C 224 30.33 35.07 -0.08
N TYR C 225 30.87 36.20 0.37
CA TYR C 225 30.40 36.90 1.57
C TYR C 225 30.45 35.96 2.80
N ASN C 226 31.68 35.62 3.17
CA ASN C 226 31.86 34.58 4.18
C ASN C 226 33.12 34.73 5.02
N GLN C 227 33.95 35.76 4.80
CA GLN C 227 35.16 36.00 5.59
C GLN C 227 36.23 34.92 5.37
N ILE C 228 36.23 34.27 4.20
CA ILE C 228 37.26 33.29 3.89
C ILE C 228 38.57 33.98 3.58
N THR C 229 39.64 33.58 4.27
CA THR C 229 40.97 34.13 4.05
C THR C 229 41.70 33.28 3.01
N GLY C 230 43.03 33.46 2.91
CA GLY C 230 43.84 32.58 2.09
C GLY C 230 43.84 32.91 0.61
N GLU C 231 44.54 32.06 -0.13
CA GLU C 231 44.71 32.17 -1.56
C GLU C 231 43.57 31.51 -2.33
N ILE C 232 43.50 31.78 -3.62
CA ILE C 232 42.61 31.07 -4.55
C ILE C 232 43.42 29.97 -5.20
N PRO C 233 43.12 28.69 -4.94
CA PRO C 233 44.02 27.61 -5.33
C PRO C 233 44.15 27.47 -6.85
N TYR C 234 45.24 26.83 -7.26
CA TYR C 234 45.42 26.51 -8.68
C TYR C 234 44.34 25.57 -9.16
N ASN C 235 44.00 24.56 -8.37
CA ASN C 235 43.03 23.55 -8.80
C ASN C 235 41.63 24.12 -9.00
N ILE C 236 41.39 25.37 -8.63
CA ILE C 236 40.11 26.00 -8.97
C ILE C 236 39.95 26.06 -10.49
N GLY C 237 41.05 25.95 -11.24
CA GLY C 237 40.99 25.89 -12.68
C GLY C 237 40.45 24.60 -13.24
N PHE C 238 40.21 23.60 -12.39
CA PHE C 238 39.61 22.35 -12.84
C PHE C 238 38.09 22.34 -12.69
N LEU C 239 37.55 23.28 -11.92
CA LEU C 239 36.10 23.39 -11.74
C LEU C 239 35.39 23.54 -13.07
N GLN C 240 34.23 22.89 -13.18
CA GLN C 240 33.37 22.99 -14.34
C GLN C 240 32.22 23.98 -14.14
N VAL C 241 32.21 24.69 -13.02
CA VAL C 241 31.17 25.66 -12.70
C VAL C 241 30.98 26.64 -13.85
N ALA C 242 29.75 27.13 -14.03
CA ALA C 242 29.49 28.25 -14.91
C ALA C 242 29.34 29.55 -14.14
N THR C 243 28.82 29.48 -12.92
CA THR C 243 28.79 30.61 -12.00
C THR C 243 29.84 30.37 -10.91
N LEU C 244 30.99 31.02 -11.07
CA LEU C 244 32.04 31.02 -10.06
C LEU C 244 31.89 32.30 -9.25
N SER C 245 31.51 32.16 -7.99
CA SER C 245 31.27 33.29 -7.11
C SER C 245 32.09 33.14 -5.83
N LEU C 246 33.12 33.98 -5.69
CA LEU C 246 33.99 33.99 -4.52
C LEU C 246 34.03 35.38 -3.88
N GLN C 247 32.97 36.16 -4.07
CA GLN C 247 32.94 37.56 -3.67
C GLN C 247 33.03 37.75 -2.16
N GLY C 248 33.27 39.00 -1.77
CA GLY C 248 32.96 39.47 -0.44
C GLY C 248 33.80 38.90 0.67
N ASN C 249 34.82 38.13 0.34
CA ASN C 249 35.65 37.47 1.34
C ASN C 249 36.95 38.25 1.53
N ARG C 250 37.92 37.61 2.17
CA ARG C 250 39.24 38.17 2.36
C ARG C 250 40.24 37.26 1.67
N LEU C 251 40.12 37.13 0.34
CA LEU C 251 41.02 36.29 -0.43
C LEU C 251 42.15 37.16 -0.94
N THR C 252 43.37 36.83 -0.52
CA THR C 252 44.55 37.59 -0.86
C THR C 252 45.30 36.88 -1.98
N GLY C 253 46.45 37.43 -2.37
CA GLY C 253 47.16 36.93 -3.53
C GLY C 253 46.50 37.43 -4.80
N ARG C 254 47.04 36.98 -5.93
CA ARG C 254 46.60 37.46 -7.22
C ARG C 254 45.65 36.47 -7.90
N ILE C 255 45.04 36.94 -8.98
CA ILE C 255 44.00 36.21 -9.69
C ILE C 255 44.64 35.03 -10.43
N PRO C 256 44.23 33.80 -10.16
CA PRO C 256 44.90 32.64 -10.77
C PRO C 256 44.87 32.70 -12.29
N GLU C 257 46.05 32.63 -12.89
CA GLU C 257 46.16 32.64 -14.35
C GLU C 257 45.43 31.44 -14.96
N VAL C 258 45.29 30.34 -14.20
CA VAL C 258 44.60 29.16 -14.69
C VAL C 258 43.12 29.44 -14.93
N ILE C 259 42.57 30.49 -14.32
CA ILE C 259 41.20 30.89 -14.60
C ILE C 259 41.04 31.27 -16.06
N GLY C 260 42.13 31.57 -16.75
CA GLY C 260 42.06 31.82 -18.17
C GLY C 260 41.68 30.62 -19.00
N LEU C 261 41.72 29.42 -18.42
CA LEU C 261 41.35 28.20 -19.14
C LEU C 261 39.93 27.75 -18.85
N MET C 262 39.28 28.32 -17.82
CA MET C 262 37.90 27.97 -17.48
C MET C 262 36.94 28.65 -18.46
N GLN C 263 36.94 28.13 -19.69
CA GLN C 263 36.17 28.74 -20.77
C GLN C 263 34.67 28.52 -20.64
N ALA C 264 34.24 27.51 -19.88
CA ALA C 264 32.82 27.23 -19.74
C ALA C 264 32.12 28.27 -18.88
N LEU C 265 32.87 29.04 -18.09
CA LEU C 265 32.30 30.01 -17.16
C LEU C 265 31.30 30.93 -17.86
N ALA C 266 30.22 31.25 -17.15
CA ALA C 266 29.24 32.22 -17.62
C ALA C 266 29.11 33.44 -16.73
N VAL C 267 29.52 33.34 -15.45
CA VAL C 267 29.55 34.47 -14.54
C VAL C 267 30.79 34.30 -13.66
N LEU C 268 31.71 35.27 -13.72
CA LEU C 268 32.96 35.19 -12.99
C LEU C 268 33.02 36.36 -12.01
N ASP C 269 33.09 36.02 -10.72
CA ASP C 269 32.90 37.00 -9.65
C ASP C 269 33.99 36.83 -8.61
N LEU C 270 34.93 37.78 -8.59
CA LEU C 270 35.99 37.83 -7.58
C LEU C 270 35.93 39.13 -6.77
N SER C 271 34.83 39.86 -6.87
CA SER C 271 34.73 41.22 -6.39
C SER C 271 34.74 41.31 -4.85
N ASP C 272 35.05 42.52 -4.36
CA ASP C 272 35.01 42.84 -2.93
C ASP C 272 35.91 41.91 -2.13
N ASN C 273 37.09 41.64 -2.69
CA ASN C 273 38.08 40.77 -2.09
C ASN C 273 39.36 41.60 -2.00
N GLU C 274 40.34 41.10 -1.26
CA GLU C 274 41.62 41.82 -1.17
C GLU C 274 42.67 41.23 -2.10
N LEU C 275 42.29 41.09 -3.38
CA LEU C 275 43.19 40.56 -4.39
C LEU C 275 44.10 41.67 -4.91
N VAL C 276 45.36 41.33 -5.18
CA VAL C 276 46.35 42.30 -5.63
C VAL C 276 46.81 41.94 -7.04
N GLY C 277 47.82 42.66 -7.53
CA GLY C 277 48.49 42.31 -8.75
C GLY C 277 47.71 42.60 -10.02
N PRO C 278 48.28 42.24 -11.17
CA PRO C 278 47.67 42.58 -12.45
C PRO C 278 46.47 41.69 -12.77
N ILE C 279 45.65 42.18 -13.69
CA ILE C 279 44.53 41.42 -14.25
C ILE C 279 45.10 40.47 -15.29
N PRO C 280 44.99 39.16 -15.09
CA PRO C 280 45.55 38.20 -16.06
C PRO C 280 44.99 38.42 -17.45
N PRO C 281 45.85 38.77 -18.42
CA PRO C 281 45.37 38.95 -19.80
C PRO C 281 44.87 37.66 -20.43
N ILE C 282 45.24 36.50 -19.87
CA ILE C 282 44.73 35.22 -20.38
C ILE C 282 43.21 35.16 -20.29
N LEU C 283 42.61 35.92 -19.37
CA LEU C 283 41.16 36.05 -19.29
C LEU C 283 40.56 36.46 -20.63
N GLY C 284 41.36 36.94 -21.56
CA GLY C 284 40.88 37.29 -22.88
C GLY C 284 40.37 36.12 -23.70
N ASN C 285 40.69 34.88 -23.31
CA ASN C 285 40.16 33.72 -24.01
C ASN C 285 38.93 33.15 -23.32
N LEU C 286 38.41 33.84 -22.30
CA LEU C 286 37.11 33.53 -21.71
C LEU C 286 36.01 34.11 -22.60
N SER C 287 36.04 33.68 -23.87
CA SER C 287 35.28 34.30 -24.94
C SER C 287 33.78 34.27 -24.72
N PHE C 288 33.29 33.52 -23.73
CA PHE C 288 31.87 33.25 -23.63
C PHE C 288 31.28 33.57 -22.26
N THR C 289 32.07 34.15 -21.35
CA THR C 289 31.57 34.56 -20.05
C THR C 289 30.73 35.83 -20.18
N GLY C 290 29.71 35.92 -19.33
CA GLY C 290 28.82 37.07 -19.36
C GLY C 290 29.22 38.19 -18.42
N LYS C 291 29.67 37.86 -17.22
CA LYS C 291 29.99 38.85 -16.19
C LYS C 291 31.42 38.67 -15.73
N LEU C 292 32.11 39.79 -15.55
CA LEU C 292 33.43 39.82 -14.93
C LEU C 292 33.42 40.93 -13.88
N TYR C 293 33.35 40.54 -12.62
CA TYR C 293 33.29 41.50 -11.52
C TYR C 293 34.57 41.40 -10.70
N LEU C 294 35.61 42.10 -11.16
CA LEU C 294 36.88 42.14 -10.44
C LEU C 294 37.01 43.39 -9.56
N HIS C 295 35.90 44.10 -9.32
CA HIS C 295 35.93 45.34 -8.56
C HIS C 295 36.09 45.05 -7.07
N GLY C 296 36.45 46.08 -6.30
CA GLY C 296 36.58 45.92 -4.87
C GLY C 296 37.92 45.40 -4.41
N ASN C 297 38.80 45.02 -5.33
CA ASN C 297 40.11 44.47 -5.01
C ASN C 297 41.12 45.62 -4.95
N MET C 298 42.41 45.28 -4.93
CA MET C 298 43.49 46.26 -5.09
C MET C 298 44.28 45.97 -6.36
N LEU C 299 43.60 45.49 -7.40
CA LEU C 299 44.28 45.11 -8.64
C LEU C 299 44.97 46.31 -9.26
N THR C 300 46.25 46.13 -9.57
CA THR C 300 47.09 47.18 -10.13
C THR C 300 47.50 46.80 -11.55
N GLY C 301 48.03 47.78 -12.28
CA GLY C 301 48.43 47.56 -13.65
C GLY C 301 47.35 47.99 -14.63
N PRO C 302 47.63 47.83 -15.92
CA PRO C 302 46.70 48.30 -16.94
C PRO C 302 45.52 47.34 -17.14
N ILE C 303 44.50 47.85 -17.81
CA ILE C 303 43.41 47.02 -18.29
C ILE C 303 43.92 46.22 -19.48
N PRO C 304 43.93 44.89 -19.42
CA PRO C 304 44.43 44.11 -20.55
C PRO C 304 43.61 44.37 -21.81
N SER C 305 44.31 44.75 -22.89
CA SER C 305 43.63 44.97 -24.16
C SER C 305 42.94 43.70 -24.64
N GLU C 306 43.48 42.53 -24.28
CA GLU C 306 42.89 41.27 -24.66
C GLU C 306 41.51 41.06 -24.05
N LEU C 307 41.08 41.94 -23.14
CA LEU C 307 39.70 41.91 -22.68
C LEU C 307 38.71 42.22 -23.78
N GLY C 308 39.19 42.70 -24.94
CA GLY C 308 38.31 42.82 -26.09
C GLY C 308 38.02 41.52 -26.80
N ASN C 309 38.74 40.46 -26.44
CA ASN C 309 38.52 39.12 -26.98
C ASN C 309 37.49 38.33 -26.17
N MET C 310 36.72 39.01 -25.33
CA MET C 310 35.66 38.39 -24.52
C MET C 310 34.29 38.55 -25.17
N SER C 311 34.23 38.47 -26.50
CA SER C 311 33.13 38.92 -27.34
C SER C 311 31.73 38.78 -26.75
N ARG C 312 31.52 37.79 -25.88
CA ARG C 312 30.20 37.54 -25.31
C ARG C 312 29.98 38.26 -23.98
N LEU C 313 30.82 39.22 -23.63
CA LEU C 313 30.70 39.90 -22.34
C LEU C 313 29.54 40.88 -22.33
N SER C 314 28.85 40.94 -21.19
CA SER C 314 27.75 41.87 -21.00
C SER C 314 27.83 42.72 -19.74
N TYR C 315 28.68 42.38 -18.77
CA TYR C 315 28.74 43.13 -17.52
C TYR C 315 30.19 43.15 -17.05
N LEU C 316 30.87 44.28 -17.28
CA LEU C 316 32.27 44.42 -16.91
C LEU C 316 32.39 45.45 -15.79
N GLN C 317 32.97 45.04 -14.66
CA GLN C 317 33.08 45.91 -13.48
C GLN C 317 34.48 45.77 -12.89
N LEU C 318 35.36 46.69 -13.26
CA LEU C 318 36.72 46.75 -12.75
C LEU C 318 36.92 47.91 -11.77
N ASN C 319 35.84 48.57 -11.36
CA ASN C 319 35.91 49.80 -10.58
C ASN C 319 36.52 49.56 -9.20
N ASP C 320 36.98 50.65 -8.58
CA ASP C 320 37.43 50.63 -7.19
C ASP C 320 38.64 49.71 -7.02
N ASN C 321 39.63 49.90 -7.86
CA ASN C 321 40.90 49.18 -7.76
C ASN C 321 42.03 50.20 -7.81
N LYS C 322 43.20 49.76 -8.24
CA LYS C 322 44.32 50.65 -8.50
C LYS C 322 44.85 50.44 -9.91
N LEU C 323 43.94 50.25 -10.86
CA LEU C 323 44.33 50.14 -12.26
C LEU C 323 44.91 51.46 -12.75
N VAL C 324 45.97 51.37 -13.55
CA VAL C 324 46.63 52.56 -14.09
C VAL C 324 46.57 52.52 -15.61
N GLY C 325 47.15 53.52 -16.26
CA GLY C 325 47.23 53.56 -17.71
C GLY C 325 45.91 53.90 -18.39
N THR C 326 45.89 53.61 -19.69
CA THR C 326 44.84 54.05 -20.59
C THR C 326 43.66 53.09 -20.61
N ILE C 327 42.53 53.59 -21.08
CA ILE C 327 41.40 52.74 -21.45
C ILE C 327 41.65 52.17 -22.84
N PRO C 328 41.52 50.85 -23.04
CA PRO C 328 41.82 50.28 -24.35
C PRO C 328 40.69 50.52 -25.34
N PRO C 329 41.00 50.95 -26.56
CA PRO C 329 39.95 51.14 -27.57
C PRO C 329 39.26 49.85 -27.97
N GLU C 330 39.93 48.70 -27.83
CA GLU C 330 39.38 47.41 -28.25
C GLU C 330 38.07 47.07 -27.55
N LEU C 331 37.70 47.79 -26.48
CA LEU C 331 36.39 47.62 -25.88
C LEU C 331 35.25 47.89 -26.85
N GLY C 332 35.53 48.49 -28.01
CA GLY C 332 34.54 48.53 -29.07
C GLY C 332 34.16 47.16 -29.58
N LYS C 333 35.06 46.18 -29.42
CA LYS C 333 34.79 44.82 -29.91
C LYS C 333 33.62 44.18 -29.15
N LEU C 334 33.51 44.47 -27.86
CA LEU C 334 32.44 43.89 -27.05
C LEU C 334 31.09 44.45 -27.45
N GLU C 335 30.45 43.83 -28.45
CA GLU C 335 29.17 44.29 -28.96
C GLU C 335 28.00 43.90 -28.10
N GLN C 336 28.22 43.10 -27.05
CA GLN C 336 27.17 42.67 -26.14
C GLN C 336 27.24 43.36 -24.79
N LEU C 337 28.04 44.42 -24.66
CA LEU C 337 28.35 45.01 -23.37
C LEU C 337 27.22 45.92 -22.94
N PHE C 338 26.63 45.63 -21.78
CA PHE C 338 25.56 46.45 -21.21
C PHE C 338 26.11 47.48 -20.23
N GLU C 339 26.94 47.04 -19.29
CA GLU C 339 27.41 47.87 -18.18
C GLU C 339 28.93 47.85 -18.15
N LEU C 340 29.54 49.02 -18.34
CA LEU C 340 30.98 49.17 -18.23
C LEU C 340 31.28 50.13 -17.09
N ASN C 341 31.93 49.62 -16.05
CA ASN C 341 32.15 50.39 -14.81
C ASN C 341 33.63 50.32 -14.45
N LEU C 342 34.38 51.37 -14.83
CA LEU C 342 35.79 51.50 -14.51
C LEU C 342 36.07 52.63 -13.52
N ALA C 343 35.15 52.86 -12.58
CA ALA C 343 35.23 54.00 -11.68
C ALA C 343 36.35 53.86 -10.65
N ASN C 344 36.70 55.00 -10.05
CA ASN C 344 37.57 55.05 -8.87
C ASN C 344 38.92 54.36 -9.09
N ASN C 345 39.48 54.48 -10.30
CA ASN C 345 40.78 53.93 -10.61
C ASN C 345 41.78 55.08 -10.80
N ARG C 346 42.85 54.84 -11.56
CA ARG C 346 43.85 55.86 -11.88
C ARG C 346 44.02 55.96 -13.38
N LEU C 347 42.97 55.65 -14.13
CA LEU C 347 43.07 55.60 -15.58
C LEU C 347 43.43 56.97 -16.14
N VAL C 348 44.38 56.98 -17.08
CA VAL C 348 44.92 58.20 -17.66
C VAL C 348 44.61 58.21 -19.15
N GLY C 349 44.52 59.42 -19.71
CA GLY C 349 44.24 59.57 -21.11
C GLY C 349 42.76 59.70 -21.41
N PRO C 350 42.42 59.82 -22.68
CA PRO C 350 41.03 60.07 -23.07
C PRO C 350 40.24 58.78 -23.27
N ILE C 351 38.93 58.94 -23.28
CA ILE C 351 38.01 57.86 -23.65
C ILE C 351 38.15 57.58 -25.15
N PRO C 352 38.40 56.35 -25.55
CA PRO C 352 38.60 56.06 -26.97
C PRO C 352 37.29 56.19 -27.73
N SER C 353 37.38 56.72 -28.95
CA SER C 353 36.20 56.89 -29.77
C SER C 353 35.61 55.54 -30.17
N ASN C 354 36.45 54.50 -30.25
CA ASN C 354 36.00 53.15 -30.58
C ASN C 354 34.88 52.70 -29.66
N ILE C 355 34.90 53.15 -28.40
CA ILE C 355 33.92 52.73 -27.42
C ILE C 355 32.52 53.17 -27.80
N SER C 356 32.39 54.11 -28.76
CA SER C 356 31.09 54.47 -29.29
C SER C 356 30.46 53.36 -30.12
N SER C 357 31.11 52.20 -30.23
CA SER C 357 30.63 51.08 -31.03
C SER C 357 29.79 50.10 -30.23
N CYS C 358 29.79 50.21 -28.90
CA CYS C 358 28.98 49.32 -28.08
C CYS C 358 27.51 49.71 -28.20
N ALA C 359 26.89 49.40 -29.34
CA ALA C 359 25.48 49.75 -29.54
C ALA C 359 24.58 49.24 -28.41
N ALA C 360 25.03 48.23 -27.65
CA ALA C 360 24.28 47.73 -26.51
C ALA C 360 24.67 48.39 -25.20
N LEU C 361 25.66 49.28 -25.19
CA LEU C 361 26.07 49.92 -23.95
C LEU C 361 24.89 50.64 -23.30
N ASN C 362 24.72 50.39 -22.02
CA ASN C 362 23.55 50.80 -21.24
C ASN C 362 23.94 51.61 -20.02
N GLN C 363 25.02 51.24 -19.35
CA GLN C 363 25.62 52.05 -18.29
C GLN C 363 27.10 52.26 -18.61
N PHE C 364 27.55 53.50 -18.50
CA PHE C 364 28.95 53.86 -18.68
C PHE C 364 29.39 54.72 -17.52
N ASN C 365 30.38 54.26 -16.75
CA ASN C 365 30.77 54.95 -15.53
C ASN C 365 32.29 54.92 -15.40
N VAL C 366 32.93 56.08 -15.54
CA VAL C 366 34.36 56.24 -15.34
C VAL C 366 34.66 57.30 -14.27
N HIS C 367 33.72 57.55 -13.36
CA HIS C 367 33.91 58.50 -12.28
C HIS C 367 35.15 58.19 -11.46
N GLY C 368 35.94 59.22 -11.17
CA GLY C 368 36.99 59.10 -10.19
C GLY C 368 38.33 58.65 -10.71
N ASN C 369 38.65 58.96 -11.97
CA ASN C 369 39.93 58.61 -12.56
C ASN C 369 40.74 59.90 -12.79
N LEU C 370 41.77 59.79 -13.62
CA LEU C 370 42.52 60.96 -14.09
C LEU C 370 42.31 61.17 -15.59
N LEU C 371 41.14 60.79 -16.10
CA LEU C 371 40.88 60.85 -17.53
C LEU C 371 40.89 62.30 -18.02
N SER C 372 41.42 62.49 -19.23
CA SER C 372 41.59 63.82 -19.80
C SER C 372 40.77 63.95 -21.08
N GLY C 373 41.20 64.82 -21.98
CA GLY C 373 40.59 64.97 -23.29
C GLY C 373 39.11 65.33 -23.25
N SER C 374 38.51 65.29 -24.45
CA SER C 374 37.11 65.60 -24.62
C SER C 374 36.29 64.33 -24.87
N ILE C 375 35.02 64.39 -24.52
CA ILE C 375 34.01 63.42 -24.96
C ILE C 375 34.11 63.27 -26.48
N PRO C 376 34.42 62.10 -27.01
CA PRO C 376 34.40 61.92 -28.46
C PRO C 376 33.00 62.18 -29.02
N LEU C 377 32.97 62.69 -30.25
CA LEU C 377 31.69 63.06 -30.85
C LEU C 377 30.85 61.83 -31.16
N ALA C 378 31.50 60.74 -31.59
CA ALA C 378 30.78 59.53 -31.96
C ALA C 378 29.87 58.99 -30.87
N PHE C 379 29.94 59.54 -29.65
CA PHE C 379 28.99 59.20 -28.61
C PHE C 379 27.54 59.52 -28.98
N ARG C 380 27.31 60.21 -30.09
CA ARG C 380 25.95 60.30 -30.61
C ARG C 380 25.37 58.92 -30.91
N ASN C 381 26.24 57.93 -31.12
CA ASN C 381 25.86 56.59 -31.54
C ASN C 381 25.58 55.65 -30.38
N LEU C 382 25.57 56.14 -29.14
CA LEU C 382 25.27 55.30 -27.97
C LEU C 382 23.81 55.34 -27.55
N GLY C 383 22.87 55.37 -28.50
CA GLY C 383 21.44 55.44 -28.25
C GLY C 383 20.86 54.55 -27.17
N SER C 384 21.51 53.42 -26.89
CA SER C 384 21.00 52.49 -25.88
C SER C 384 21.41 52.87 -24.46
N LEU C 385 22.08 54.00 -24.28
CA LEU C 385 22.62 54.36 -22.96
C LEU C 385 21.53 54.77 -22.01
N THR C 386 21.50 54.13 -20.84
CA THR C 386 20.63 54.52 -19.74
C THR C 386 21.30 55.52 -18.81
N TYR C 387 22.55 55.23 -18.40
CA TYR C 387 23.20 55.90 -17.29
C TYR C 387 24.59 56.33 -17.73
N LEU C 388 24.84 57.65 -17.73
CA LEU C 388 26.10 58.23 -18.17
C LEU C 388 26.74 58.95 -17.01
N ASN C 389 27.93 58.49 -16.61
CA ASN C 389 28.64 59.07 -15.48
C ASN C 389 30.10 59.27 -15.87
N LEU C 390 30.52 60.53 -15.91
CA LEU C 390 31.91 60.92 -16.15
C LEU C 390 32.46 61.83 -15.06
N SER C 391 31.86 61.79 -13.87
CA SER C 391 32.17 62.76 -12.83
C SER C 391 33.61 62.63 -12.34
N SER C 392 34.10 63.73 -11.75
CA SER C 392 35.39 63.78 -11.06
C SER C 392 36.54 63.31 -11.95
N ASN C 393 36.60 63.91 -13.15
CA ASN C 393 37.69 63.65 -14.08
C ASN C 393 38.15 64.98 -14.66
N ASN C 394 39.24 64.94 -15.41
CA ASN C 394 39.75 66.16 -16.05
C ASN C 394 39.27 66.32 -17.49
N PHE C 395 38.06 65.87 -17.82
CA PHE C 395 37.52 66.06 -19.16
C PHE C 395 37.39 67.55 -19.47
N LYS C 396 37.70 67.91 -20.71
CA LYS C 396 37.62 69.31 -21.13
C LYS C 396 36.85 69.44 -22.43
N GLY C 397 36.97 70.60 -23.08
CA GLY C 397 36.26 70.89 -24.31
C GLY C 397 34.83 71.32 -24.06
N LYS C 398 33.92 70.89 -24.91
CA LYS C 398 32.51 71.22 -24.78
C LYS C 398 31.69 69.96 -24.65
N ILE C 399 30.47 70.13 -24.14
CA ILE C 399 29.50 69.04 -24.04
C ILE C 399 28.88 68.86 -25.42
N PRO C 400 29.09 67.72 -26.08
CA PRO C 400 28.65 67.58 -27.47
C PRO C 400 27.15 67.82 -27.61
N VAL C 401 26.78 68.50 -28.69
CA VAL C 401 25.36 68.75 -28.96
C VAL C 401 24.63 67.43 -29.16
N GLU C 402 25.23 66.52 -29.93
CA GLU C 402 24.64 65.23 -30.23
C GLU C 402 24.38 64.39 -28.98
N LEU C 403 24.94 64.78 -27.83
CA LEU C 403 24.64 64.10 -26.59
C LEU C 403 23.15 64.16 -26.27
N GLY C 404 22.45 65.17 -26.78
CA GLY C 404 21.01 65.24 -26.59
C GLY C 404 20.23 64.21 -27.38
N HIS C 405 20.88 63.49 -28.29
CA HIS C 405 20.21 62.52 -29.14
C HIS C 405 20.28 61.10 -28.58
N ILE C 406 20.89 60.91 -27.40
CA ILE C 406 20.83 59.65 -26.68
C ILE C 406 19.53 59.70 -25.87
N ILE C 407 18.47 59.13 -26.43
CA ILE C 407 17.12 59.43 -25.95
C ILE C 407 16.85 58.78 -24.61
N ASN C 408 17.31 57.54 -24.42
CA ASN C 408 16.99 56.77 -23.23
C ASN C 408 17.85 57.16 -22.01
N LEU C 409 18.55 58.29 -22.07
CA LEU C 409 19.31 58.77 -20.92
C LEU C 409 18.37 59.24 -19.82
N ASP C 410 18.49 58.65 -18.63
CA ASP C 410 17.76 59.12 -17.47
C ASP C 410 18.64 59.49 -16.28
N LYS C 411 19.97 59.40 -16.41
CA LYS C 411 20.89 59.84 -15.36
C LYS C 411 22.17 60.34 -16.04
N LEU C 412 22.32 61.65 -16.12
CA LEU C 412 23.51 62.28 -16.71
C LEU C 412 24.29 63.01 -15.63
N ASP C 413 25.56 62.66 -15.48
CA ASP C 413 26.41 63.24 -14.44
C ASP C 413 27.77 63.58 -15.07
N LEU C 414 27.98 64.87 -15.34
CA LEU C 414 29.24 65.36 -15.88
C LEU C 414 30.04 66.19 -14.87
N SER C 415 29.68 66.12 -13.58
CA SER C 415 30.28 66.98 -12.56
C SER C 415 31.78 66.75 -12.44
N GLY C 416 32.49 67.78 -11.99
CA GLY C 416 33.87 67.62 -11.59
C GLY C 416 34.92 67.70 -12.68
N ASN C 417 34.56 68.20 -13.86
CA ASN C 417 35.49 68.29 -14.98
C ASN C 417 35.52 69.74 -15.48
N ASN C 418 36.43 70.02 -16.40
CA ASN C 418 36.58 71.38 -16.95
C ASN C 418 35.91 71.49 -18.32
N PHE C 419 34.58 71.36 -18.36
CA PHE C 419 33.86 71.60 -19.60
C PHE C 419 33.59 73.10 -19.76
N SER C 420 33.58 73.54 -21.02
CA SER C 420 33.44 74.97 -21.31
C SER C 420 32.21 75.23 -22.16
N GLY C 421 32.17 76.40 -22.81
CA GLY C 421 31.05 76.78 -23.65
C GLY C 421 29.76 76.89 -22.85
N SER C 422 28.67 77.03 -23.59
CA SER C 422 27.33 77.04 -23.04
C SER C 422 26.72 75.65 -23.12
N ILE C 423 25.73 75.41 -22.27
CA ILE C 423 25.07 74.11 -22.20
C ILE C 423 24.32 73.86 -23.50
N PRO C 424 24.38 72.65 -24.06
CA PRO C 424 23.62 72.40 -25.29
C PRO C 424 22.12 72.45 -25.07
N LEU C 425 21.42 73.08 -26.02
CA LEU C 425 19.96 73.11 -25.97
C LEU C 425 19.35 71.73 -26.20
N THR C 426 20.06 70.83 -26.89
CA THR C 426 19.53 69.49 -27.11
C THR C 426 19.44 68.70 -25.81
N LEU C 427 20.26 69.05 -24.82
CA LEU C 427 20.09 68.51 -23.47
C LEU C 427 18.66 68.65 -22.99
N GLY C 428 17.93 69.62 -23.52
CA GLY C 428 16.54 69.83 -23.11
C GLY C 428 15.60 68.70 -23.51
N ASP C 429 15.86 68.05 -24.65
CA ASP C 429 14.92 67.03 -25.12
C ASP C 429 15.29 65.63 -24.63
N LEU C 430 16.16 65.52 -23.64
CA LEU C 430 16.37 64.27 -22.90
C LEU C 430 15.10 63.99 -22.09
N GLU C 431 14.07 63.51 -22.81
CA GLU C 431 12.73 63.43 -22.24
C GLU C 431 12.68 62.55 -20.99
N HIS C 432 13.48 61.49 -20.94
CA HIS C 432 13.43 60.54 -19.83
C HIS C 432 14.37 60.90 -18.70
N LEU C 433 15.13 61.99 -18.81
CA LEU C 433 16.15 62.30 -17.82
C LEU C 433 15.54 62.48 -16.43
N LEU C 434 16.31 62.08 -15.41
CA LEU C 434 15.90 62.14 -14.01
C LEU C 434 16.90 62.90 -13.15
N ILE C 435 18.19 62.66 -13.33
CA ILE C 435 19.25 63.39 -12.63
C ILE C 435 20.13 64.05 -13.67
N LEU C 436 20.41 65.34 -13.47
CA LEU C 436 21.30 66.11 -14.34
C LEU C 436 22.26 66.88 -13.44
N ASN C 437 23.47 66.36 -13.26
CA ASN C 437 24.45 67.00 -12.38
C ASN C 437 25.64 67.43 -13.25
N LEU C 438 25.63 68.68 -13.69
CA LEU C 438 26.71 69.25 -14.48
C LEU C 438 27.62 70.17 -13.66
N SER C 439 27.54 70.11 -12.34
CA SER C 439 28.17 71.10 -11.47
C SER C 439 29.68 70.90 -11.43
N ARG C 440 30.35 71.75 -10.63
CA ARG C 440 31.80 71.78 -10.51
C ARG C 440 32.48 71.68 -11.87
N ASN C 441 32.23 72.69 -12.69
CA ASN C 441 32.69 72.75 -14.08
C ASN C 441 33.06 74.21 -14.37
N HIS C 442 33.14 74.54 -15.66
CA HIS C 442 33.30 75.91 -16.11
C HIS C 442 32.27 76.25 -17.17
N LEU C 443 31.02 75.83 -16.96
CA LEU C 443 29.96 76.12 -17.91
C LEU C 443 29.59 77.60 -17.87
N SER C 444 29.38 78.18 -19.03
CA SER C 444 29.16 79.61 -19.16
C SER C 444 27.85 79.89 -19.90
N GLY C 445 27.49 81.18 -19.93
CA GLY C 445 26.40 81.63 -20.77
C GLY C 445 25.02 81.38 -20.19
N GLN C 446 24.05 81.22 -21.09
CA GLN C 446 22.64 81.15 -20.72
C GLN C 446 22.29 79.78 -20.14
N LEU C 447 21.39 79.81 -19.15
CA LEU C 447 20.80 78.60 -18.60
C LEU C 447 19.69 78.12 -19.54
N PRO C 448 19.95 77.11 -20.36
CA PRO C 448 19.05 76.79 -21.49
C PRO C 448 17.63 76.51 -21.00
N ALA C 449 16.69 77.34 -21.46
CA ALA C 449 15.29 77.25 -21.03
C ALA C 449 14.62 75.96 -21.49
N GLU C 450 15.25 75.19 -22.39
CA GLU C 450 14.72 73.89 -22.76
C GLU C 450 14.66 72.93 -21.58
N PHE C 451 15.26 73.27 -20.44
CA PHE C 451 15.06 72.51 -19.22
C PHE C 451 13.61 72.52 -18.76
N GLY C 452 12.77 73.38 -19.35
CA GLY C 452 11.34 73.29 -19.11
C GLY C 452 10.71 72.05 -19.70
N ASN C 453 11.39 71.40 -20.64
CA ASN C 453 10.88 70.20 -21.31
C ASN C 453 11.46 68.91 -20.73
N LEU C 454 12.32 69.00 -19.72
CA LEU C 454 12.79 67.83 -18.98
C LEU C 454 11.66 67.40 -18.05
N ARG C 455 10.71 66.66 -18.61
CA ARG C 455 9.44 66.44 -17.92
C ARG C 455 9.61 65.59 -16.67
N SER C 456 10.37 64.49 -16.76
CA SER C 456 10.54 63.56 -15.65
C SER C 456 11.68 63.94 -14.70
N ILE C 457 12.27 65.13 -14.86
CA ILE C 457 13.49 65.45 -14.13
C ILE C 457 13.22 65.50 -12.63
N GLN C 458 14.26 65.19 -11.85
CA GLN C 458 14.18 65.17 -10.40
C GLN C 458 15.20 66.08 -9.71
N MET C 459 16.39 66.23 -10.28
CA MET C 459 17.50 66.88 -9.60
C MET C 459 18.37 67.58 -10.64
N ILE C 460 18.33 68.92 -10.65
CA ILE C 460 19.19 69.69 -11.55
C ILE C 460 20.23 70.40 -10.70
N ASP C 461 21.50 70.03 -10.88
CA ASP C 461 22.62 70.68 -10.21
C ASP C 461 23.61 71.15 -11.27
N VAL C 462 23.39 72.37 -11.78
CA VAL C 462 24.35 73.02 -12.66
C VAL C 462 25.19 74.04 -11.89
N SER C 463 25.31 73.87 -10.58
CA SER C 463 25.99 74.83 -9.72
C SER C 463 27.48 74.91 -10.02
N PHE C 464 28.14 75.85 -9.36
CA PHE C 464 29.60 76.02 -9.40
C PHE C 464 30.10 76.10 -10.84
N ASN C 465 29.68 77.18 -11.51
CA ASN C 465 30.01 77.40 -12.91
C ASN C 465 30.10 78.90 -13.15
N LEU C 466 30.30 79.27 -14.42
CA LEU C 466 30.28 80.66 -14.86
C LEU C 466 28.98 80.99 -15.60
N LEU C 467 27.86 80.41 -15.16
CA LEU C 467 26.59 80.59 -15.84
C LEU C 467 26.03 81.99 -15.57
N SER C 468 25.86 82.76 -16.64
CA SER C 468 25.33 84.10 -16.56
C SER C 468 23.85 84.12 -16.96
N GLY C 469 23.26 85.30 -16.92
CA GLY C 469 21.91 85.48 -17.39
C GLY C 469 20.86 85.36 -16.29
N VAL C 470 19.63 85.14 -16.73
CA VAL C 470 18.50 85.08 -15.82
C VAL C 470 18.15 83.60 -15.57
N ILE C 471 17.32 83.37 -14.56
CA ILE C 471 16.78 82.03 -14.29
C ILE C 471 15.55 81.86 -15.18
N PRO C 472 15.54 80.85 -16.06
CA PRO C 472 14.40 80.68 -16.98
C PRO C 472 13.07 80.62 -16.24
N THR C 473 12.03 81.17 -16.87
CA THR C 473 10.70 81.14 -16.30
C THR C 473 10.02 79.79 -16.49
N GLU C 474 10.43 79.01 -17.50
CA GLU C 474 9.80 77.74 -17.78
C GLU C 474 10.05 76.67 -16.72
N LEU C 475 10.99 76.89 -15.80
CA LEU C 475 11.23 75.90 -14.76
C LEU C 475 10.03 75.64 -13.87
N GLY C 476 9.01 76.50 -13.92
CA GLY C 476 7.77 76.24 -13.21
C GLY C 476 6.97 75.09 -13.77
N GLN C 477 7.28 74.64 -14.99
CA GLN C 477 6.58 73.52 -15.59
C GLN C 477 7.02 72.18 -15.05
N LEU C 478 8.19 72.12 -14.42
CA LEU C 478 8.74 70.86 -13.94
C LEU C 478 7.98 70.36 -12.72
N GLN C 479 6.95 69.55 -12.95
CA GLN C 479 6.14 68.99 -11.87
C GLN C 479 6.74 67.71 -11.30
N ASN C 480 8.06 67.55 -11.36
CA ASN C 480 8.74 66.43 -10.73
C ASN C 480 10.06 66.82 -10.07
N LEU C 481 10.48 68.08 -10.16
CA LEU C 481 11.81 68.51 -9.73
C LEU C 481 11.80 68.77 -8.23
N ASN C 482 12.52 67.96 -7.45
CA ASN C 482 12.57 68.12 -6.01
C ASN C 482 13.88 68.69 -5.50
N SER C 483 14.86 68.90 -6.37
CA SER C 483 16.09 69.58 -5.99
C SER C 483 16.58 70.44 -7.15
N LEU C 484 16.63 71.75 -6.92
CA LEU C 484 17.06 72.72 -7.94
C LEU C 484 18.20 73.52 -7.33
N ILE C 485 19.44 73.13 -7.65
CA ILE C 485 20.62 73.75 -7.07
C ILE C 485 21.33 74.53 -8.18
N LEU C 486 21.23 75.86 -8.09
CA LEU C 486 21.84 76.77 -9.04
C LEU C 486 22.98 77.56 -8.39
N ASN C 487 23.47 77.08 -7.25
CA ASN C 487 24.41 77.79 -6.38
C ASN C 487 25.71 78.14 -7.11
N ASN C 488 26.38 79.17 -6.57
CA ASN C 488 27.73 79.59 -6.97
C ASN C 488 27.85 79.71 -8.50
N ASN C 489 27.20 80.76 -9.01
CA ASN C 489 27.16 81.01 -10.45
C ASN C 489 27.22 82.52 -10.64
N LYS C 490 26.76 82.99 -11.80
CA LYS C 490 26.75 84.42 -12.12
C LYS C 490 25.37 84.92 -12.54
N LEU C 491 24.29 84.22 -12.19
CA LEU C 491 22.99 84.65 -12.69
C LEU C 491 22.53 85.90 -11.93
N HIS C 492 21.51 86.54 -12.49
CA HIS C 492 21.02 87.81 -11.98
C HIS C 492 19.52 87.90 -12.25
N GLY C 493 18.99 89.12 -12.20
CA GLY C 493 17.55 89.30 -12.28
C GLY C 493 16.90 88.82 -10.99
N LYS C 494 15.57 88.86 -10.99
CA LYS C 494 14.85 88.29 -9.85
C LYS C 494 14.49 86.83 -10.13
N ILE C 495 14.31 86.08 -9.05
CA ILE C 495 13.81 84.70 -9.17
C ILE C 495 12.45 84.73 -9.83
N PRO C 496 12.16 83.85 -10.79
CA PRO C 496 10.80 83.80 -11.34
C PRO C 496 9.81 83.45 -10.25
N ASP C 497 8.65 84.08 -10.30
CA ASP C 497 7.59 83.77 -9.34
C ASP C 497 6.87 82.47 -9.67
N GLN C 498 7.28 81.78 -10.73
CA GLN C 498 6.65 80.55 -11.17
C GLN C 498 7.12 79.33 -10.40
N LEU C 499 8.30 79.38 -9.77
CA LEU C 499 8.75 78.27 -8.95
C LEU C 499 7.84 78.06 -7.74
N ASN C 501 4.88 76.82 -8.33
CA ASN C 501 4.17 75.88 -9.18
C ASN C 501 4.92 74.56 -9.30
N CYS C 502 6.06 74.49 -8.62
CA CYS C 502 6.81 73.25 -8.49
C CYS C 502 6.57 72.66 -7.10
N PHE C 503 5.36 72.10 -6.94
CA PHE C 503 4.97 71.52 -5.65
C PHE C 503 5.88 70.38 -5.22
N THR C 504 6.70 69.86 -6.14
CA THR C 504 7.65 68.79 -5.82
C THR C 504 8.90 69.32 -5.13
N LEU C 505 9.30 70.55 -5.42
CA LEU C 505 10.51 71.11 -4.81
C LEU C 505 10.46 71.01 -3.30
N VAL C 506 11.57 70.55 -2.72
CA VAL C 506 11.72 70.40 -1.28
C VAL C 506 13.12 70.88 -0.95
N ASN C 507 13.87 71.29 -1.98
CA ASN C 507 15.25 71.70 -1.79
C ASN C 507 15.65 72.58 -2.97
N LEU C 508 15.69 73.89 -2.72
CA LEU C 508 16.20 74.89 -3.64
C LEU C 508 17.52 75.42 -3.09
N ASN C 509 18.45 75.73 -3.99
CA ASN C 509 19.69 76.40 -3.55
C ASN C 509 20.12 77.37 -4.65
N VAL C 510 19.55 78.56 -4.62
CA VAL C 510 20.18 79.72 -5.24
C VAL C 510 20.97 80.44 -4.15
N SER C 511 22.22 80.77 -4.45
CA SER C 511 23.12 81.36 -3.47
C SER C 511 24.40 81.73 -4.20
N PHE C 512 25.13 82.68 -3.64
CA PHE C 512 26.39 83.16 -4.20
C PHE C 512 26.22 83.45 -5.69
N ASN C 513 25.13 84.16 -6.00
CA ASN C 513 24.77 84.57 -7.33
C ASN C 513 24.74 86.09 -7.33
N ASN C 514 23.92 86.71 -8.18
CA ASN C 514 23.67 88.14 -8.12
C ASN C 514 22.21 88.46 -8.45
N LEU C 515 21.29 87.89 -7.68
CA LEU C 515 19.89 88.13 -7.95
C LEU C 515 19.49 89.52 -7.45
N SER C 516 18.38 90.01 -8.00
CA SER C 516 17.87 91.35 -7.70
C SER C 516 16.38 91.25 -7.41
N GLY C 517 16.04 91.11 -6.13
CA GLY C 517 14.65 91.15 -5.74
C GLY C 517 14.36 90.49 -4.40
N ILE C 518 13.21 89.85 -4.29
CA ILE C 518 12.83 89.13 -3.07
C ILE C 518 12.30 87.74 -3.38
N GLY D 24 -28.49 -26.47 -32.87
CA GLY D 24 -28.23 -25.69 -34.07
C GLY D 24 -28.57 -24.23 -33.93
N ALA D 25 -28.62 -23.75 -32.68
CA ALA D 25 -29.01 -22.38 -32.39
C ALA D 25 -27.81 -21.46 -32.43
N ARG D 26 -28.01 -20.25 -32.93
CA ARG D 26 -26.95 -19.26 -33.09
C ARG D 26 -27.37 -17.96 -32.43
N THR D 27 -26.38 -17.14 -32.10
CA THR D 27 -26.60 -15.92 -31.32
C THR D 27 -26.84 -14.72 -32.22
N GLU D 28 -27.30 -13.64 -31.60
CA GLU D 28 -27.60 -12.41 -32.31
C GLU D 28 -26.31 -11.62 -32.54
N PRO D 29 -26.06 -11.12 -33.76
CA PRO D 29 -24.72 -10.59 -34.08
C PRO D 29 -24.33 -9.33 -33.34
N ASP D 30 -25.23 -8.35 -33.24
CA ASP D 30 -24.86 -7.10 -32.59
C ASP D 30 -24.64 -7.29 -31.10
N GLU D 31 -25.38 -8.21 -30.47
CA GLU D 31 -25.10 -8.55 -29.08
C GLU D 31 -23.76 -9.25 -28.95
N GLN D 32 -23.38 -10.04 -29.94
CA GLN D 32 -22.08 -10.71 -29.90
C GLN D 32 -20.94 -9.70 -30.02
N ASP D 33 -21.07 -8.75 -30.94
CA ASP D 33 -20.04 -7.71 -31.06
C ASP D 33 -20.01 -6.84 -29.81
N ALA D 34 -21.17 -6.55 -29.23
CA ALA D 34 -21.20 -5.86 -27.95
C ALA D 34 -20.41 -6.64 -26.90
N VAL D 35 -20.56 -7.97 -26.88
CA VAL D 35 -19.80 -8.77 -25.95
C VAL D 35 -18.31 -8.70 -26.27
N TYR D 36 -17.95 -8.68 -27.55
CA TYR D 36 -16.53 -8.57 -27.92
C TYR D 36 -15.93 -7.28 -27.38
N ASP D 37 -16.61 -6.16 -27.63
CA ASP D 37 -16.11 -4.86 -27.16
C ASP D 37 -16.03 -4.80 -25.64
N ILE D 38 -17.06 -5.30 -24.96
CA ILE D 38 -17.06 -5.31 -23.50
C ILE D 38 -15.89 -6.13 -22.96
N MET D 39 -15.67 -7.31 -23.54
CA MET D 39 -14.62 -8.21 -23.06
C MET D 39 -13.23 -7.63 -23.32
N ARG D 40 -13.01 -7.05 -24.50
CA ARG D 40 -11.77 -6.34 -24.75
C ARG D 40 -11.59 -5.21 -23.75
N ALA D 41 -12.63 -4.40 -23.58
CA ALA D 41 -12.59 -3.25 -22.68
C ALA D 41 -12.18 -3.66 -21.26
N THR D 42 -12.65 -4.81 -20.80
CA THR D 42 -12.28 -5.25 -19.45
C THR D 42 -10.88 -5.81 -19.38
N GLY D 43 -10.26 -6.13 -20.52
CA GLY D 43 -8.91 -6.64 -20.56
C GLY D 43 -8.79 -8.08 -20.99
N ASN D 44 -9.90 -8.73 -21.36
CA ASN D 44 -9.93 -10.14 -21.69
C ASN D 44 -10.12 -10.29 -23.20
N ASP D 45 -9.03 -10.10 -23.93
CA ASP D 45 -9.05 -10.23 -25.39
C ASP D 45 -9.40 -11.65 -25.84
N TRP D 46 -9.22 -12.66 -24.97
CA TRP D 46 -9.41 -14.04 -25.37
C TRP D 46 -10.82 -14.29 -25.91
N ALA D 47 -11.80 -13.48 -25.48
CA ALA D 47 -13.16 -13.64 -25.95
C ALA D 47 -13.34 -13.30 -27.43
N ALA D 48 -12.28 -12.90 -28.11
CA ALA D 48 -12.37 -12.56 -29.53
C ALA D 48 -12.20 -13.77 -30.43
N ALA D 49 -11.31 -14.69 -30.05
CA ALA D 49 -11.13 -15.92 -30.83
C ALA D 49 -12.42 -16.73 -30.90
N ILE D 50 -13.31 -16.55 -29.92
CA ILE D 50 -14.52 -17.36 -29.75
C ILE D 50 -15.29 -17.41 -31.07
N PRO D 51 -15.67 -18.60 -31.56
CA PRO D 51 -16.45 -18.66 -32.81
C PRO D 51 -17.91 -18.33 -32.61
N ASP D 52 -18.39 -18.35 -31.36
CA ASP D 52 -19.75 -17.95 -31.01
C ASP D 52 -19.85 -17.81 -29.49
N VAL D 53 -20.31 -16.64 -29.06
CA VAL D 53 -20.16 -16.26 -27.66
C VAL D 53 -21.08 -17.07 -26.77
N CYS D 54 -22.30 -17.36 -27.23
CA CYS D 54 -23.31 -17.99 -26.38
C CYS D 54 -23.25 -19.51 -26.36
N ARG D 55 -22.46 -20.14 -27.24
CA ARG D 55 -22.23 -21.57 -27.16
C ARG D 55 -20.94 -21.94 -26.45
N GLY D 56 -19.95 -21.05 -26.47
CA GLY D 56 -18.73 -21.23 -25.71
C GLY D 56 -18.71 -20.40 -24.44
N ARG D 57 -19.61 -20.74 -23.53
CA ARG D 57 -19.92 -19.88 -22.39
C ARG D 57 -18.87 -20.01 -21.30
N TRP D 58 -18.38 -18.87 -20.83
CA TRP D 58 -17.48 -18.79 -19.68
C TRP D 58 -18.26 -18.33 -18.47
N HIS D 59 -17.69 -18.54 -17.28
CA HIS D 59 -18.42 -18.18 -16.07
C HIS D 59 -18.63 -16.67 -16.03
N GLY D 60 -19.90 -16.27 -16.01
CA GLY D 60 -20.26 -14.86 -15.94
C GLY D 60 -21.05 -14.37 -17.12
N ILE D 61 -21.23 -15.19 -18.15
CA ILE D 61 -22.11 -14.85 -19.25
C ILE D 61 -23.20 -15.91 -19.36
N GLU D 62 -24.44 -15.46 -19.35
CA GLU D 62 -25.59 -16.31 -19.55
C GLU D 62 -26.31 -15.89 -20.82
N CYS D 63 -27.06 -16.83 -21.39
CA CYS D 63 -27.79 -16.59 -22.62
C CYS D 63 -29.12 -17.31 -22.56
N MET D 64 -30.10 -16.74 -23.25
CA MET D 64 -31.42 -17.33 -23.35
C MET D 64 -31.86 -17.22 -24.81
N PRO D 65 -32.28 -18.32 -25.43
CA PRO D 65 -32.80 -18.24 -26.80
C PRO D 65 -34.28 -17.86 -26.80
N ASP D 66 -34.66 -17.05 -27.78
CA ASP D 66 -36.06 -16.67 -27.95
C ASP D 66 -36.73 -17.73 -28.84
N GLN D 67 -37.91 -17.40 -29.39
CA GLN D 67 -38.69 -18.39 -30.13
C GLN D 67 -38.03 -18.82 -31.43
N ASP D 68 -37.07 -18.06 -31.95
CA ASP D 68 -36.48 -18.33 -33.25
C ASP D 68 -35.13 -19.04 -33.15
N ASN D 69 -34.87 -19.72 -32.04
CA ASN D 69 -33.58 -20.40 -31.81
C ASN D 69 -32.42 -19.41 -31.94
N VAL D 70 -32.59 -18.22 -31.35
CA VAL D 70 -31.60 -17.15 -31.40
C VAL D 70 -31.24 -16.78 -29.97
N TYR D 71 -29.98 -17.01 -29.59
CA TYR D 71 -29.52 -16.72 -28.24
C TYR D 71 -29.33 -15.22 -28.04
N HIS D 72 -29.71 -14.74 -26.85
CA HIS D 72 -29.42 -13.38 -26.44
C HIS D 72 -28.69 -13.40 -25.11
N VAL D 73 -27.89 -12.36 -24.87
CA VAL D 73 -27.06 -12.29 -23.68
C VAL D 73 -27.89 -11.69 -22.55
N VAL D 74 -27.81 -12.31 -21.37
CA VAL D 74 -28.71 -11.98 -20.27
C VAL D 74 -27.98 -11.64 -18.98
N SER D 75 -26.77 -12.15 -18.77
CA SER D 75 -26.00 -11.88 -17.56
C SER D 75 -24.56 -11.62 -17.96
N LEU D 76 -24.00 -10.50 -17.49
CA LEU D 76 -22.62 -10.16 -17.80
C LEU D 76 -21.91 -9.75 -16.51
N SER D 77 -20.89 -10.52 -16.13
CA SER D 77 -20.22 -10.41 -14.83
C SER D 77 -18.72 -10.52 -15.03
N PHE D 78 -17.96 -9.76 -14.23
CA PHE D 78 -16.51 -9.74 -14.34
C PHE D 78 -15.77 -9.71 -13.01
N GLY D 79 -16.39 -10.02 -11.92
CA GLY D 79 -15.59 -9.94 -10.73
C GLY D 79 -15.15 -11.26 -10.17
N ALA D 80 -13.88 -11.40 -9.85
CA ALA D 80 -13.46 -12.65 -9.29
C ALA D 80 -13.71 -12.54 -7.82
N LEU D 81 -14.72 -13.22 -7.32
CA LEU D 81 -15.02 -13.24 -5.88
C LEU D 81 -13.87 -13.91 -5.16
N SER D 82 -13.43 -15.00 -5.76
CA SER D 82 -12.31 -15.85 -5.40
C SER D 82 -12.21 -16.93 -6.47
N ASP D 83 -11.40 -17.92 -6.16
CA ASP D 83 -11.09 -19.02 -7.05
C ASP D 83 -12.13 -20.05 -7.44
N ASP D 84 -13.23 -20.22 -6.71
CA ASP D 84 -14.16 -21.24 -7.17
C ASP D 84 -15.31 -20.63 -7.87
N THR D 85 -15.61 -19.40 -7.52
CA THR D 85 -16.70 -18.74 -8.19
C THR D 85 -16.19 -17.46 -8.73
N ALA D 86 -15.18 -17.58 -9.58
CA ALA D 86 -14.49 -16.46 -10.19
C ALA D 86 -14.75 -16.30 -11.67
N PHE D 87 -15.14 -15.08 -11.96
CA PHE D 87 -15.55 -14.48 -13.20
C PHE D 87 -14.27 -13.99 -13.90
N PRO D 88 -14.37 -13.58 -15.15
CA PRO D 88 -13.17 -13.07 -15.80
C PRO D 88 -12.71 -11.83 -15.09
N THR D 89 -11.45 -11.69 -14.74
CA THR D 89 -10.99 -10.49 -14.07
C THR D 89 -10.73 -9.39 -15.08
N CYS D 90 -10.46 -8.20 -14.57
CA CYS D 90 -10.19 -7.06 -15.43
C CYS D 90 -8.75 -6.61 -15.24
N ASP D 91 -8.28 -5.81 -16.19
CA ASP D 91 -6.95 -5.25 -16.08
C ASP D 91 -6.94 -4.15 -15.02
N PRO D 92 -6.22 -4.30 -13.90
CA PRO D 92 -6.22 -3.23 -12.89
C PRO D 92 -5.68 -1.92 -13.44
N GLN D 93 -4.75 -1.99 -14.39
CA GLN D 93 -4.11 -0.81 -14.95
C GLN D 93 -4.78 -0.32 -16.22
N ARG D 94 -5.69 -1.09 -16.83
CA ARG D 94 -6.19 -0.70 -18.15
C ARG D 94 -7.70 -0.69 -18.35
N SER D 95 -8.45 -1.51 -17.62
CA SER D 95 -9.83 -1.82 -18.02
C SER D 95 -10.72 -0.59 -17.98
N TYR D 96 -11.93 -0.75 -18.54
CA TYR D 96 -12.96 0.28 -18.47
C TYR D 96 -14.29 -0.41 -18.78
N VAL D 97 -15.37 0.34 -18.64
CA VAL D 97 -16.72 -0.15 -18.90
C VAL D 97 -17.15 0.32 -20.27
N SER D 98 -17.35 -0.63 -21.20
CA SER D 98 -17.65 -0.29 -22.58
C SER D 98 -19.07 0.25 -22.73
N GLU D 99 -19.21 1.28 -23.59
CA GLU D 99 -20.53 1.74 -23.99
C GLU D 99 -21.36 0.63 -24.63
N SER D 100 -20.69 -0.38 -25.20
CA SER D 100 -21.37 -1.41 -25.97
C SER D 100 -22.40 -2.18 -25.16
N LEU D 101 -22.33 -2.11 -23.82
CA LEU D 101 -23.38 -2.68 -22.98
C LEU D 101 -24.76 -2.25 -23.43
N THR D 102 -24.88 -1.04 -23.99
CA THR D 102 -26.16 -0.51 -24.41
C THR D 102 -26.83 -1.35 -25.48
N ARG D 103 -26.08 -2.24 -26.15
CA ARG D 103 -26.61 -3.04 -27.24
C ARG D 103 -27.09 -4.42 -26.81
N LEU D 104 -26.99 -4.73 -25.51
CA LEU D 104 -27.57 -5.96 -24.97
C LEU D 104 -29.01 -5.67 -24.54
N LYS D 105 -29.91 -5.75 -25.51
CA LYS D 105 -31.31 -5.40 -25.30
C LYS D 105 -32.00 -6.29 -24.27
N HIS D 106 -31.39 -7.41 -23.89
CA HIS D 106 -31.99 -8.35 -22.95
C HIS D 106 -31.14 -8.57 -21.71
N LEU D 107 -30.08 -7.77 -21.52
CA LEU D 107 -29.23 -7.91 -20.36
C LEU D 107 -30.04 -7.78 -19.08
N LYS D 108 -30.12 -8.87 -18.32
CA LYS D 108 -30.90 -8.91 -17.08
C LYS D 108 -30.06 -8.68 -15.84
N ALA D 109 -28.77 -8.99 -15.87
CA ALA D 109 -27.94 -8.77 -14.69
C ALA D 109 -26.53 -8.38 -15.10
N LEU D 110 -25.93 -7.48 -14.31
CA LEU D 110 -24.61 -6.94 -14.60
C LEU D 110 -23.84 -6.87 -13.29
N PHE D 111 -22.64 -7.45 -13.27
CA PHE D 111 -21.94 -7.69 -12.02
C PHE D 111 -20.47 -7.33 -12.19
N PHE D 112 -19.97 -6.44 -11.33
CA PHE D 112 -18.57 -6.07 -11.29
C PHE D 112 -18.11 -6.10 -9.84
N TYR D 113 -17.04 -6.84 -9.55
CA TYR D 113 -16.55 -7.01 -8.19
C TYR D 113 -15.04 -7.00 -8.21
N ARG D 114 -14.45 -6.01 -7.53
CA ARG D 114 -13.00 -5.84 -7.47
C ARG D 114 -12.39 -5.73 -8.88
N CYS D 115 -13.16 -5.14 -9.81
CA CYS D 115 -12.68 -4.80 -11.15
C CYS D 115 -12.56 -3.29 -11.26
N LEU D 116 -11.34 -2.81 -11.46
CA LEU D 116 -11.04 -1.38 -11.45
C LEU D 116 -11.11 -0.86 -12.88
N GLY D 117 -10.37 0.22 -13.14
CA GLY D 117 -10.24 0.81 -14.47
C GLY D 117 -8.89 1.49 -14.55
N ARG D 118 -8.55 1.97 -15.75
CA ARG D 118 -7.30 2.70 -15.93
C ARG D 118 -7.17 3.79 -14.88
N ALA D 119 -8.16 4.67 -14.83
CA ALA D 119 -8.27 5.71 -13.83
C ALA D 119 -9.64 5.53 -13.20
N PRO D 120 -9.71 5.33 -11.88
CA PRO D 120 -11.01 5.30 -11.20
C PRO D 120 -11.96 6.34 -11.79
N GLN D 121 -12.96 5.84 -12.49
CA GLN D 121 -13.81 6.65 -13.33
C GLN D 121 -15.12 6.93 -12.60
N ARG D 122 -16.09 7.47 -13.32
CA ARG D 122 -17.41 7.66 -12.76
C ARG D 122 -18.25 6.43 -13.10
N ILE D 123 -19.46 6.42 -12.59
CA ILE D 123 -20.43 5.40 -13.00
C ILE D 123 -21.00 5.88 -14.32
N PRO D 124 -20.88 5.10 -15.39
CA PRO D 124 -21.33 5.56 -16.70
C PRO D 124 -22.81 5.94 -16.71
N ALA D 125 -23.13 6.99 -17.45
CA ALA D 125 -24.53 7.40 -17.57
C ALA D 125 -25.32 6.48 -18.49
N PHE D 126 -24.65 5.82 -19.44
CA PHE D 126 -25.38 5.01 -20.43
C PHE D 126 -25.93 3.72 -19.84
N LEU D 127 -25.57 3.34 -18.62
CA LEU D 127 -26.23 2.23 -17.95
C LEU D 127 -27.74 2.42 -17.85
N GLY D 128 -28.23 3.66 -17.96
CA GLY D 128 -29.67 3.89 -18.02
C GLY D 128 -30.30 3.27 -19.26
N ARG D 129 -29.62 3.38 -20.40
CA ARG D 129 -30.23 3.07 -21.70
C ARG D 129 -30.73 1.63 -21.82
N LEU D 130 -30.43 0.76 -20.85
CA LEU D 130 -30.99 -0.59 -20.86
C LEU D 130 -32.00 -0.76 -19.73
N GLY D 131 -33.06 0.06 -19.76
CA GLY D 131 -33.94 0.16 -18.61
C GLY D 131 -34.82 -1.05 -18.41
N SER D 132 -35.49 -1.50 -19.47
CA SER D 132 -36.58 -2.46 -19.31
C SER D 132 -36.08 -3.84 -18.88
N SER D 133 -34.92 -4.25 -19.37
CA SER D 133 -34.45 -5.62 -19.12
C SER D 133 -33.74 -5.73 -17.76
N LEU D 134 -32.84 -4.81 -17.46
CA LEU D 134 -31.95 -4.95 -16.30
C LEU D 134 -32.73 -5.08 -15.01
N GLN D 135 -32.46 -6.14 -14.26
CA GLN D 135 -33.10 -6.37 -12.97
C GLN D 135 -32.09 -6.62 -11.84
N THR D 136 -30.79 -6.50 -12.12
CA THR D 136 -29.78 -6.65 -11.06
C THR D 136 -28.51 -5.93 -11.50
N LEU D 137 -28.09 -4.94 -10.71
CA LEU D 137 -26.91 -4.14 -11.03
C LEU D 137 -26.01 -4.09 -9.81
N VAL D 138 -24.89 -4.81 -9.88
CA VAL D 138 -23.90 -4.85 -8.80
C VAL D 138 -22.62 -4.22 -9.33
N LEU D 139 -22.15 -3.17 -8.62
CA LEU D 139 -20.87 -2.52 -8.89
C LEU D 139 -20.14 -2.39 -7.55
N ARG D 140 -19.67 -3.52 -7.05
CA ARG D 140 -19.13 -3.64 -5.70
C ARG D 140 -17.62 -3.51 -5.72
N GLU D 141 -17.08 -2.65 -4.86
CA GLU D 141 -15.64 -2.53 -4.62
C GLU D 141 -14.88 -2.30 -5.92
N ASN D 142 -15.28 -1.26 -6.65
CA ASN D 142 -14.68 -0.94 -7.93
C ASN D 142 -13.85 0.34 -7.90
N GLY D 143 -13.78 1.01 -6.76
CA GLY D 143 -13.06 2.27 -6.71
C GLY D 143 -13.71 3.38 -7.49
N PHE D 144 -14.99 3.23 -7.86
CA PHE D 144 -15.68 4.21 -8.67
C PHE D 144 -15.66 5.58 -8.01
N LEU D 145 -15.44 6.61 -8.83
CA LEU D 145 -15.35 7.99 -8.39
C LEU D 145 -16.63 8.76 -8.69
N GLY D 146 -16.85 9.82 -7.92
CA GLY D 146 -17.83 10.82 -8.25
C GLY D 146 -19.24 10.44 -7.85
N PRO D 147 -20.21 11.26 -8.21
CA PRO D 147 -21.59 11.09 -7.73
C PRO D 147 -22.29 9.93 -8.45
N ILE D 148 -23.53 9.71 -8.08
CA ILE D 148 -24.36 8.67 -8.69
C ILE D 148 -25.08 9.29 -9.88
N PRO D 149 -24.86 8.82 -11.11
CA PRO D 149 -25.68 9.25 -12.25
C PRO D 149 -27.16 9.25 -11.94
N ASP D 150 -27.87 10.30 -12.35
CA ASP D 150 -29.29 10.38 -12.06
C ASP D 150 -30.06 9.36 -12.89
N GLU D 151 -29.68 9.17 -14.15
CA GLU D 151 -30.38 8.26 -15.06
C GLU D 151 -30.30 6.80 -14.65
N LEU D 152 -29.53 6.45 -13.60
CA LEU D 152 -29.69 5.13 -12.99
C LEU D 152 -31.11 4.90 -12.50
N GLY D 153 -31.89 5.98 -12.32
CA GLY D 153 -33.29 5.82 -11.98
C GLY D 153 -34.14 5.31 -13.12
N ASN D 154 -33.72 5.59 -14.37
CA ASN D 154 -34.50 5.13 -15.52
C ASN D 154 -34.55 3.61 -15.60
N LEU D 155 -33.70 2.91 -14.84
CA LEU D 155 -33.81 1.47 -14.66
C LEU D 155 -35.01 1.15 -13.77
N THR D 156 -36.22 1.43 -14.27
CA THR D 156 -37.44 1.26 -13.48
C THR D 156 -37.58 -0.18 -12.97
N ASN D 157 -37.16 -1.15 -13.77
CA ASN D 157 -37.47 -2.56 -13.50
C ASN D 157 -36.42 -3.22 -12.62
N LEU D 158 -35.53 -2.44 -12.02
CA LEU D 158 -34.46 -2.99 -11.19
C LEU D 158 -35.03 -3.65 -9.95
N LYS D 159 -34.48 -4.82 -9.59
CA LYS D 159 -34.84 -5.53 -8.37
C LYS D 159 -33.76 -5.51 -7.31
N VAL D 160 -32.49 -5.39 -7.70
CA VAL D 160 -31.36 -5.48 -6.77
C VAL D 160 -30.30 -4.48 -7.22
N LEU D 161 -30.02 -3.49 -6.38
CA LEU D 161 -29.03 -2.46 -6.69
C LEU D 161 -27.97 -2.46 -5.60
N ASP D 162 -26.71 -2.65 -6.01
CA ASP D 162 -25.59 -2.70 -5.10
C ASP D 162 -24.46 -1.83 -5.63
N LEU D 163 -24.03 -0.86 -4.83
CA LEU D 163 -22.88 0.00 -5.12
C LEU D 163 -21.95 0.05 -3.91
N HIS D 164 -21.92 -1.03 -3.13
CA HIS D 164 -21.17 -1.10 -1.88
C HIS D 164 -19.68 -0.86 -2.10
N LYS D 165 -19.09 -0.08 -1.19
CA LYS D 165 -17.64 0.12 -1.09
C LYS D 165 -17.06 0.78 -2.34
N ASN D 166 -17.74 1.80 -2.85
CA ASN D 166 -17.12 2.63 -3.87
C ASN D 166 -16.64 3.93 -3.24
N HIS D 167 -16.42 4.96 -4.05
CA HIS D 167 -16.00 6.27 -3.58
C HIS D 167 -17.02 7.34 -3.96
N LEU D 168 -18.28 6.96 -4.12
CA LEU D 168 -19.27 7.92 -4.55
C LEU D 168 -19.50 8.99 -3.49
N ASN D 169 -19.95 10.15 -3.94
CA ASN D 169 -20.30 11.27 -3.08
C ASN D 169 -21.52 11.96 -3.67
N GLY D 170 -21.81 13.16 -3.21
CA GLY D 170 -23.01 13.84 -3.63
C GLY D 170 -24.27 13.16 -3.11
N SER D 171 -25.40 13.65 -3.62
CA SER D 171 -26.70 13.22 -3.15
C SER D 171 -27.03 11.80 -3.60
N ILE D 172 -28.09 11.25 -3.01
CA ILE D 172 -28.74 10.07 -3.53
C ILE D 172 -29.88 10.53 -4.46
N PRO D 173 -29.87 10.15 -5.73
CA PRO D 173 -30.86 10.69 -6.68
C PRO D 173 -32.28 10.42 -6.20
N LEU D 174 -33.17 11.39 -6.45
CA LEU D 174 -34.59 11.17 -6.20
C LEU D 174 -35.16 10.11 -7.14
N SER D 175 -34.58 9.97 -8.34
CA SER D 175 -35.03 8.97 -9.31
C SER D 175 -35.09 7.56 -8.72
N PHE D 176 -34.48 7.38 -7.55
CA PHE D 176 -34.49 6.07 -6.91
C PHE D 176 -35.88 5.69 -6.43
N ASN D 177 -36.76 6.67 -6.13
CA ASN D 177 -38.14 6.22 -5.87
C ASN D 177 -38.89 5.82 -7.14
N ARG D 178 -38.23 5.78 -8.29
CA ARG D 178 -38.80 5.23 -9.51
C ARG D 178 -38.62 3.71 -9.58
N PHE D 179 -38.02 3.11 -8.55
CA PHE D 179 -37.85 1.65 -8.47
C PHE D 179 -39.05 1.04 -7.74
N SER D 180 -40.19 1.01 -8.44
CA SER D 180 -41.41 0.49 -7.82
C SER D 180 -41.26 -0.96 -7.36
N GLY D 181 -40.32 -1.71 -7.92
CA GLY D 181 -40.13 -3.11 -7.62
C GLY D 181 -38.84 -3.50 -6.96
N LEU D 182 -38.05 -2.55 -6.48
CA LEU D 182 -36.76 -2.86 -5.87
C LEU D 182 -36.91 -3.79 -4.67
N ARG D 183 -35.92 -4.67 -4.49
CA ARG D 183 -35.89 -5.62 -3.38
C ARG D 183 -34.74 -5.35 -2.43
N SER D 184 -33.52 -5.23 -2.95
CA SER D 184 -32.33 -5.03 -2.14
C SER D 184 -31.61 -3.78 -2.61
N LEU D 185 -31.24 -2.92 -1.66
CA LEU D 185 -30.52 -1.68 -1.98
C LEU D 185 -29.37 -1.52 -1.00
N ASP D 186 -28.14 -1.64 -1.51
CA ASP D 186 -26.94 -1.61 -0.67
C ASP D 186 -26.00 -0.54 -1.21
N LEU D 187 -25.83 0.53 -0.43
CA LEU D 187 -24.99 1.66 -0.82
C LEU D 187 -23.83 1.89 0.15
N SER D 188 -23.49 0.86 0.93
CA SER D 188 -22.51 0.95 2.00
C SER D 188 -21.14 1.37 1.50
N GLY D 189 -20.35 1.93 2.42
CA GLY D 189 -18.94 2.15 2.17
C GLY D 189 -18.66 3.33 1.28
N ASN D 190 -19.55 4.32 1.25
CA ASN D 190 -19.40 5.44 0.34
C ASN D 190 -19.24 6.73 1.13
N ARG D 191 -19.06 7.82 0.40
CA ARG D 191 -19.05 9.17 0.95
C ARG D 191 -20.35 9.91 0.67
N LEU D 192 -21.44 9.17 0.47
CA LEU D 192 -22.72 9.74 0.11
C LEU D 192 -23.14 10.83 1.10
N THR D 193 -23.54 11.98 0.56
CA THR D 193 -23.90 13.14 1.34
C THR D 193 -25.39 13.43 1.15
N GLY D 194 -25.88 14.44 1.88
CA GLY D 194 -27.28 14.77 1.80
C GLY D 194 -28.11 13.97 2.79
N SER D 195 -29.37 13.73 2.47
CA SER D 195 -30.31 13.10 3.39
C SER D 195 -30.80 11.77 2.81
N ILE D 196 -31.45 11.01 3.67
CA ILE D 196 -31.95 9.67 3.32
C ILE D 196 -33.16 9.82 2.41
N PRO D 197 -33.33 8.97 1.39
CA PRO D 197 -34.41 9.15 0.43
C PRO D 197 -35.79 9.09 1.08
N GLY D 198 -36.74 9.80 0.47
CA GLY D 198 -38.13 9.78 0.88
C GLY D 198 -38.88 8.58 0.31
N PHE D 199 -38.13 7.52 0.03
CA PHE D 199 -38.64 6.24 -0.47
C PHE D 199 -40.01 5.83 0.07
N VAL D 200 -40.92 5.46 -0.83
CA VAL D 200 -42.02 4.59 -0.48
C VAL D 200 -41.95 3.42 -1.46
N LEU D 201 -41.08 2.45 -1.16
CA LEU D 201 -40.77 1.36 -2.07
C LEU D 201 -41.37 0.08 -1.48
N PRO D 202 -42.55 -0.35 -1.95
CA PRO D 202 -43.29 -1.39 -1.21
C PRO D 202 -42.54 -2.69 -1.05
N ALA D 203 -41.81 -3.13 -2.06
CA ALA D 203 -41.19 -4.45 -2.05
C ALA D 203 -39.82 -4.50 -1.38
N LEU D 204 -39.30 -3.35 -0.95
CA LEU D 204 -37.91 -3.30 -0.50
C LEU D 204 -37.71 -4.13 0.76
N SER D 205 -36.71 -5.01 0.72
CA SER D 205 -36.43 -5.94 1.81
C SER D 205 -35.27 -5.46 2.68
N VAL D 206 -34.07 -5.36 2.11
CA VAL D 206 -32.89 -4.91 2.83
C VAL D 206 -32.47 -3.54 2.31
N LEU D 207 -32.35 -2.59 3.24
CA LEU D 207 -31.89 -1.23 2.96
C LEU D 207 -30.65 -0.98 3.78
N ASP D 208 -29.49 -0.92 3.11
CA ASP D 208 -28.21 -0.76 3.78
C ASP D 208 -27.56 0.52 3.24
N LEU D 209 -27.54 1.56 4.06
CA LEU D 209 -26.91 2.84 3.73
C LEU D 209 -25.76 3.15 4.67
N ASN D 210 -25.26 2.16 5.39
CA ASN D 210 -24.33 2.40 6.48
C ASN D 210 -22.98 2.89 5.95
N GLN D 211 -22.22 3.47 6.87
CA GLN D 211 -20.89 4.04 6.59
C GLN D 211 -20.98 5.04 5.45
N ASN D 212 -21.84 6.04 5.66
CA ASN D 212 -22.03 7.13 4.73
C ASN D 212 -22.08 8.41 5.54
N LEU D 213 -22.12 9.55 4.85
CA LEU D 213 -22.24 10.84 5.50
C LEU D 213 -23.67 11.38 5.50
N LEU D 214 -24.65 10.56 5.13
CA LEU D 214 -26.05 10.99 5.08
C LEU D 214 -26.49 11.59 6.41
N THR D 215 -27.18 12.73 6.33
CA THR D 215 -27.58 13.47 7.52
C THR D 215 -29.09 13.55 7.62
N GLY D 216 -29.60 14.65 8.16
CA GLY D 216 -31.01 14.84 8.33
C GLY D 216 -31.60 13.89 9.36
N PRO D 217 -32.91 13.69 9.30
CA PRO D 217 -33.53 12.71 10.19
C PRO D 217 -33.91 11.43 9.46
N VAL D 218 -34.46 10.47 10.20
CA VAL D 218 -35.06 9.29 9.59
C VAL D 218 -36.39 9.72 8.97
N PRO D 219 -36.52 9.71 7.65
CA PRO D 219 -37.73 10.22 7.02
C PRO D 219 -38.93 9.36 7.37
N PRO D 220 -40.15 9.93 7.31
CA PRO D 220 -41.34 9.17 7.71
C PRO D 220 -41.67 8.07 6.71
N THR D 221 -41.67 8.43 5.43
CA THR D 221 -41.89 7.54 4.29
C THR D 221 -41.31 6.14 4.50
N LEU D 222 -40.16 6.07 5.18
CA LEU D 222 -39.48 4.80 5.43
C LEU D 222 -40.44 3.75 5.99
N THR D 223 -41.15 4.09 7.08
CA THR D 223 -42.01 3.10 7.72
C THR D 223 -43.19 2.69 6.85
N SER D 224 -43.43 3.37 5.73
CA SER D 224 -44.41 2.91 4.75
C SER D 224 -43.91 1.72 3.94
N CYS D 225 -42.61 1.43 3.98
CA CYS D 225 -42.04 0.27 3.30
C CYS D 225 -42.10 -0.92 4.26
N GLY D 226 -43.31 -1.48 4.38
CA GLY D 226 -43.53 -2.56 5.33
C GLY D 226 -42.66 -3.78 5.13
N SER D 227 -42.32 -4.09 3.87
CA SER D 227 -41.56 -5.30 3.55
C SER D 227 -40.16 -5.32 4.15
N LEU D 228 -39.67 -4.20 4.68
CA LEU D 228 -38.28 -4.11 5.12
C LEU D 228 -37.98 -5.10 6.23
N ILE D 229 -36.79 -5.69 6.19
CA ILE D 229 -36.37 -6.63 7.22
C ILE D 229 -35.01 -6.25 7.78
N LYS D 230 -34.16 -5.62 6.96
CA LYS D 230 -32.89 -5.09 7.42
C LYS D 230 -32.83 -3.59 7.14
N ILE D 231 -32.58 -2.80 8.17
CA ILE D 231 -32.33 -1.37 8.02
C ILE D 231 -31.02 -1.07 8.73
N ASP D 232 -29.98 -0.78 7.95
CA ASP D 232 -28.66 -0.54 8.54
C ASP D 232 -28.17 0.84 8.11
N LEU D 233 -28.21 1.79 9.05
CA LEU D 233 -27.80 3.17 8.81
C LEU D 233 -26.60 3.54 9.68
N SER D 234 -25.77 2.55 10.02
CA SER D 234 -24.73 2.77 11.00
C SER D 234 -23.61 3.66 10.46
N ARG D 235 -22.95 4.36 11.36
CA ARG D 235 -21.76 5.16 11.06
C ARG D 235 -22.08 6.26 10.04
N ASN D 236 -23.18 6.97 10.29
CA ASN D 236 -23.61 8.08 9.45
C ASN D 236 -23.68 9.34 10.32
N ARG D 237 -24.50 10.31 9.93
CA ARG D 237 -24.78 11.48 10.77
C ARG D 237 -26.26 11.81 10.76
N VAL D 238 -27.11 10.78 10.75
CA VAL D 238 -28.55 11.01 10.79
C VAL D 238 -28.93 11.54 12.16
N THR D 239 -29.88 12.46 12.20
CA THR D 239 -30.22 13.19 13.42
C THR D 239 -31.69 12.95 13.76
N GLY D 240 -32.21 13.73 14.69
CA GLY D 240 -33.59 13.65 15.07
C GLY D 240 -33.93 12.39 15.82
N PRO D 241 -35.10 12.36 16.44
CA PRO D 241 -35.55 11.15 17.15
C PRO D 241 -35.84 9.99 16.22
N ILE D 242 -36.33 8.89 16.78
CA ILE D 242 -36.66 7.68 16.01
C ILE D 242 -38.17 7.69 15.78
N PRO D 243 -38.64 7.29 14.59
CA PRO D 243 -40.07 7.46 14.26
C PRO D 243 -40.98 6.70 15.23
N GLU D 244 -42.09 7.34 15.57
CA GLU D 244 -43.12 6.69 16.40
C GLU D 244 -43.70 5.47 15.70
N SER D 245 -43.97 5.59 14.39
CA SER D 245 -44.67 4.55 13.64
C SER D 245 -43.77 3.41 13.19
N ILE D 246 -42.62 3.20 13.84
CA ILE D 246 -41.72 2.13 13.46
C ILE D 246 -42.31 0.76 13.77
N ASN D 247 -43.43 0.71 14.48
CA ASN D 247 -44.21 -0.53 14.59
C ASN D 247 -44.65 -1.01 13.21
N ARG D 248 -45.07 -0.07 12.35
CA ARG D 248 -45.56 -0.42 11.02
C ARG D 248 -44.62 -1.36 10.28
N LEU D 249 -43.31 -1.24 10.51
CA LEU D 249 -42.33 -2.18 9.97
C LEU D 249 -42.45 -3.53 10.67
N ASN D 250 -43.57 -4.23 10.46
CA ASN D 250 -43.87 -5.44 11.22
C ASN D 250 -43.15 -6.68 10.69
N GLN D 251 -42.38 -6.54 9.62
CA GLN D 251 -41.52 -7.62 9.15
C GLN D 251 -40.07 -7.44 9.56
N LEU D 252 -39.68 -6.24 9.99
CA LEU D 252 -38.32 -5.87 10.35
C LEU D 252 -37.64 -6.93 11.21
N VAL D 253 -36.50 -7.42 10.73
CA VAL D 253 -35.67 -8.34 11.49
C VAL D 253 -34.60 -7.57 12.27
N LEU D 254 -33.76 -6.82 11.55
CA LEU D 254 -32.62 -6.17 12.16
C LEU D 254 -32.64 -4.66 11.92
N LEU D 255 -32.34 -3.91 12.97
CA LEU D 255 -32.29 -2.45 12.92
C LEU D 255 -31.00 -2.00 13.58
N ASP D 256 -30.10 -1.44 12.78
CA ASP D 256 -28.75 -1.09 13.20
C ASP D 256 -28.53 0.39 12.90
N LEU D 257 -28.55 1.21 13.94
CA LEU D 257 -28.42 2.65 13.82
C LEU D 257 -27.23 3.17 14.63
N SER D 258 -26.22 2.32 14.81
CA SER D 258 -25.08 2.67 15.65
C SER D 258 -24.28 3.82 15.03
N TYR D 259 -23.58 4.56 15.90
CA TYR D 259 -22.70 5.66 15.50
C TYR D 259 -23.43 6.66 14.60
N ASN D 260 -24.47 7.25 15.15
CA ASN D 260 -25.28 8.26 14.49
C ASN D 260 -25.50 9.42 15.45
N ARG D 261 -26.28 10.41 15.02
CA ARG D 261 -26.54 11.60 15.81
C ARG D 261 -27.97 11.62 16.36
N LEU D 262 -28.55 10.43 16.55
CA LEU D 262 -29.93 10.32 16.98
C LEU D 262 -30.12 10.95 18.36
N SER D 263 -31.37 11.27 18.68
CA SER D 263 -31.70 11.97 19.91
C SER D 263 -33.14 11.66 20.27
N GLY D 264 -33.74 12.50 21.10
CA GLY D 264 -35.15 12.48 21.35
C GLY D 264 -35.58 11.45 22.38
N PRO D 265 -36.88 11.18 22.44
CA PRO D 265 -37.41 10.20 23.39
C PRO D 265 -37.59 8.83 22.77
N PHE D 266 -37.48 7.77 23.57
CA PHE D 266 -37.72 6.43 23.05
C PHE D 266 -39.16 6.32 22.58
N PRO D 267 -39.43 5.58 21.49
CA PRO D 267 -40.80 5.48 20.99
C PRO D 267 -41.74 4.88 22.02
N SER D 268 -43.01 5.29 21.95
CA SER D 268 -44.03 4.82 22.89
C SER D 268 -44.07 3.30 22.94
N SER D 269 -44.10 2.65 21.78
CA SER D 269 -44.18 1.20 21.71
C SER D 269 -43.47 0.68 20.46
N LEU D 270 -42.87 -0.50 20.60
CA LEU D 270 -42.31 -1.28 19.50
C LEU D 270 -42.98 -2.64 19.40
N GLN D 271 -44.20 -2.75 19.92
CA GLN D 271 -44.88 -4.04 20.04
C GLN D 271 -45.17 -4.64 18.67
N GLY D 272 -45.57 -3.81 17.70
CA GLY D 272 -45.82 -4.30 16.36
C GLY D 272 -44.61 -4.93 15.70
N LEU D 273 -43.41 -4.64 16.22
CA LEU D 273 -42.15 -5.13 15.67
C LEU D 273 -41.87 -6.57 16.11
N ASN D 274 -42.78 -7.47 15.77
CA ASN D 274 -42.47 -8.88 15.92
C ASN D 274 -41.59 -9.30 14.75
N SER D 275 -40.77 -10.33 14.99
CA SER D 275 -39.71 -10.84 14.13
C SER D 275 -38.46 -9.96 14.25
N LEU D 276 -38.53 -8.80 14.90
CA LEU D 276 -37.34 -8.01 15.16
C LEU D 276 -36.42 -8.79 16.09
N GLN D 277 -35.20 -9.07 15.61
CA GLN D 277 -34.28 -9.93 16.33
C GLN D 277 -33.10 -9.18 16.92
N ALA D 278 -32.74 -8.03 16.37
CA ALA D 278 -31.49 -7.36 16.75
C ALA D 278 -31.65 -5.86 16.53
N LEU D 279 -31.38 -5.09 17.57
CA LEU D 279 -31.49 -3.64 17.53
C LEU D 279 -30.28 -3.04 18.24
N MET D 280 -29.54 -2.20 17.55
CA MET D 280 -28.34 -1.61 18.14
C MET D 280 -28.30 -0.12 17.87
N LEU D 281 -28.37 0.67 18.94
CA LEU D 281 -28.25 2.12 18.88
C LEU D 281 -26.95 2.61 19.52
N LYS D 282 -25.88 1.82 19.41
CA LYS D 282 -24.63 2.14 20.10
C LYS D 282 -23.99 3.39 19.51
N GLY D 283 -23.42 4.22 20.38
CA GLY D 283 -22.62 5.35 19.95
C GLY D 283 -23.38 6.65 19.72
N ASN D 284 -24.68 6.69 20.01
CA ASN D 284 -25.46 7.91 19.87
C ASN D 284 -25.32 8.68 21.18
N THR D 285 -24.20 9.40 21.31
CA THR D 285 -23.80 10.00 22.59
C THR D 285 -24.75 11.08 23.08
N LYS D 286 -25.52 11.70 22.18
CA LYS D 286 -26.44 12.77 22.58
C LYS D 286 -27.86 12.25 22.77
N PHE D 287 -28.03 10.93 22.87
CA PHE D 287 -29.35 10.34 23.03
C PHE D 287 -30.01 10.86 24.30
N SER D 288 -29.38 10.64 25.44
CA SER D 288 -29.77 11.18 26.75
C SER D 288 -31.27 11.08 27.00
N THR D 289 -31.76 9.85 27.06
CA THR D 289 -33.15 9.58 27.40
C THR D 289 -33.20 8.30 28.25
N THR D 290 -34.25 8.17 29.05
CA THR D 290 -34.45 6.95 29.82
C THR D 290 -35.13 5.89 28.96
N ILE D 291 -35.22 4.68 29.49
CA ILE D 291 -35.87 3.58 28.80
C ILE D 291 -37.21 3.32 29.48
N PRO D 292 -38.34 3.54 28.81
CA PRO D 292 -39.63 3.35 29.48
C PRO D 292 -39.95 1.88 29.70
N GLU D 293 -40.64 1.61 30.81
CA GLU D 293 -40.96 0.23 31.19
C GLU D 293 -41.66 -0.51 30.07
N ASN D 294 -42.63 0.13 29.42
CA ASN D 294 -43.45 -0.51 28.40
C ASN D 294 -42.79 -0.53 27.01
N ALA D 295 -41.54 -0.05 26.89
CA ALA D 295 -40.89 -0.04 25.58
C ALA D 295 -40.68 -1.45 25.05
N PHE D 296 -40.15 -2.35 25.88
CA PHE D 296 -39.74 -3.68 25.46
C PHE D 296 -40.58 -4.71 26.19
N LYS D 297 -41.87 -4.77 25.87
CA LYS D 297 -42.75 -5.72 26.54
C LYS D 297 -42.98 -6.96 25.68
N GLY D 298 -43.66 -6.81 24.55
CA GLY D 298 -43.99 -7.94 23.70
C GLY D 298 -42.97 -8.22 22.60
N LEU D 299 -41.75 -8.60 22.99
CA LEU D 299 -40.66 -8.87 22.04
C LEU D 299 -40.09 -10.25 22.33
N LYS D 300 -40.81 -11.27 21.90
CA LYS D 300 -40.37 -12.65 22.10
C LYS D 300 -39.10 -12.92 21.30
N ASN D 301 -39.11 -12.56 20.02
CA ASN D 301 -38.06 -12.90 19.08
C ASN D 301 -36.80 -12.06 19.24
N LEU D 302 -36.85 -10.99 20.05
CA LEU D 302 -35.69 -10.13 20.22
C LEU D 302 -34.52 -10.93 20.79
N MET D 303 -33.36 -10.79 20.14
CA MET D 303 -32.15 -11.50 20.56
C MET D 303 -31.08 -10.53 21.05
N ILE D 304 -30.68 -9.56 20.23
CA ILE D 304 -29.56 -8.69 20.51
C ILE D 304 -30.07 -7.27 20.72
N LEU D 305 -29.68 -6.67 21.86
CA LEU D 305 -30.05 -5.30 22.20
C LEU D 305 -28.80 -4.55 22.64
N VAL D 306 -28.27 -3.70 21.76
CA VAL D 306 -27.09 -2.90 22.09
C VAL D 306 -27.52 -1.44 22.22
N LEU D 307 -27.41 -0.91 23.44
CA LEU D 307 -27.73 0.49 23.73
C LEU D 307 -26.57 1.20 24.41
N SER D 308 -25.35 0.72 24.21
CA SER D 308 -24.20 1.19 24.95
C SER D 308 -23.68 2.52 24.41
N ASN D 309 -23.13 3.32 25.32
CA ASN D 309 -22.54 4.63 24.99
C ASN D 309 -23.56 5.54 24.31
N THR D 310 -24.71 5.73 24.98
CA THR D 310 -25.76 6.60 24.48
C THR D 310 -26.26 7.57 25.54
N ASN D 311 -25.48 7.77 26.61
CA ASN D 311 -25.84 8.71 27.67
C ASN D 311 -27.25 8.45 28.20
N ILE D 312 -27.69 7.19 28.15
CA ILE D 312 -28.99 6.82 28.70
C ILE D 312 -29.03 7.12 30.18
N GLN D 313 -30.13 7.71 30.62
CA GLN D 313 -30.38 8.00 32.03
C GLN D 313 -31.44 7.04 32.56
N GLY D 314 -31.59 7.03 33.88
CA GLY D 314 -32.65 6.26 34.50
C GLY D 314 -32.17 4.97 35.10
N SER D 315 -33.14 4.15 35.49
CA SER D 315 -32.91 2.87 36.14
C SER D 315 -33.20 1.73 35.18
N ILE D 316 -32.43 0.65 35.33
CA ILE D 316 -32.54 -0.55 34.50
C ILE D 316 -33.99 -1.05 34.52
N PRO D 317 -34.75 -0.90 33.44
CA PRO D 317 -36.13 -1.37 33.45
C PRO D 317 -36.19 -2.89 33.53
N LYS D 318 -37.20 -3.40 34.26
CA LYS D 318 -37.29 -4.82 34.56
C LYS D 318 -38.08 -5.59 33.52
N SER D 319 -38.67 -4.91 32.53
CA SER D 319 -39.29 -5.63 31.42
C SER D 319 -38.27 -6.11 30.40
N LEU D 320 -36.99 -5.80 30.60
CA LEU D 320 -35.92 -6.46 29.85
C LEU D 320 -35.67 -7.87 30.37
N THR D 321 -36.18 -8.20 31.56
CA THR D 321 -36.04 -9.54 32.10
C THR D 321 -37.01 -10.52 31.45
N ARG D 322 -38.18 -10.03 31.03
CA ARG D 322 -39.19 -10.87 30.41
C ARG D 322 -39.03 -11.00 28.91
N LEU D 323 -37.84 -10.69 28.38
CA LEU D 323 -37.55 -10.90 26.97
C LEU D 323 -37.04 -12.33 26.80
N ASN D 324 -37.91 -13.20 26.29
CA ASN D 324 -37.64 -14.64 26.26
C ASN D 324 -36.36 -14.95 25.48
N SER D 325 -36.28 -14.49 24.22
CA SER D 325 -35.14 -14.88 23.37
C SER D 325 -33.91 -14.01 23.57
N LEU D 326 -33.93 -13.07 24.52
CA LEU D 326 -32.80 -12.18 24.69
C LEU D 326 -31.55 -12.97 25.06
N ARG D 327 -30.53 -12.87 24.22
CA ARG D 327 -29.22 -13.46 24.49
C ARG D 327 -28.17 -12.42 24.86
N VAL D 328 -28.19 -11.25 24.21
CA VAL D 328 -27.15 -10.24 24.35
C VAL D 328 -27.78 -8.90 24.71
N LEU D 329 -27.33 -8.31 25.81
CA LEU D 329 -27.84 -7.03 26.29
C LEU D 329 -26.65 -6.16 26.67
N HIS D 330 -26.35 -5.17 25.84
CA HIS D 330 -25.26 -4.22 26.10
C HIS D 330 -25.85 -2.90 26.55
N LEU D 331 -25.47 -2.49 27.77
CA LEU D 331 -25.88 -1.20 28.33
C LEU D 331 -24.68 -0.46 28.91
N GLU D 332 -23.47 -0.77 28.46
CA GLU D 332 -22.27 -0.23 29.06
C GLU D 332 -22.05 1.22 28.64
N GLY D 333 -21.14 1.89 29.35
CA GLY D 333 -20.82 3.28 29.11
C GLY D 333 -22.02 4.21 29.07
N ASN D 334 -22.90 4.12 30.07
CA ASN D 334 -24.03 5.02 30.16
C ASN D 334 -24.06 5.69 31.53
N ASN D 335 -25.14 6.41 31.81
CA ASN D 335 -25.35 7.04 33.12
C ASN D 335 -26.60 6.45 33.77
N LEU D 336 -26.75 5.13 33.67
CA LEU D 336 -27.81 4.44 34.38
C LEU D 336 -27.55 4.47 35.88
N THR D 337 -28.63 4.45 36.65
CA THR D 337 -28.53 4.66 38.09
C THR D 337 -29.57 3.82 38.81
N GLY D 338 -29.32 3.57 40.08
CA GLY D 338 -30.19 2.78 40.92
C GLY D 338 -29.64 1.41 41.22
N GLU D 339 -30.54 0.51 41.62
CA GLU D 339 -30.16 -0.87 41.83
C GLU D 339 -30.21 -1.64 40.52
N ILE D 340 -29.58 -2.80 40.52
CA ILE D 340 -29.87 -3.81 39.50
C ILE D 340 -31.14 -4.55 39.93
N PRO D 341 -32.13 -4.68 39.06
CA PRO D 341 -33.42 -5.24 39.49
C PRO D 341 -33.27 -6.69 39.91
N LEU D 342 -33.95 -7.04 41.01
CA LEU D 342 -33.88 -8.38 41.57
C LEU D 342 -34.22 -9.44 40.54
N GLU D 343 -35.05 -9.10 39.55
CA GLU D 343 -35.51 -10.05 38.55
C GLU D 343 -34.44 -10.46 37.56
N PHE D 344 -33.23 -9.90 37.65
CA PHE D 344 -32.12 -10.44 36.87
C PHE D 344 -31.67 -11.80 37.41
N ARG D 345 -31.99 -12.10 38.66
CA ARG D 345 -31.94 -13.46 39.15
C ARG D 345 -32.77 -14.40 38.27
N ASP D 346 -33.88 -13.89 37.73
CA ASP D 346 -34.79 -14.68 36.91
C ASP D 346 -34.34 -14.77 35.45
N VAL D 347 -33.03 -14.65 35.20
CA VAL D 347 -32.52 -14.63 33.82
C VAL D 347 -31.27 -15.50 33.71
N LYS D 348 -31.41 -16.71 33.18
CA LYS D 348 -30.27 -17.57 32.91
C LYS D 348 -30.02 -17.76 31.41
N HIS D 349 -30.78 -17.10 30.55
CA HIS D 349 -30.62 -17.31 29.11
C HIS D 349 -29.55 -16.43 28.48
N LEU D 350 -29.26 -15.28 29.09
CA LEU D 350 -28.33 -14.33 28.49
C LEU D 350 -26.92 -14.91 28.39
N SER D 351 -26.23 -14.59 27.30
CA SER D 351 -24.83 -14.95 27.12
C SER D 351 -23.86 -13.78 27.19
N GLU D 352 -24.36 -12.54 27.00
CA GLU D 352 -23.56 -11.33 27.15
C GLU D 352 -24.42 -10.28 27.82
N LEU D 353 -23.97 -9.77 28.96
CA LEU D 353 -24.70 -8.75 29.71
C LEU D 353 -23.70 -7.69 30.17
N ARG D 354 -23.74 -6.52 29.55
CA ARG D 354 -22.79 -5.44 29.86
C ARG D 354 -23.52 -4.32 30.59
N LEU D 355 -23.29 -4.23 31.91
CA LEU D 355 -23.73 -3.09 32.72
C LEU D 355 -22.55 -2.29 33.26
N ASN D 356 -21.38 -2.43 32.66
CA ASN D 356 -20.18 -1.76 33.16
C ASN D 356 -20.16 -0.29 32.78
N ASP D 357 -19.45 0.50 33.59
CA ASP D 357 -19.26 1.94 33.36
C ASP D 357 -20.58 2.70 33.46
N ASN D 358 -21.32 2.43 34.53
CA ASN D 358 -22.48 3.23 34.89
C ASN D 358 -22.32 3.73 36.33
N SER D 359 -23.43 4.15 36.95
CA SER D 359 -23.44 4.49 38.37
C SER D 359 -24.61 3.78 39.05
N LEU D 360 -24.55 2.45 39.04
CA LEU D 360 -25.53 1.63 39.73
C LEU D 360 -25.15 1.51 41.20
N THR D 361 -26.16 1.53 42.08
CA THR D 361 -25.90 1.63 43.51
C THR D 361 -25.93 0.26 44.20
N GLY D 362 -27.10 -0.39 44.23
CA GLY D 362 -27.28 -1.59 45.00
C GLY D 362 -26.35 -2.73 44.61
N PRO D 363 -25.96 -3.54 45.59
CA PRO D 363 -25.16 -4.74 45.28
C PRO D 363 -25.95 -5.75 44.49
N VAL D 364 -25.22 -6.54 43.70
CA VAL D 364 -25.79 -7.27 42.56
C VAL D 364 -26.56 -8.51 43.00
N PRO D 365 -27.58 -8.93 42.25
CA PRO D 365 -28.39 -10.07 42.66
C PRO D 365 -28.28 -11.28 41.73
N PHE D 366 -27.08 -11.54 41.19
CA PHE D 366 -26.89 -12.61 40.23
C PHE D 366 -26.55 -13.91 40.96
N GLU D 367 -27.33 -14.96 40.72
CA GLU D 367 -27.06 -16.27 41.30
C GLU D 367 -25.78 -16.85 40.70
N ARG D 368 -25.45 -18.07 41.14
CA ARG D 368 -24.13 -18.61 40.85
C ARG D 368 -24.06 -19.26 39.47
N ASP D 369 -25.12 -19.94 39.03
CA ASP D 369 -25.15 -20.51 37.69
C ASP D 369 -24.72 -19.48 36.64
N THR D 370 -25.33 -18.30 36.70
CA THR D 370 -25.11 -17.30 35.65
C THR D 370 -23.73 -16.66 35.76
N VAL D 371 -23.20 -16.52 36.97
CA VAL D 371 -21.87 -15.94 37.12
C VAL D 371 -20.81 -16.93 36.64
N TRP D 372 -20.93 -18.20 37.04
CA TRP D 372 -20.00 -19.22 36.59
C TRP D 372 -20.02 -19.35 35.06
N ARG D 373 -21.23 -19.39 34.48
CA ARG D 373 -21.33 -19.59 33.04
C ARG D 373 -20.86 -18.35 32.28
N MET D 374 -21.34 -17.17 32.68
CA MET D 374 -21.02 -15.96 31.94
C MET D 374 -19.54 -15.62 32.06
N ARG D 375 -19.01 -15.63 33.28
CA ARG D 375 -17.63 -15.22 33.58
C ARG D 375 -17.47 -13.79 33.07
N ARG D 376 -16.43 -13.48 32.29
CA ARG D 376 -16.15 -12.12 31.86
C ARG D 376 -17.23 -11.56 30.94
N LYS D 377 -18.03 -12.42 30.29
CA LYS D 377 -19.07 -11.92 29.40
C LYS D 377 -20.18 -11.22 30.18
N LEU D 378 -20.13 -11.23 31.51
CA LEU D 378 -20.92 -10.35 32.36
C LEU D 378 -20.00 -9.27 32.87
N ARG D 379 -20.24 -8.02 32.45
CA ARG D 379 -19.42 -6.87 32.82
C ARG D 379 -20.19 -6.02 33.83
N LEU D 380 -19.59 -5.81 35.00
CA LEU D 380 -20.17 -4.95 36.01
C LEU D 380 -19.21 -3.91 36.58
N TYR D 381 -17.97 -3.85 36.08
CA TYR D 381 -16.98 -2.94 36.65
C TYR D 381 -17.36 -1.50 36.36
N ASN D 382 -16.66 -0.58 37.04
CA ASN D 382 -16.88 0.86 36.92
C ASN D 382 -18.32 1.24 37.26
N ASN D 383 -18.88 0.58 38.27
CA ASN D 383 -20.06 1.06 38.96
C ASN D 383 -19.65 1.39 40.39
N ALA D 384 -19.91 2.63 40.81
CA ALA D 384 -19.36 3.12 42.07
C ALA D 384 -20.01 2.44 43.26
N GLY D 385 -21.33 2.24 43.21
CA GLY D 385 -22.07 1.86 44.40
C GLY D 385 -22.02 0.39 44.77
N LEU D 386 -21.73 -0.49 43.82
CA LEU D 386 -21.91 -1.93 44.04
C LEU D 386 -21.05 -2.45 45.19
N ASN E 5 5.28 -6.11 24.68
CA ASN E 5 4.07 -5.44 24.22
C ASN E 5 3.16 -6.44 23.51
N GLU E 6 3.65 -6.99 22.40
CA GLU E 6 2.96 -8.06 21.70
C GLU E 6 3.30 -9.43 22.28
N GLY E 7 4.58 -9.65 22.60
CA GLY E 7 4.96 -10.86 23.30
C GLY E 7 4.29 -11.01 24.65
N LYS E 8 3.91 -9.90 25.26
CA LYS E 8 3.10 -9.94 26.48
C LYS E 8 1.81 -10.70 26.23
N ALA E 9 1.09 -10.33 25.17
CA ALA E 9 -0.17 -10.98 24.86
C ALA E 9 0.07 -12.41 24.39
N LEU E 10 1.14 -12.65 23.63
CA LEU E 10 1.47 -14.02 23.25
C LEU E 10 1.75 -14.90 24.46
N MET E 11 2.29 -14.33 25.54
CA MET E 11 2.57 -15.10 26.74
C MET E 11 1.36 -15.23 27.65
N ALA E 12 0.39 -14.34 27.53
CA ALA E 12 -0.90 -14.61 28.17
C ALA E 12 -1.67 -15.69 27.41
N ILE E 13 -1.61 -15.65 26.07
CA ILE E 13 -2.15 -16.73 25.23
C ILE E 13 -1.57 -18.07 25.66
N LYS E 14 -0.24 -18.19 25.56
CA LYS E 14 0.43 -19.41 26.01
C LYS E 14 0.11 -19.75 27.46
N GLY E 15 -0.08 -18.73 28.30
CA GLY E 15 -0.39 -18.97 29.69
C GLY E 15 -1.66 -19.79 29.89
N SER E 16 -2.68 -19.52 29.07
CA SER E 16 -3.97 -20.19 29.21
C SER E 16 -4.05 -21.52 28.47
N PHE E 17 -2.89 -21.98 28.02
CA PHE E 17 -2.82 -23.16 27.22
C PHE E 17 -2.48 -24.37 28.01
N SER E 18 -3.48 -24.86 28.73
CA SER E 18 -3.37 -26.08 29.50
C SER E 18 -2.14 -26.02 30.39
N ASN E 19 -1.18 -26.91 30.18
CA ASN E 19 0.02 -26.85 31.00
C ASN E 19 1.22 -27.49 30.36
N LEU E 20 1.26 -27.51 29.05
CA LEU E 20 2.39 -28.15 28.40
C LEU E 20 3.40 -27.21 27.76
N VAL E 21 4.69 -27.33 28.15
CA VAL E 21 5.69 -26.51 27.48
C VAL E 21 6.45 -27.33 26.44
N ASN E 22 6.13 -28.61 26.31
CA ASN E 22 6.75 -29.45 25.29
C ASN E 22 6.39 -28.98 23.89
N MET E 23 5.14 -28.59 23.66
CA MET E 23 4.72 -28.27 22.31
C MET E 23 5.24 -26.90 21.88
N LEU E 24 5.03 -25.89 22.70
CA LEU E 24 5.43 -24.53 22.37
C LEU E 24 6.80 -24.20 22.96
N LEU E 25 7.72 -25.17 22.94
CA LEU E 25 9.05 -24.96 23.50
C LEU E 25 9.67 -23.67 22.98
N ASP E 26 9.37 -23.31 21.74
CA ASP E 26 9.89 -22.09 21.18
C ASP E 26 9.63 -20.92 22.10
N TRP E 27 8.37 -20.65 22.41
CA TRP E 27 7.99 -19.53 23.24
C TRP E 27 8.59 -19.51 24.61
N ASP E 28 9.60 -18.68 24.79
CA ASP E 28 10.31 -18.54 26.06
C ASP E 28 11.06 -17.26 25.90
N ASP E 29 10.57 -16.14 26.43
CA ASP E 29 11.29 -14.89 26.20
C ASP E 29 12.45 -14.55 27.11
N VAL E 30 13.44 -15.43 27.13
CA VAL E 30 14.62 -15.24 27.92
C VAL E 30 15.65 -15.78 26.97
N HIS E 31 15.45 -16.98 26.51
CA HIS E 31 16.45 -17.82 25.92
C HIS E 31 16.07 -17.93 24.45
N ASN E 32 15.27 -16.93 24.09
CA ASN E 32 14.73 -16.68 22.77
C ASN E 32 14.10 -15.32 22.88
N SER E 33 14.20 -14.49 21.85
CA SER E 33 13.58 -13.20 21.99
C SER E 33 12.94 -12.68 20.75
N ASP E 34 13.47 -13.01 19.59
CA ASP E 34 12.83 -12.54 18.39
C ASP E 34 11.49 -13.25 18.35
N LEU E 35 10.43 -12.55 18.73
CA LEU E 35 9.11 -13.15 18.78
C LEU E 35 8.40 -13.42 17.47
N CYS E 36 9.00 -13.07 16.34
CA CYS E 36 8.42 -13.32 15.04
C CYS E 36 9.11 -14.54 14.42
N SER E 37 9.67 -15.38 15.28
CA SER E 37 10.38 -16.60 14.95
C SER E 37 9.76 -17.78 15.68
N TRP E 38 8.95 -17.48 16.70
CA TRP E 38 8.26 -18.48 17.50
C TRP E 38 7.35 -19.38 16.69
N ARG E 39 7.14 -20.57 17.21
CA ARG E 39 6.31 -21.55 16.54
C ARG E 39 4.93 -21.09 16.19
N GLY E 40 4.58 -21.19 14.92
CA GLY E 40 3.23 -20.88 14.48
C GLY E 40 2.90 -19.41 14.39
N VAL E 41 3.82 -18.54 14.75
CA VAL E 41 3.61 -17.09 14.66
C VAL E 41 4.37 -16.57 13.45
N PHE E 42 3.78 -15.61 12.75
CA PHE E 42 4.40 -15.03 11.58
C PHE E 42 4.16 -13.53 11.57
N CYS E 43 5.21 -12.78 11.27
CA CYS E 43 5.15 -11.33 11.13
C CYS E 43 5.44 -10.97 9.68
N ASP E 44 4.63 -10.07 9.13
CA ASP E 44 4.87 -9.60 7.77
C ASP E 44 6.18 -8.84 7.74
N ASN E 45 6.98 -9.07 6.69
CA ASN E 45 8.37 -8.66 6.66
C ASN E 45 8.57 -7.14 6.77
N VAL E 46 7.50 -6.35 6.71
CA VAL E 46 7.63 -4.89 6.76
C VAL E 46 7.44 -4.41 8.19
N SER E 47 6.18 -4.29 8.62
CA SER E 47 5.87 -3.73 9.94
C SER E 47 6.42 -4.58 11.08
N TYR E 48 6.64 -5.88 10.85
CA TYR E 48 7.21 -6.79 11.84
C TYR E 48 6.31 -6.95 13.05
N SER E 49 5.00 -6.90 12.83
CA SER E 49 4.00 -7.28 13.83
C SER E 49 3.37 -8.62 13.45
N VAL E 50 2.84 -9.29 14.47
CA VAL E 50 2.26 -10.62 14.25
C VAL E 50 0.97 -10.46 13.44
N VAL E 51 0.90 -11.13 12.29
CA VAL E 51 -0.25 -11.02 11.39
C VAL E 51 -0.89 -12.38 11.18
N SER E 52 -0.11 -13.44 11.32
CA SER E 52 -0.60 -14.79 11.12
C SER E 52 -0.22 -15.66 12.30
N LEU E 53 -1.19 -16.46 12.77
CA LEU E 53 -0.99 -17.41 13.85
C LEU E 53 -1.50 -18.77 13.39
N ASN E 54 -0.65 -19.79 13.45
CA ASN E 54 -1.04 -21.15 13.07
C ASN E 54 -0.54 -22.13 14.13
N LEU E 55 -1.43 -22.48 15.05
CA LEU E 55 -1.19 -23.54 16.02
C LEU E 55 -2.01 -24.79 15.69
N SER E 56 -2.39 -24.93 14.42
CA SER E 56 -3.36 -25.94 14.01
C SER E 56 -2.87 -27.35 14.30
N SER E 57 -3.69 -28.11 15.03
CA SER E 57 -3.50 -29.54 15.27
C SER E 57 -2.30 -29.78 16.16
N LEU E 58 -2.36 -29.27 17.40
CA LEU E 58 -1.32 -29.50 18.39
C LEU E 58 -1.84 -29.94 19.74
N ASN E 59 -3.12 -29.70 20.07
CA ASN E 59 -3.68 -30.05 21.36
C ASN E 59 -2.96 -29.32 22.49
N LEU E 60 -3.25 -28.02 22.62
CA LEU E 60 -2.77 -27.25 23.76
C LEU E 60 -3.81 -27.15 24.87
N GLY E 61 -5.08 -27.33 24.54
CA GLY E 61 -6.09 -27.75 25.50
C GLY E 61 -6.32 -26.88 26.71
N GLY E 62 -6.33 -25.56 26.52
CA GLY E 62 -6.69 -24.67 27.61
C GLY E 62 -7.92 -23.84 27.30
N GLU E 63 -7.72 -22.54 27.17
CA GLU E 63 -8.73 -21.62 26.66
C GLU E 63 -8.08 -20.78 25.57
N ILE E 64 -8.90 -20.00 24.86
CA ILE E 64 -8.39 -18.92 24.04
C ILE E 64 -8.29 -17.70 24.95
N SER E 65 -7.09 -17.40 25.39
CA SER E 65 -6.87 -16.24 26.24
C SER E 65 -7.35 -14.98 25.52
N PRO E 66 -7.96 -14.03 26.24
CA PRO E 66 -8.43 -12.80 25.59
C PRO E 66 -7.31 -11.95 25.04
N ALA E 67 -6.07 -12.24 25.44
CA ALA E 67 -4.93 -11.50 24.90
C ALA E 67 -4.82 -11.63 23.39
N ILE E 68 -5.57 -12.55 22.78
CA ILE E 68 -5.61 -12.63 21.32
C ILE E 68 -6.18 -11.34 20.73
N GLY E 69 -7.01 -10.63 21.50
CA GLY E 69 -7.48 -9.31 21.14
C GLY E 69 -6.43 -8.22 21.17
N ASP E 70 -5.20 -8.53 21.59
CA ASP E 70 -4.13 -7.57 21.69
C ASP E 70 -3.11 -7.69 20.56
N LEU E 71 -3.30 -8.62 19.65
CA LEU E 71 -2.54 -8.69 18.40
C LEU E 71 -3.43 -8.14 17.31
N ARG E 72 -3.38 -6.82 17.13
CA ARG E 72 -4.34 -6.14 16.26
C ARG E 72 -4.14 -6.49 14.80
N ASN E 73 -2.89 -6.68 14.38
CA ASN E 73 -2.60 -6.89 12.97
C ASN E 73 -2.78 -8.35 12.54
N LEU E 74 -3.16 -9.24 13.46
CA LEU E 74 -3.55 -10.59 13.08
C LEU E 74 -4.59 -10.56 11.97
N GLN E 75 -4.23 -11.10 10.81
CA GLN E 75 -5.19 -11.34 9.74
C GLN E 75 -5.44 -12.82 9.50
N SER E 76 -4.71 -13.71 10.17
CA SER E 76 -4.98 -15.13 10.10
C SER E 76 -4.83 -15.74 11.50
N ILE E 77 -5.83 -16.51 11.91
CA ILE E 77 -5.80 -17.24 13.17
C ILE E 77 -6.32 -18.65 12.91
N ASP E 78 -5.44 -19.64 12.99
CA ASP E 78 -5.81 -21.05 12.78
C ASP E 78 -5.45 -21.83 14.04
N LEU E 79 -6.45 -22.08 14.89
CA LEU E 79 -6.24 -22.78 16.15
C LEU E 79 -6.95 -24.14 16.19
N GLN E 80 -7.01 -24.84 15.05
CA GLN E 80 -7.81 -26.05 14.98
C GLN E 80 -7.10 -27.23 15.65
N GLY E 81 -7.90 -28.09 16.26
CA GLY E 81 -7.41 -29.33 16.82
C GLY E 81 -6.94 -29.25 18.25
N ASN E 82 -6.71 -28.03 18.77
CA ASN E 82 -6.07 -27.87 20.06
C ASN E 82 -6.96 -28.22 21.24
N LYS E 83 -8.19 -28.69 21.01
CA LYS E 83 -9.11 -29.08 22.09
C LYS E 83 -9.34 -27.93 23.07
N LEU E 84 -9.36 -26.71 22.55
CA LEU E 84 -9.60 -25.55 23.42
C LEU E 84 -11.01 -25.59 23.98
N ALA E 85 -11.11 -25.41 25.30
CA ALA E 85 -12.38 -25.42 25.99
C ALA E 85 -12.86 -23.98 26.19
N GLY E 86 -13.94 -23.81 26.94
CA GLY E 86 -14.47 -22.49 27.24
C GLY E 86 -15.13 -21.83 26.03
N GLN E 87 -15.43 -20.56 26.21
CA GLN E 87 -16.12 -19.78 25.20
C GLN E 87 -15.13 -19.13 24.24
N ILE E 88 -15.64 -18.73 23.08
CA ILE E 88 -14.90 -17.90 22.15
C ILE E 88 -14.76 -16.52 22.78
N PRO E 89 -13.55 -16.10 23.15
CA PRO E 89 -13.40 -14.81 23.85
C PRO E 89 -13.90 -13.65 23.01
N ASP E 90 -14.49 -12.66 23.68
CA ASP E 90 -15.09 -11.53 22.98
C ASP E 90 -14.02 -10.66 22.31
N GLU E 91 -12.86 -10.52 22.96
CA GLU E 91 -11.81 -9.63 22.46
C GLU E 91 -11.32 -10.00 21.07
N ILE E 92 -11.58 -11.24 20.62
CA ILE E 92 -11.27 -11.64 19.26
C ILE E 92 -11.96 -10.74 18.23
N GLY E 93 -12.91 -9.93 18.67
CA GLY E 93 -13.56 -8.99 17.79
C GLY E 93 -12.96 -7.59 17.80
N ASN E 94 -11.67 -7.46 18.14
CA ASN E 94 -10.99 -6.20 17.84
C ASN E 94 -9.61 -6.44 17.23
N CYS E 95 -9.49 -7.49 16.43
CA CYS E 95 -8.36 -7.64 15.50
C CYS E 95 -8.84 -7.32 14.09
N ALA E 96 -9.33 -6.09 13.93
CA ALA E 96 -10.14 -5.71 12.78
C ALA E 96 -9.49 -6.04 11.44
N SER E 97 -8.16 -6.16 11.41
CA SER E 97 -7.46 -6.61 10.22
C SER E 97 -7.75 -8.06 9.86
N LEU E 98 -8.36 -8.82 10.77
CA LEU E 98 -8.48 -10.27 10.59
C LEU E 98 -9.28 -10.62 9.34
N VAL E 99 -8.74 -11.55 8.54
CA VAL E 99 -9.41 -12.05 7.36
C VAL E 99 -9.93 -13.46 7.57
N TYR E 100 -9.17 -14.32 8.25
CA TYR E 100 -9.38 -15.77 8.22
C TYR E 100 -9.31 -16.31 9.63
N LEU E 101 -10.44 -16.76 10.16
CA LEU E 101 -10.51 -17.33 11.50
C LEU E 101 -10.98 -18.78 11.42
N ASP E 102 -10.06 -19.70 11.68
CA ASP E 102 -10.35 -21.13 11.82
C ASP E 102 -10.22 -21.50 13.29
N LEU E 103 -11.35 -21.78 13.93
CA LEU E 103 -11.38 -22.36 15.27
C LEU E 103 -11.94 -23.77 15.26
N SER E 104 -12.01 -24.42 14.09
CA SER E 104 -12.67 -25.71 13.95
C SER E 104 -11.97 -26.79 14.75
N GLU E 105 -12.70 -27.88 15.02
CA GLU E 105 -12.15 -29.07 15.69
C GLU E 105 -11.66 -28.73 17.11
N ASN E 106 -12.58 -28.20 17.92
CA ASN E 106 -12.27 -27.91 19.32
C ASN E 106 -13.48 -28.19 20.19
N LEU E 107 -13.33 -27.95 21.50
CA LEU E 107 -14.36 -28.19 22.49
C LEU E 107 -14.98 -26.88 22.99
N LEU E 108 -15.04 -25.86 22.13
CA LEU E 108 -15.58 -24.57 22.53
C LEU E 108 -17.09 -24.62 22.69
N TYR E 109 -17.59 -24.00 23.75
CA TYR E 109 -19.02 -23.85 23.94
C TYR E 109 -19.41 -22.38 23.94
N GLY E 110 -20.53 -22.04 24.59
CA GLY E 110 -21.03 -20.69 24.55
C GLY E 110 -21.58 -20.31 23.18
N ASP E 111 -21.79 -19.01 23.01
CA ASP E 111 -22.43 -18.50 21.81
C ASP E 111 -21.40 -18.09 20.76
N ILE E 112 -21.89 -17.88 19.54
CA ILE E 112 -21.15 -17.10 18.55
C ILE E 112 -21.22 -15.64 18.98
N PRO E 113 -20.10 -15.01 19.30
CA PRO E 113 -20.14 -13.73 20.00
C PRO E 113 -20.55 -12.57 19.10
N PHE E 114 -21.16 -11.56 19.74
CA PHE E 114 -21.50 -10.32 19.07
C PHE E 114 -20.29 -9.69 18.39
N SER E 115 -19.14 -9.69 19.08
CA SER E 115 -17.96 -9.00 18.58
C SER E 115 -17.49 -9.52 17.23
N ILE E 116 -17.93 -10.72 16.83
CA ILE E 116 -17.59 -11.23 15.50
C ILE E 116 -18.00 -10.24 14.43
N SER E 117 -19.11 -9.54 14.64
CA SER E 117 -19.59 -8.58 13.65
C SER E 117 -18.67 -7.38 13.48
N LYS E 118 -17.79 -7.12 14.46
CA LYS E 118 -16.84 -6.02 14.33
C LYS E 118 -15.82 -6.26 13.24
N LEU E 119 -15.62 -7.51 12.82
CA LEU E 119 -14.49 -7.89 11.96
C LEU E 119 -14.89 -7.73 10.49
N LYS E 120 -15.01 -6.48 10.07
CA LYS E 120 -15.52 -6.16 8.73
C LYS E 120 -14.56 -6.55 7.61
N GLN E 121 -13.39 -7.11 7.91
CA GLN E 121 -12.49 -7.64 6.90
C GLN E 121 -12.60 -9.15 6.74
N LEU E 122 -13.25 -9.84 7.68
CA LEU E 122 -13.24 -11.29 7.73
C LEU E 122 -13.81 -11.89 6.46
N GLU E 123 -13.20 -12.97 5.99
CA GLU E 123 -13.66 -13.71 4.82
C GLU E 123 -14.06 -15.15 5.13
N THR E 124 -13.33 -15.83 6.01
CA THR E 124 -13.59 -17.24 6.32
C THR E 124 -13.83 -17.39 7.81
N LEU E 125 -15.09 -17.68 8.18
CA LEU E 125 -15.44 -18.06 9.54
C LEU E 125 -15.63 -19.58 9.58
N ASN E 126 -14.65 -20.25 10.18
CA ASN E 126 -14.62 -21.71 10.29
C ASN E 126 -14.66 -22.07 11.77
N LEU E 127 -15.89 -22.26 12.29
CA LEU E 127 -16.13 -22.70 13.65
C LEU E 127 -16.54 -24.16 13.71
N LYS E 128 -16.12 -24.95 12.72
CA LYS E 128 -16.63 -26.30 12.51
C LYS E 128 -16.34 -27.21 13.70
N ASN E 129 -17.25 -28.17 13.91
CA ASN E 129 -17.07 -29.26 14.86
C ASN E 129 -16.67 -28.76 16.25
N ASN E 130 -17.51 -27.87 16.79
CA ASN E 130 -17.30 -27.36 18.13
C ASN E 130 -18.52 -27.74 18.97
N GLN E 131 -18.77 -27.02 20.06
CA GLN E 131 -19.94 -27.28 20.90
C GLN E 131 -20.76 -26.01 21.13
N LEU E 132 -20.70 -25.06 20.19
CA LEU E 132 -21.35 -23.78 20.37
C LEU E 132 -22.86 -23.95 20.50
N THR E 133 -23.43 -23.29 21.51
CA THR E 133 -24.85 -23.39 21.84
C THR E 133 -25.48 -22.02 21.66
N GLY E 134 -26.57 -21.95 20.90
CA GLY E 134 -27.20 -20.70 20.58
C GLY E 134 -27.36 -20.47 19.09
N PRO E 135 -28.11 -19.43 18.73
CA PRO E 135 -28.56 -19.29 17.35
C PRO E 135 -27.47 -18.75 16.44
N VAL E 136 -27.67 -18.95 15.14
CA VAL E 136 -26.87 -18.30 14.12
C VAL E 136 -27.32 -16.85 14.08
N PRO E 137 -26.58 -15.92 14.65
CA PRO E 137 -27.10 -14.56 14.84
C PRO E 137 -27.30 -13.85 13.51
N ALA E 138 -28.32 -12.98 13.48
CA ALA E 138 -28.59 -12.18 12.29
C ALA E 138 -27.41 -11.29 11.94
N THR E 139 -26.61 -10.91 12.93
CA THR E 139 -25.52 -9.96 12.72
C THR E 139 -24.40 -10.54 11.87
N LEU E 140 -24.39 -11.85 11.60
CA LEU E 140 -23.45 -12.38 10.63
C LEU E 140 -23.74 -11.87 9.22
N THR E 141 -24.87 -11.19 9.02
CA THR E 141 -25.11 -10.49 7.76
C THR E 141 -24.29 -9.20 7.66
N GLN E 142 -23.85 -8.64 8.80
CA GLN E 142 -23.09 -7.39 8.81
C GLN E 142 -21.60 -7.62 8.61
N ILE E 143 -21.21 -8.68 7.91
CA ILE E 143 -19.84 -8.90 7.48
C ILE E 143 -19.85 -8.95 5.96
N PRO E 144 -19.60 -7.83 5.28
CA PRO E 144 -19.86 -7.76 3.84
C PRO E 144 -18.91 -8.61 3.00
N ASN E 145 -17.78 -9.02 3.55
CA ASN E 145 -16.78 -9.77 2.79
C ASN E 145 -16.76 -11.25 3.15
N LEU E 146 -17.58 -11.68 4.11
CA LEU E 146 -17.61 -13.08 4.50
C LEU E 146 -18.02 -13.96 3.32
N LYS E 147 -17.19 -14.94 3.00
CA LYS E 147 -17.42 -15.80 1.85
C LYS E 147 -17.63 -17.26 2.23
N ARG E 148 -16.85 -17.81 3.14
CA ARG E 148 -17.06 -19.16 3.66
C ARG E 148 -17.50 -19.05 5.12
N LEU E 149 -18.75 -19.40 5.38
CA LEU E 149 -19.28 -19.52 6.72
C LEU E 149 -19.64 -20.98 6.96
N ASP E 150 -18.99 -21.62 7.93
CA ASP E 150 -19.44 -22.95 8.31
C ASP E 150 -19.43 -23.13 9.82
N LEU E 151 -20.62 -23.39 10.37
CA LEU E 151 -20.83 -23.72 11.77
C LEU E 151 -21.12 -25.19 11.96
N ALA E 152 -20.86 -25.99 10.92
CA ALA E 152 -21.14 -27.43 10.93
C ALA E 152 -20.56 -28.11 12.15
N GLY E 153 -21.36 -28.99 12.75
CA GLY E 153 -20.89 -29.81 13.86
C GLY E 153 -21.10 -29.21 15.23
N ASN E 154 -22.01 -28.26 15.35
CA ASN E 154 -22.30 -27.60 16.62
C ASN E 154 -23.70 -27.94 17.08
N HIS E 155 -24.09 -27.33 18.21
CA HIS E 155 -25.42 -27.55 18.77
C HIS E 155 -26.26 -26.30 18.64
N LEU E 156 -26.23 -25.68 17.46
CA LEU E 156 -26.90 -24.41 17.24
C LEU E 156 -28.41 -24.59 17.24
N THR E 157 -29.10 -23.60 17.81
CA THR E 157 -30.56 -23.62 17.94
C THR E 157 -31.15 -22.46 17.15
N GLY E 158 -32.48 -22.32 17.24
CA GLY E 158 -33.19 -21.32 16.48
C GLY E 158 -33.34 -21.69 15.03
N GLU E 159 -34.11 -20.88 14.31
CA GLU E 159 -34.32 -21.12 12.89
C GLU E 159 -33.21 -20.43 12.08
N ILE E 160 -33.32 -20.56 10.75
CA ILE E 160 -32.45 -19.85 9.83
C ILE E 160 -33.23 -18.62 9.37
N SER E 161 -32.85 -17.45 9.87
CA SER E 161 -33.56 -16.23 9.52
C SER E 161 -33.30 -15.90 8.06
N ARG E 162 -34.39 -15.57 7.33
CA ARG E 162 -34.26 -15.34 5.90
C ARG E 162 -33.30 -14.19 5.59
N LEU E 163 -33.07 -13.30 6.56
CA LEU E 163 -32.01 -12.31 6.44
C LEU E 163 -30.69 -12.93 5.99
N LEU E 164 -30.36 -14.11 6.54
CA LEU E 164 -29.10 -14.78 6.21
C LEU E 164 -28.97 -15.09 4.73
N TYR E 165 -30.08 -15.20 4.01
CA TYR E 165 -30.01 -15.56 2.60
C TYR E 165 -29.82 -14.34 1.70
N TRP E 166 -30.04 -13.13 2.21
CA TRP E 166 -29.78 -11.92 1.44
C TRP E 166 -28.29 -11.59 1.58
N ASN E 167 -27.51 -12.13 0.66
CA ASN E 167 -26.06 -12.05 0.71
C ASN E 167 -25.52 -12.35 -0.68
N GLU E 168 -24.73 -11.43 -1.23
CA GLU E 168 -24.33 -11.50 -2.63
C GLU E 168 -22.97 -12.13 -2.85
N VAL E 169 -22.11 -12.18 -1.83
CA VAL E 169 -20.75 -12.67 -1.98
C VAL E 169 -20.55 -14.07 -1.42
N LEU E 170 -21.47 -14.57 -0.59
CA LEU E 170 -21.25 -15.81 0.14
C LEU E 170 -21.01 -16.97 -0.82
N GLN E 171 -19.98 -17.76 -0.53
CA GLN E 171 -19.63 -18.95 -1.31
C GLN E 171 -20.14 -20.23 -0.67
N TYR E 172 -19.86 -20.42 0.62
CA TYR E 172 -20.00 -21.71 1.28
C TYR E 172 -20.85 -21.54 2.52
N LEU E 173 -22.03 -22.16 2.52
CA LEU E 173 -22.92 -22.19 3.67
C LEU E 173 -22.91 -23.60 4.25
N GLY E 174 -22.18 -23.75 5.37
CA GLY E 174 -22.09 -25.02 6.06
C GLY E 174 -22.80 -25.02 7.39
N LEU E 175 -23.95 -25.67 7.43
CA LEU E 175 -24.78 -25.69 8.64
C LEU E 175 -25.03 -27.11 9.13
N ARG E 176 -24.34 -28.10 8.58
CA ARG E 176 -24.71 -29.49 8.81
C ARG E 176 -24.42 -29.92 10.24
N GLY E 177 -25.35 -30.64 10.83
CA GLY E 177 -25.13 -31.23 12.14
C GLY E 177 -25.39 -30.33 13.33
N ASN E 178 -26.40 -29.47 13.24
CA ASN E 178 -26.89 -28.70 14.37
C ASN E 178 -28.33 -29.11 14.66
N MET E 179 -29.02 -28.30 15.45
CA MET E 179 -30.42 -28.58 15.75
C MET E 179 -31.29 -27.40 15.31
N LEU E 180 -31.08 -26.93 14.09
CA LEU E 180 -31.83 -25.79 13.57
C LEU E 180 -33.23 -26.23 13.18
N THR E 181 -34.22 -25.46 13.60
CA THR E 181 -35.63 -25.74 13.34
C THR E 181 -36.16 -24.75 12.32
N GLY E 182 -37.46 -24.79 12.07
CA GLY E 182 -38.10 -23.85 11.16
C GLY E 182 -38.20 -24.38 9.74
N THR E 183 -38.32 -23.44 8.81
CA THR E 183 -38.62 -23.74 7.43
C THR E 183 -37.44 -23.35 6.53
N LEU E 184 -37.44 -23.90 5.32
CA LEU E 184 -36.64 -23.34 4.25
C LEU E 184 -37.39 -22.13 3.69
N SER E 185 -36.83 -20.94 3.87
CA SER E 185 -37.50 -19.73 3.41
C SER E 185 -37.42 -19.63 1.89
N SER E 186 -38.44 -19.03 1.31
CA SER E 186 -38.43 -18.84 -0.14
C SER E 186 -37.56 -17.65 -0.54
N ASP E 187 -36.92 -17.01 0.42
CA ASP E 187 -35.84 -16.07 0.13
C ASP E 187 -34.49 -16.77 0.12
N MET E 188 -34.56 -18.08 0.24
CA MET E 188 -33.42 -18.96 0.25
C MET E 188 -32.54 -18.85 -0.95
N CYS E 189 -33.08 -18.64 -2.13
CA CYS E 189 -32.23 -18.59 -3.30
C CYS E 189 -31.93 -17.16 -3.70
N GLN E 190 -31.57 -16.35 -2.73
CA GLN E 190 -31.21 -14.99 -2.99
C GLN E 190 -29.80 -14.75 -2.59
N LEU E 191 -29.01 -15.82 -2.43
CA LEU E 191 -27.59 -15.79 -2.13
C LEU E 191 -27.24 -16.21 -3.52
N THR E 192 -26.89 -15.24 -4.31
CA THR E 192 -26.72 -15.39 -5.76
C THR E 192 -25.33 -15.85 -6.15
N GLY E 193 -24.40 -15.97 -5.22
CA GLY E 193 -23.06 -16.39 -5.53
C GLY E 193 -22.62 -17.56 -4.67
N LEU E 194 -23.59 -18.20 -4.04
CA LEU E 194 -23.32 -19.40 -3.24
C LEU E 194 -23.18 -20.62 -4.14
N TRP E 195 -22.22 -21.48 -3.82
CA TRP E 195 -22.04 -22.72 -4.55
C TRP E 195 -22.23 -23.94 -3.68
N TYR E 196 -22.60 -23.75 -2.41
CA TYR E 196 -22.66 -24.86 -1.45
C TYR E 196 -23.70 -24.54 -0.39
N PHE E 197 -24.89 -25.13 -0.53
CA PHE E 197 -25.91 -25.06 0.51
C PHE E 197 -25.93 -26.37 1.28
N ASP E 198 -25.63 -26.32 2.58
CA ASP E 198 -25.59 -27.51 3.42
C ASP E 198 -26.36 -27.25 4.72
N VAL E 199 -27.57 -27.80 4.80
CA VAL E 199 -28.38 -27.68 6.01
C VAL E 199 -28.72 -29.08 6.54
N ARG E 200 -27.94 -30.08 6.16
CA ARG E 200 -28.23 -31.47 6.49
C ARG E 200 -28.08 -31.72 7.98
N GLY E 201 -28.89 -32.65 8.50
CA GLY E 201 -28.76 -33.09 9.87
C GLY E 201 -29.50 -32.29 10.92
N ASN E 202 -30.27 -31.29 10.52
CA ASN E 202 -31.00 -30.44 11.46
C ASN E 202 -32.40 -31.02 11.68
N ASN E 203 -33.34 -30.20 12.16
CA ASN E 203 -34.71 -30.61 12.43
C ASN E 203 -35.70 -29.73 11.68
N LEU E 204 -35.40 -29.40 10.42
CA LEU E 204 -36.18 -28.42 9.67
C LEU E 204 -37.51 -29.02 9.21
N THR E 205 -38.61 -28.40 9.61
CA THR E 205 -39.92 -28.83 9.14
C THR E 205 -40.23 -28.07 7.85
N GLY E 206 -41.49 -28.06 7.41
CA GLY E 206 -41.88 -27.31 6.23
C GLY E 206 -41.51 -28.02 4.94
N THR E 207 -42.13 -27.55 3.85
CA THR E 207 -41.92 -28.12 2.53
C THR E 207 -40.74 -27.45 1.84
N ILE E 208 -40.38 -28.00 0.68
CA ILE E 208 -39.35 -27.36 -0.15
C ILE E 208 -39.96 -26.12 -0.81
N PRO E 209 -39.26 -24.99 -0.83
CA PRO E 209 -39.83 -23.79 -1.45
C PRO E 209 -40.02 -23.98 -2.94
N GLU E 210 -41.24 -23.71 -3.41
CA GLU E 210 -41.56 -23.87 -4.82
C GLU E 210 -40.68 -22.95 -5.68
N SER E 211 -40.23 -21.84 -5.12
CA SER E 211 -39.32 -20.90 -5.79
C SER E 211 -37.85 -21.30 -5.68
N ILE E 212 -37.54 -22.61 -5.70
CA ILE E 212 -36.15 -23.05 -5.61
C ILE E 212 -35.50 -23.18 -6.98
N GLY E 213 -36.24 -22.98 -8.06
CA GLY E 213 -35.68 -23.10 -9.39
C GLY E 213 -34.73 -21.98 -9.76
N ASN E 214 -34.68 -20.91 -8.97
CA ASN E 214 -33.82 -19.76 -9.22
C ASN E 214 -32.45 -19.92 -8.60
N CYS E 215 -32.15 -21.08 -8.00
CA CYS E 215 -30.90 -21.32 -7.29
C CYS E 215 -29.80 -21.87 -8.19
N THR E 216 -29.58 -21.19 -9.31
CA THR E 216 -28.65 -21.68 -10.32
C THR E 216 -27.19 -21.51 -9.95
N SER E 217 -26.89 -20.73 -8.91
CA SER E 217 -25.50 -20.61 -8.46
C SER E 217 -25.00 -21.83 -7.71
N PHE E 218 -25.91 -22.72 -7.31
CA PHE E 218 -25.58 -23.80 -6.37
C PHE E 218 -24.89 -24.94 -7.11
N GLN E 219 -23.71 -25.35 -6.61
CA GLN E 219 -23.13 -26.62 -7.03
C GLN E 219 -23.69 -27.79 -6.23
N ILE E 220 -24.00 -27.57 -4.96
CA ILE E 220 -24.45 -28.64 -4.06
C ILE E 220 -25.65 -28.15 -3.27
N LEU E 221 -26.73 -28.94 -3.29
CA LEU E 221 -27.87 -28.66 -2.43
C LEU E 221 -28.07 -29.87 -1.53
N ASP E 222 -27.84 -29.69 -0.24
CA ASP E 222 -27.97 -30.74 0.76
C ASP E 222 -28.96 -30.30 1.84
N ILE E 223 -30.20 -30.74 1.71
CA ILE E 223 -31.22 -30.58 2.75
C ILE E 223 -31.58 -31.92 3.38
N SER E 224 -30.78 -32.95 3.15
CA SER E 224 -31.13 -34.29 3.55
C SER E 224 -31.13 -34.44 5.07
N TYR E 225 -31.85 -35.45 5.55
CA TYR E 225 -31.92 -35.81 6.97
C TYR E 225 -32.40 -34.62 7.80
N ASN E 226 -33.67 -34.27 7.57
CA ASN E 226 -34.18 -33.04 8.15
C ASN E 226 -35.67 -33.06 8.45
N GLN E 227 -36.39 -34.16 8.19
CA GLN E 227 -37.82 -34.28 8.48
C GLN E 227 -38.67 -33.34 7.61
N ILE E 228 -38.18 -33.00 6.43
CA ILE E 228 -38.94 -32.15 5.50
C ILE E 228 -40.07 -32.95 4.88
N THR E 229 -41.30 -32.44 4.99
CA THR E 229 -42.47 -33.08 4.41
C THR E 229 -42.71 -32.55 3.00
N GLY E 230 -43.90 -32.82 2.45
CA GLY E 230 -44.32 -32.22 1.21
C GLY E 230 -43.78 -32.90 -0.03
N GLU E 231 -44.10 -32.31 -1.17
CA GLU E 231 -43.72 -32.80 -2.48
C GLU E 231 -42.34 -32.27 -2.88
N ILE E 232 -41.78 -32.86 -3.94
CA ILE E 232 -40.57 -32.35 -4.57
C ILE E 232 -41.00 -31.49 -5.74
N PRO E 233 -40.78 -30.17 -5.71
CA PRO E 233 -41.40 -29.27 -6.67
C PRO E 233 -40.92 -29.51 -8.09
N TYR E 234 -41.74 -29.06 -9.05
CA TYR E 234 -41.35 -29.11 -10.45
C TYR E 234 -40.11 -28.26 -10.71
N ASN E 235 -40.06 -27.06 -10.10
CA ASN E 235 -38.95 -26.13 -10.34
C ASN E 235 -37.61 -26.66 -9.85
N ILE E 236 -37.58 -27.78 -9.13
CA ILE E 236 -36.31 -28.41 -8.81
C ILE E 236 -35.57 -28.81 -10.08
N GLY E 237 -36.30 -28.94 -11.19
CA GLY E 237 -35.67 -29.22 -12.47
C GLY E 237 -34.92 -28.06 -13.07
N PHE E 238 -35.00 -26.88 -12.45
CA PHE E 238 -34.24 -25.73 -12.93
C PHE E 238 -32.90 -25.60 -12.23
N LEU E 239 -32.71 -26.30 -11.11
CA LEU E 239 -31.44 -26.27 -10.39
C LEU E 239 -30.29 -26.70 -11.29
N GLN E 240 -29.15 -26.04 -11.09
CA GLN E 240 -27.91 -26.38 -11.79
C GLN E 240 -26.98 -27.23 -10.94
N VAL E 241 -27.41 -27.64 -9.74
CA VAL E 241 -26.62 -28.45 -8.83
C VAL E 241 -26.06 -29.69 -9.54
N ALA E 242 -24.89 -30.13 -9.11
CA ALA E 242 -24.38 -31.44 -9.50
C ALA E 242 -24.58 -32.50 -8.42
N THR E 243 -24.57 -32.08 -7.16
CA THR E 243 -24.93 -32.95 -6.04
C THR E 243 -26.30 -32.52 -5.52
N LEU E 244 -27.34 -33.24 -5.94
CA LEU E 244 -28.69 -33.05 -5.44
C LEU E 244 -28.94 -34.09 -4.35
N SER E 245 -29.07 -33.63 -3.10
CA SER E 245 -29.25 -34.51 -1.95
C SER E 245 -30.50 -34.09 -1.19
N LEU E 246 -31.54 -34.93 -1.26
CA LEU E 246 -32.80 -34.70 -0.57
C LEU E 246 -33.15 -35.89 0.33
N GLN E 247 -32.14 -36.64 0.78
CA GLN E 247 -32.31 -37.88 1.52
C GLN E 247 -32.97 -37.69 2.88
N GLY E 248 -33.38 -38.82 3.45
CA GLY E 248 -33.61 -38.92 4.88
C GLY E 248 -34.79 -38.13 5.39
N ASN E 249 -35.59 -37.55 4.51
CA ASN E 249 -36.71 -36.71 4.93
C ASN E 249 -38.01 -37.48 4.79
N ARG E 250 -39.13 -36.76 4.83
CA ARG E 250 -40.44 -37.36 4.61
C ARG E 250 -41.06 -36.72 3.38
N LEU E 251 -40.43 -36.90 2.22
CA LEU E 251 -40.94 -36.33 0.98
C LEU E 251 -41.83 -37.37 0.30
N THR E 252 -43.10 -37.02 0.12
CA THR E 252 -44.09 -37.91 -0.45
C THR E 252 -44.32 -37.53 -1.91
N GLY E 253 -45.25 -38.23 -2.55
CA GLY E 253 -45.43 -38.07 -3.98
C GLY E 253 -44.37 -38.82 -4.75
N ARG E 254 -44.41 -38.67 -6.07
CA ARG E 254 -43.54 -39.43 -6.95
C ARG E 254 -42.36 -38.59 -7.41
N ILE E 255 -41.39 -39.28 -8.03
CA ILE E 255 -40.14 -38.67 -8.45
C ILE E 255 -40.41 -37.75 -9.63
N PRO E 256 -40.08 -36.45 -9.54
CA PRO E 256 -40.41 -35.51 -10.62
C PRO E 256 -39.80 -35.94 -11.94
N GLU E 257 -40.65 -36.07 -12.95
CA GLU E 257 -40.18 -36.44 -14.28
C GLU E 257 -39.21 -35.39 -14.84
N VAL E 258 -39.34 -34.14 -14.40
CA VAL E 258 -38.45 -33.08 -14.86
C VAL E 258 -37.01 -33.32 -14.44
N ILE E 259 -36.78 -34.16 -13.43
CA ILE E 259 -35.42 -34.53 -13.05
C ILE E 259 -34.72 -35.24 -14.19
N GLY E 260 -35.48 -35.77 -15.15
CA GLY E 260 -34.85 -36.36 -16.32
C GLY E 260 -34.13 -35.38 -17.21
N LEU E 261 -34.35 -34.08 -17.02
CA LEU E 261 -33.70 -33.04 -17.81
C LEU E 261 -32.46 -32.46 -17.13
N MET E 262 -32.27 -32.71 -15.83
CA MET E 262 -31.11 -32.23 -15.08
C MET E 262 -29.88 -33.07 -15.42
N GLN E 263 -29.38 -32.89 -16.64
CA GLN E 263 -28.29 -33.71 -17.13
C GLN E 263 -26.95 -33.38 -16.47
N ALA E 264 -26.81 -32.19 -15.88
CA ALA E 264 -25.54 -31.81 -15.26
C ALA E 264 -25.28 -32.59 -13.98
N LEU E 265 -26.31 -33.20 -13.40
CA LEU E 265 -26.20 -33.89 -12.11
C LEU E 265 -25.04 -34.89 -12.12
N ALA E 266 -24.34 -34.97 -10.98
CA ALA E 266 -23.29 -35.96 -10.79
C ALA E 266 -23.57 -36.92 -9.64
N VAL E 267 -24.43 -36.53 -8.70
CA VAL E 267 -24.88 -37.39 -7.61
C VAL E 267 -26.34 -37.06 -7.35
N LEU E 268 -27.22 -38.05 -7.52
CA LEU E 268 -28.66 -37.85 -7.36
C LEU E 268 -29.13 -38.74 -6.24
N ASP E 269 -29.67 -38.11 -5.19
CA ASP E 269 -29.94 -38.81 -3.94
C ASP E 269 -31.34 -38.44 -3.44
N LEU E 270 -32.26 -39.39 -3.57
CA LEU E 270 -33.63 -39.26 -3.07
C LEU E 270 -33.94 -40.32 -2.02
N SER E 271 -32.92 -41.00 -1.51
CA SER E 271 -33.11 -42.21 -0.71
C SER E 271 -33.68 -41.91 0.67
N ASP E 272 -34.22 -42.96 1.29
CA ASP E 272 -34.75 -42.93 2.67
C ASP E 272 -35.84 -41.86 2.80
N ASN E 273 -36.71 -41.80 1.80
CA ASN E 273 -37.82 -40.88 1.74
C ASN E 273 -39.07 -41.73 1.52
N GLU E 274 -40.24 -41.14 1.68
CA GLU E 274 -41.48 -41.89 1.46
C GLU E 274 -42.07 -41.62 0.08
N LEU E 275 -41.23 -41.78 -0.95
CA LEU E 275 -41.67 -41.56 -2.32
C LEU E 275 -42.35 -42.81 -2.86
N VAL E 276 -43.39 -42.60 -3.66
CA VAL E 276 -44.18 -43.69 -4.21
C VAL E 276 -44.05 -43.71 -5.74
N GLY E 277 -44.82 -44.57 -6.39
CA GLY E 277 -44.94 -44.57 -7.82
C GLY E 277 -43.73 -45.11 -8.58
N PRO E 278 -43.82 -45.08 -9.92
CA PRO E 278 -42.77 -45.69 -10.74
C PRO E 278 -41.50 -44.86 -10.78
N ILE E 279 -40.42 -45.52 -11.16
CA ILE E 279 -39.14 -44.87 -11.43
C ILE E 279 -39.21 -44.22 -12.81
N PRO E 280 -39.11 -42.90 -12.90
CA PRO E 280 -39.21 -42.23 -14.20
C PRO E 280 -38.19 -42.76 -15.19
N PRO E 281 -38.63 -43.38 -16.29
CA PRO E 281 -37.68 -43.85 -17.29
C PRO E 281 -36.92 -42.74 -17.99
N ILE E 282 -37.41 -41.50 -17.89
CA ILE E 282 -36.69 -40.35 -18.44
C ILE E 282 -35.32 -40.20 -17.79
N LEU E 283 -35.16 -40.70 -16.56
CA LEU E 283 -33.85 -40.75 -15.91
C LEU E 283 -32.81 -41.45 -16.77
N GLY E 284 -33.23 -42.18 -17.81
CA GLY E 284 -32.30 -42.81 -18.71
C GLY E 284 -31.46 -41.85 -19.54
N ASN E 285 -31.84 -40.58 -19.61
CA ASN E 285 -31.02 -39.61 -20.32
C ASN E 285 -30.11 -38.82 -19.37
N LEU E 286 -30.05 -39.21 -18.10
CA LEU E 286 -29.05 -38.69 -17.16
C LEU E 286 -27.72 -39.40 -17.39
N SER E 287 -27.24 -39.29 -18.64
CA SER E 287 -26.14 -40.10 -19.15
C SER E 287 -24.83 -39.91 -18.39
N PHE E 288 -24.75 -38.93 -17.49
CA PHE E 288 -23.47 -38.56 -16.91
C PHE E 288 -23.47 -38.51 -15.39
N THR E 289 -24.56 -38.89 -14.74
CA THR E 289 -24.61 -38.94 -13.29
C THR E 289 -23.85 -40.15 -12.77
N GLY E 290 -23.23 -39.97 -11.59
CA GLY E 290 -22.46 -41.03 -10.98
C GLY E 290 -23.23 -41.92 -10.03
N LYS E 291 -24.11 -41.32 -9.21
CA LYS E 291 -24.85 -42.05 -8.19
C LYS E 291 -26.35 -41.84 -8.37
N LEU E 292 -27.10 -42.93 -8.20
CA LEU E 292 -28.55 -42.87 -8.14
C LEU E 292 -28.99 -43.69 -6.94
N TYR E 293 -29.39 -43.00 -5.87
CA TYR E 293 -29.80 -43.67 -4.64
C TYR E 293 -31.30 -43.42 -4.44
N LEU E 294 -32.11 -44.26 -5.07
CA LEU E 294 -33.57 -44.21 -4.91
C LEU E 294 -34.07 -45.21 -3.87
N HIS E 295 -33.19 -45.75 -3.04
CA HIS E 295 -33.57 -46.76 -2.07
C HIS E 295 -34.30 -46.11 -0.89
N GLY E 296 -34.97 -46.93 -0.09
CA GLY E 296 -35.62 -46.42 1.11
C GLY E 296 -37.02 -45.89 0.89
N ASN E 297 -37.47 -45.79 -0.37
CA ASN E 297 -38.77 -45.27 -0.73
C ASN E 297 -39.77 -46.43 -0.77
N MET E 298 -40.96 -46.19 -1.33
CA MET E 298 -41.92 -47.23 -1.65
C MET E 298 -42.15 -47.32 -3.15
N LEU E 299 -41.09 -47.07 -3.93
CA LEU E 299 -41.22 -47.04 -5.38
C LEU E 299 -41.69 -48.38 -5.91
N THR E 300 -42.73 -48.35 -6.74
CA THR E 300 -43.33 -49.54 -7.32
C THR E 300 -43.13 -49.53 -8.82
N GLY E 301 -43.40 -50.68 -9.44
CA GLY E 301 -43.24 -50.83 -10.87
C GLY E 301 -41.90 -51.45 -11.23
N PRO E 302 -41.66 -51.64 -12.52
CA PRO E 302 -40.43 -52.30 -12.95
C PRO E 302 -39.23 -51.37 -12.93
N ILE E 303 -38.05 -51.95 -13.00
CA ILE E 303 -36.82 -51.19 -13.20
C ILE E 303 -36.80 -50.76 -14.66
N PRO E 304 -36.79 -49.46 -14.95
CA PRO E 304 -36.77 -49.02 -16.34
C PRO E 304 -35.54 -49.54 -17.08
N SER E 305 -35.77 -50.21 -18.20
CA SER E 305 -34.67 -50.68 -19.03
C SER E 305 -33.80 -49.53 -19.50
N GLU E 306 -34.39 -48.34 -19.64
CA GLU E 306 -33.64 -47.17 -20.05
C GLU E 306 -32.58 -46.77 -19.03
N LEU E 307 -32.57 -47.40 -17.85
CA LEU E 307 -31.48 -47.21 -16.91
C LEU E 307 -30.15 -47.72 -17.45
N GLY E 308 -30.16 -48.49 -18.55
CA GLY E 308 -28.93 -48.84 -19.21
C GLY E 308 -28.34 -47.72 -20.05
N ASN E 309 -29.10 -46.65 -20.25
CA ASN E 309 -28.63 -45.47 -20.98
C ASN E 309 -27.94 -44.46 -20.06
N MET E 310 -27.58 -44.88 -18.85
CA MET E 310 -26.89 -44.05 -17.86
C MET E 310 -25.38 -44.28 -17.87
N SER E 311 -24.82 -44.50 -19.07
CA SER E 311 -23.50 -45.08 -19.29
C SER E 311 -22.43 -44.72 -18.27
N ARG E 312 -22.51 -43.54 -17.67
CA ARG E 312 -21.50 -43.08 -16.73
C ARG E 312 -21.82 -43.41 -15.27
N LEU E 313 -22.79 -44.31 -15.04
CA LEU E 313 -23.21 -44.63 -13.68
C LEU E 313 -22.19 -45.50 -12.96
N SER E 314 -21.99 -45.24 -11.67
CA SER E 314 -21.09 -46.04 -10.86
C SER E 314 -21.68 -46.56 -9.55
N TYR E 315 -22.84 -46.04 -9.10
CA TYR E 315 -23.41 -46.48 -7.82
C TYR E 315 -24.92 -46.46 -7.97
N LEU E 316 -25.52 -47.64 -8.16
CA LEU E 316 -26.96 -47.76 -8.31
C LEU E 316 -27.56 -48.50 -7.12
N GLN E 317 -28.51 -47.86 -6.44
CA GLN E 317 -29.11 -48.45 -5.24
C GLN E 317 -30.61 -48.23 -5.28
N LEU E 318 -31.34 -49.25 -5.73
CA LEU E 318 -32.79 -49.25 -5.77
C LEU E 318 -33.41 -50.13 -4.69
N ASN E 319 -32.60 -50.59 -3.74
CA ASN E 319 -33.00 -51.58 -2.76
C ASN E 319 -34.10 -51.04 -1.83
N ASP E 320 -34.80 -51.97 -1.18
CA ASP E 320 -35.76 -51.63 -0.12
C ASP E 320 -36.89 -50.75 -0.65
N ASN E 321 -37.49 -51.19 -1.74
CA ASN E 321 -38.65 -50.52 -2.32
C ASN E 321 -39.73 -51.58 -2.53
N LYS E 322 -40.62 -51.32 -3.49
CA LYS E 322 -41.61 -52.31 -3.93
C LYS E 322 -41.53 -52.48 -5.44
N LEU E 323 -40.32 -52.49 -5.99
CA LEU E 323 -40.14 -52.74 -7.40
C LEU E 323 -40.56 -54.18 -7.75
N VAL E 324 -41.21 -54.33 -8.90
CA VAL E 324 -41.68 -55.63 -9.35
C VAL E 324 -41.02 -55.96 -10.69
N GLY E 325 -41.36 -57.12 -11.25
CA GLY E 325 -40.88 -57.52 -12.55
C GLY E 325 -39.42 -57.95 -12.57
N THR E 326 -38.87 -58.01 -13.77
CA THR E 326 -37.59 -58.61 -14.04
C THR E 326 -36.43 -57.63 -13.85
N ILE E 327 -35.24 -58.19 -13.70
CA ILE E 327 -34.01 -57.40 -13.80
C ILE E 327 -33.68 -57.19 -15.27
N PRO E 328 -33.41 -55.97 -15.72
CA PRO E 328 -33.17 -55.73 -17.14
C PRO E 328 -31.76 -56.16 -17.53
N PRO E 329 -31.62 -56.87 -18.65
CA PRO E 329 -30.27 -57.26 -19.11
C PRO E 329 -29.42 -56.07 -19.51
N GLU E 330 -30.05 -54.95 -19.90
CA GLU E 330 -29.33 -53.78 -20.36
C GLU E 330 -28.37 -53.21 -19.33
N LEU E 331 -28.48 -53.64 -18.06
CA LEU E 331 -27.48 -53.27 -17.06
C LEU E 331 -26.08 -53.71 -17.44
N GLY E 332 -25.92 -54.60 -18.43
CA GLY E 332 -24.61 -54.87 -18.98
C GLY E 332 -23.99 -53.65 -19.63
N LYS E 333 -24.82 -52.71 -20.10
CA LYS E 333 -24.31 -51.52 -20.76
C LYS E 333 -23.50 -50.65 -19.80
N LEU E 334 -23.90 -50.60 -18.54
CA LEU E 334 -23.22 -49.79 -17.55
C LEU E 334 -21.84 -50.35 -17.25
N GLU E 335 -20.85 -49.95 -18.05
CA GLU E 335 -19.48 -50.43 -17.91
C GLU E 335 -18.72 -49.75 -16.79
N GLN E 336 -19.29 -48.75 -16.14
CA GLN E 336 -18.64 -48.06 -15.04
C GLN E 336 -19.25 -48.40 -13.68
N LEU E 337 -20.07 -49.44 -13.61
CA LEU E 337 -20.88 -49.72 -12.43
C LEU E 337 -20.04 -50.43 -11.38
N PHE E 338 -19.93 -49.83 -10.20
CA PHE E 338 -19.20 -50.43 -9.08
C PHE E 338 -20.11 -51.21 -8.15
N GLU E 339 -21.22 -50.60 -7.72
CA GLU E 339 -22.10 -51.18 -6.72
C GLU E 339 -23.52 -51.21 -7.25
N LEU E 340 -24.08 -52.42 -7.38
CA LEU E 340 -25.46 -52.62 -7.79
C LEU E 340 -26.22 -53.28 -6.65
N ASN E 341 -27.20 -52.57 -6.11
CA ASN E 341 -27.91 -53.04 -4.92
C ASN E 341 -29.42 -52.97 -5.18
N LEU E 342 -30.00 -54.11 -5.56
CA LEU E 342 -31.44 -54.25 -5.80
C LEU E 342 -32.12 -55.11 -4.74
N ALA E 343 -31.65 -55.04 -3.49
CA ALA E 343 -32.12 -55.92 -2.44
C ALA E 343 -33.54 -55.56 -2.00
N ASN E 344 -34.16 -56.53 -1.32
CA ASN E 344 -35.42 -56.32 -0.59
C ASN E 344 -36.54 -55.76 -1.48
N ASN E 345 -36.59 -56.20 -2.74
CA ASN E 345 -37.66 -55.81 -3.64
C ASN E 345 -38.55 -57.02 -3.91
N ARG E 346 -39.25 -57.03 -5.05
CA ARG E 346 -40.09 -58.16 -5.46
C ARG E 346 -39.70 -58.64 -6.84
N LEU E 347 -38.43 -58.46 -7.21
CA LEU E 347 -37.98 -58.78 -8.56
C LEU E 347 -38.16 -60.27 -8.86
N VAL E 348 -38.66 -60.56 -10.05
CA VAL E 348 -39.00 -61.91 -10.48
C VAL E 348 -38.14 -62.26 -11.68
N GLY E 349 -37.89 -63.56 -11.85
CA GLY E 349 -37.11 -64.05 -12.96
C GLY E 349 -35.63 -64.19 -12.61
N PRO E 350 -34.83 -64.60 -13.58
CA PRO E 350 -33.42 -64.89 -13.32
C PRO E 350 -32.54 -63.66 -13.51
N ILE E 351 -31.33 -63.77 -12.97
CA ILE E 351 -30.29 -62.76 -13.22
C ILE E 351 -29.84 -62.85 -14.68
N PRO E 352 -29.87 -61.74 -15.42
CA PRO E 352 -29.49 -61.81 -16.83
C PRO E 352 -28.00 -62.08 -16.98
N SER E 353 -27.66 -62.91 -17.97
CA SER E 353 -26.26 -63.23 -18.22
C SER E 353 -25.50 -62.01 -18.71
N ASN E 354 -26.19 -61.06 -19.35
CA ASN E 354 -25.56 -59.83 -19.80
C ASN E 354 -24.86 -59.09 -18.66
N ILE E 355 -25.40 -59.19 -17.44
CA ILE E 355 -24.85 -58.46 -16.30
C ILE E 355 -23.42 -58.87 -15.99
N SER E 356 -22.96 -60.01 -16.53
CA SER E 356 -21.57 -60.41 -16.43
C SER E 356 -20.62 -59.51 -17.21
N SER E 357 -21.13 -58.46 -17.85
CA SER E 357 -20.31 -57.56 -18.65
C SER E 357 -19.77 -56.37 -17.87
N CYS E 358 -20.29 -56.12 -16.67
CA CYS E 358 -19.81 -55.04 -15.83
C CYS E 358 -18.46 -55.43 -15.21
N ALA E 359 -17.44 -55.42 -16.06
CA ALA E 359 -16.08 -55.76 -15.64
C ALA E 359 -15.64 -54.95 -14.42
N ALA E 360 -16.26 -53.80 -14.17
CA ALA E 360 -15.97 -52.99 -13.00
C ALA E 360 -16.88 -53.29 -11.81
N LEU E 361 -17.85 -54.20 -11.97
CA LEU E 361 -18.74 -54.52 -10.85
C LEU E 361 -17.95 -54.98 -9.64
N ASN E 362 -18.29 -54.41 -8.49
CA ASN E 362 -17.54 -54.54 -7.25
C ASN E 362 -18.41 -55.06 -6.12
N GLN E 363 -19.66 -54.61 -6.03
CA GLN E 363 -20.65 -55.17 -5.13
C GLN E 363 -21.89 -55.53 -5.92
N PHE E 364 -22.42 -56.74 -5.69
CA PHE E 364 -23.66 -57.17 -6.31
C PHE E 364 -24.56 -57.75 -5.23
N ASN E 365 -25.75 -57.16 -5.04
CA ASN E 365 -26.62 -57.55 -3.94
C ASN E 365 -28.06 -57.58 -4.42
N VAL E 366 -28.64 -58.77 -4.48
CA VAL E 366 -30.05 -58.96 -4.81
C VAL E 366 -30.78 -59.73 -3.72
N HIS E 367 -30.27 -59.69 -2.49
CA HIS E 367 -30.91 -60.36 -1.37
C HIS E 367 -32.36 -59.92 -1.19
N GLY E 368 -33.25 -60.89 -0.99
CA GLY E 368 -34.60 -60.60 -0.54
C GLY E 368 -35.60 -60.34 -1.64
N ASN E 369 -35.43 -60.95 -2.81
CA ASN E 369 -36.35 -60.82 -3.91
C ASN E 369 -37.07 -62.15 -4.12
N LEU E 370 -37.71 -62.31 -5.29
CA LEU E 370 -38.27 -63.58 -5.72
C LEU E 370 -37.52 -64.13 -6.95
N LEU E 371 -36.23 -63.82 -7.03
CA LEU E 371 -35.43 -64.21 -8.19
C LEU E 371 -35.32 -65.72 -8.30
N SER E 372 -35.34 -66.21 -9.54
CA SER E 372 -35.35 -67.64 -9.81
C SER E 372 -34.09 -68.03 -10.58
N GLY E 373 -34.17 -69.12 -11.35
CA GLY E 373 -33.10 -69.55 -12.22
C GLY E 373 -31.78 -69.84 -11.51
N SER E 374 -30.77 -70.07 -12.32
CA SER E 374 -29.43 -70.38 -11.84
C SER E 374 -28.51 -69.18 -12.03
N ILE E 375 -27.48 -69.11 -11.21
CA ILE E 375 -26.32 -68.24 -11.45
C ILE E 375 -25.83 -68.47 -12.87
N PRO E 376 -25.87 -67.47 -13.75
CA PRO E 376 -25.29 -67.65 -15.09
C PRO E 376 -23.80 -67.97 -15.00
N LEU E 377 -23.33 -68.75 -15.97
CA LEU E 377 -21.94 -69.20 -15.93
C LEU E 377 -20.98 -68.05 -16.17
N ALA E 378 -21.35 -67.13 -17.05
CA ALA E 378 -20.50 -66.00 -17.42
C ALA E 378 -20.07 -65.15 -16.22
N PHE E 379 -20.61 -65.42 -15.03
CA PHE E 379 -20.12 -64.78 -13.82
C PHE E 379 -18.66 -65.12 -13.52
N ARG E 380 -18.05 -66.05 -14.25
CA ARG E 380 -16.60 -66.18 -14.16
C ARG E 380 -15.90 -64.89 -14.56
N ASN E 381 -16.57 -64.04 -15.33
CA ASN E 381 -16.02 -62.82 -15.89
C ASN E 381 -16.20 -61.62 -14.98
N LEU E 382 -16.65 -61.81 -13.75
CA LEU E 382 -16.79 -60.71 -12.80
C LEU E 382 -15.59 -60.56 -11.86
N GLY E 383 -14.37 -60.78 -12.33
CA GLY E 383 -13.15 -60.71 -11.53
C GLY E 383 -12.99 -59.55 -10.57
N SER E 384 -13.63 -58.42 -10.85
CA SER E 384 -13.49 -57.26 -9.97
C SER E 384 -14.44 -57.30 -8.78
N LEU E 385 -15.19 -58.38 -8.61
CA LEU E 385 -16.21 -58.45 -7.58
C LEU E 385 -15.59 -58.57 -6.19
N THR E 386 -15.98 -57.66 -5.30
CA THR E 386 -15.61 -57.73 -3.89
C THR E 386 -16.65 -58.50 -3.08
N TYR E 387 -17.93 -58.16 -3.27
CA TYR E 387 -19.00 -58.57 -2.36
C TYR E 387 -20.14 -59.17 -3.19
N LEU E 388 -20.43 -60.44 -2.94
CA LEU E 388 -21.46 -61.16 -3.68
C LEU E 388 -22.55 -61.60 -2.70
N ASN E 389 -23.77 -61.10 -2.91
CA ASN E 389 -24.89 -61.44 -2.04
C ASN E 389 -26.08 -61.80 -2.90
N LEU E 390 -26.51 -63.06 -2.80
CA LEU E 390 -27.72 -63.56 -3.46
C LEU E 390 -28.67 -64.22 -2.47
N SER E 391 -28.56 -63.88 -1.20
CA SER E 391 -29.28 -64.58 -0.15
C SER E 391 -30.80 -64.40 -0.27
N SER E 392 -31.53 -65.34 0.32
CA SER E 392 -32.98 -65.27 0.47
C SER E 392 -33.68 -65.08 -0.88
N ASN E 393 -33.31 -65.93 -1.84
CA ASN E 393 -33.94 -65.95 -3.15
C ASN E 393 -34.22 -67.39 -3.52
N ASN E 394 -34.94 -67.59 -4.63
CA ASN E 394 -35.23 -68.95 -5.10
C ASN E 394 -34.24 -69.43 -6.17
N PHE E 395 -32.97 -69.03 -6.09
CA PHE E 395 -31.98 -69.51 -7.03
C PHE E 395 -31.81 -71.02 -6.91
N LYS E 396 -31.63 -71.69 -8.05
CA LYS E 396 -31.47 -73.13 -8.05
C LYS E 396 -30.26 -73.55 -8.87
N GLY E 397 -30.17 -74.83 -9.22
CA GLY E 397 -29.04 -75.35 -9.96
C GLY E 397 -27.86 -75.65 -9.07
N LYS E 398 -26.66 -75.41 -9.58
CA LYS E 398 -25.43 -75.65 -8.82
C LYS E 398 -24.65 -74.34 -8.69
N ILE E 399 -23.74 -74.33 -7.72
CA ILE E 399 -22.83 -73.21 -7.53
C ILE E 399 -21.73 -73.34 -8.58
N PRO E 400 -21.63 -72.41 -9.53
CA PRO E 400 -20.68 -72.61 -10.64
C PRO E 400 -19.25 -72.77 -10.12
N VAL E 401 -18.51 -73.67 -10.77
CA VAL E 401 -17.12 -73.90 -10.39
C VAL E 401 -16.30 -72.63 -10.61
N GLU E 402 -16.52 -71.97 -11.75
CA GLU E 402 -15.80 -70.76 -12.10
C GLU E 402 -16.00 -69.63 -11.09
N LEU E 403 -16.99 -69.77 -10.20
CA LEU E 403 -17.15 -68.78 -9.13
C LEU E 403 -15.91 -68.69 -8.27
N GLY E 404 -15.11 -69.76 -8.21
CA GLY E 404 -13.87 -69.71 -7.47
C GLY E 404 -12.79 -68.88 -8.13
N HIS E 405 -13.00 -68.44 -9.37
CA HIS E 405 -12.02 -67.67 -10.12
C HIS E 405 -12.22 -66.16 -9.98
N ILE E 406 -13.22 -65.74 -9.21
CA ILE E 406 -13.38 -64.33 -8.84
C ILE E 406 -12.50 -64.12 -7.61
N ILE E 407 -11.28 -63.65 -7.84
CA ILE E 407 -10.24 -63.76 -6.82
C ILE E 407 -10.47 -62.77 -5.68
N ASN E 408 -10.91 -61.56 -6.00
CA ASN E 408 -11.06 -60.50 -5.01
C ASN E 408 -12.33 -60.63 -4.17
N LEU E 409 -12.99 -61.78 -4.21
CA LEU E 409 -14.15 -62.02 -3.36
C LEU E 409 -13.73 -62.16 -1.91
N ASP E 410 -14.29 -61.30 -1.04
CA ASP E 410 -14.09 -61.41 0.40
C ASP E 410 -15.37 -61.53 1.19
N LYS E 411 -16.53 -61.57 0.53
CA LYS E 411 -17.81 -61.79 1.23
C LYS E 411 -18.74 -62.50 0.25
N LEU E 412 -18.92 -63.80 0.43
CA LEU E 412 -19.81 -64.60 -0.39
C LEU E 412 -20.99 -65.08 0.45
N ASP E 413 -22.20 -64.75 0.00
CA ASP E 413 -23.41 -65.08 0.74
C ASP E 413 -24.43 -65.64 -0.25
N LEU E 414 -24.59 -66.96 -0.25
CA LEU E 414 -25.55 -67.66 -1.09
C LEU E 414 -26.71 -68.25 -0.29
N SER E 415 -26.86 -67.85 0.97
CA SER E 415 -27.84 -68.48 1.86
C SER E 415 -29.27 -68.29 1.35
N GLY E 416 -30.14 -69.21 1.74
CA GLY E 416 -31.57 -69.01 1.53
C GLY E 416 -32.11 -69.40 0.18
N ASN E 417 -31.35 -70.13 -0.63
CA ASN E 417 -31.79 -70.55 -1.95
C ASN E 417 -31.70 -72.06 -2.06
N ASN E 418 -32.20 -72.60 -3.16
CA ASN E 418 -32.19 -74.06 -3.38
C ASN E 418 -31.06 -74.48 -4.32
N PHE E 419 -29.82 -74.27 -3.87
CA PHE E 419 -28.68 -74.78 -4.62
C PHE E 419 -28.45 -76.26 -4.31
N SER E 420 -27.97 -76.98 -5.31
CA SER E 420 -27.80 -78.43 -5.19
C SER E 420 -26.34 -78.84 -5.40
N GLY E 421 -26.12 -80.11 -5.70
CA GLY E 421 -24.78 -80.63 -5.92
C GLY E 421 -23.90 -80.49 -4.69
N SER E 422 -22.62 -80.74 -4.91
CA SER E 422 -21.61 -80.54 -3.88
C SER E 422 -20.96 -79.17 -4.04
N ILE E 423 -20.37 -78.70 -2.95
CA ILE E 423 -19.73 -77.38 -2.95
C ILE E 423 -18.51 -77.42 -3.87
N PRO E 424 -18.27 -76.40 -4.70
CA PRO E 424 -17.09 -76.43 -5.57
C PRO E 424 -15.80 -76.37 -4.77
N LEU E 425 -14.83 -77.18 -5.20
CA LEU E 425 -13.50 -77.14 -4.59
C LEU E 425 -12.78 -75.83 -4.89
N THR E 426 -13.12 -75.16 -6.00
CA THR E 426 -12.49 -73.89 -6.32
C THR E 426 -12.86 -72.80 -5.33
N LEU E 427 -14.03 -72.92 -4.69
CA LEU E 427 -14.36 -72.06 -3.56
C LEU E 427 -13.24 -72.00 -2.54
N GLY E 428 -12.41 -73.04 -2.48
CA GLY E 428 -11.31 -73.06 -1.54
C GLY E 428 -10.22 -72.04 -1.82
N ASP E 429 -9.99 -71.71 -3.09
CA ASP E 429 -8.90 -70.79 -3.41
C ASP E 429 -9.35 -69.33 -3.46
N LEU E 430 -10.54 -69.02 -2.94
CA LEU E 430 -10.94 -67.64 -2.68
C LEU E 430 -10.07 -67.09 -1.55
N GLU E 431 -8.84 -66.76 -1.90
CA GLU E 431 -7.81 -66.47 -0.89
C GLU E 431 -8.21 -65.31 0.03
N HIS E 432 -8.92 -64.32 -0.49
CA HIS E 432 -9.25 -63.12 0.26
C HIS E 432 -10.58 -63.23 1.00
N LEU E 433 -11.29 -64.36 0.87
CA LEU E 433 -12.62 -64.48 1.44
C LEU E 433 -12.59 -64.30 2.96
N LEU E 434 -13.66 -63.72 3.47
CA LEU E 434 -13.82 -63.41 4.90
C LEU E 434 -15.10 -64.02 5.47
N ILE E 435 -16.22 -63.88 4.76
CA ILE E 435 -17.49 -64.46 5.15
C ILE E 435 -17.96 -65.40 4.05
N LEU E 436 -18.35 -66.61 4.44
CA LEU E 436 -18.89 -67.60 3.51
C LEU E 436 -20.16 -68.17 4.12
N ASN E 437 -21.32 -67.68 3.66
CA ASN E 437 -22.60 -68.11 4.22
C ASN E 437 -23.37 -68.81 3.10
N LEU E 438 -23.26 -70.14 3.05
CA LEU E 438 -23.96 -70.98 2.07
C LEU E 438 -25.16 -71.70 2.69
N SER E 439 -25.59 -71.28 3.88
CA SER E 439 -26.55 -72.06 4.65
C SER E 439 -27.96 -71.95 4.05
N ARG E 440 -28.91 -72.60 4.71
CA ARG E 440 -30.31 -72.68 4.27
C ARG E 440 -30.40 -72.94 2.77
N ASN E 441 -29.90 -74.11 2.38
CA ASN E 441 -29.78 -74.51 0.98
C ASN E 441 -30.07 -76.01 0.91
N HIS E 442 -29.67 -76.64 -0.19
CA HIS E 442 -29.71 -78.09 -0.34
C HIS E 442 -28.37 -78.63 -0.80
N LEU E 443 -27.28 -78.11 -0.22
CA LEU E 443 -25.96 -78.57 -0.59
C LEU E 443 -25.70 -79.97 -0.04
N SER E 444 -25.07 -80.82 -0.86
CA SER E 444 -24.89 -82.22 -0.53
C SER E 444 -23.41 -82.59 -0.61
N GLY E 445 -23.12 -83.83 -0.19
CA GLY E 445 -21.81 -84.40 -0.41
C GLY E 445 -20.76 -83.96 0.60
N GLN E 446 -19.51 -83.97 0.14
CA GLN E 446 -18.37 -83.73 1.01
C GLN E 446 -18.21 -82.25 1.35
N LEU E 447 -17.76 -81.99 2.56
CA LEU E 447 -17.37 -80.66 3.00
C LEU E 447 -15.97 -80.39 2.47
N PRO E 448 -15.84 -79.64 1.37
CA PRO E 448 -14.56 -79.57 0.66
C PRO E 448 -13.41 -79.11 1.55
N ALA E 449 -12.42 -79.98 1.71
CA ALA E 449 -11.30 -79.71 2.61
C ALA E 449 -10.44 -78.54 2.16
N GLU E 450 -10.64 -78.05 0.93
CA GLU E 450 -9.95 -76.85 0.48
C GLU E 450 -10.29 -75.63 1.32
N PHE E 451 -11.30 -75.72 2.19
CA PHE E 451 -11.56 -74.68 3.17
C PHE E 451 -10.40 -74.51 4.15
N GLY E 452 -9.44 -75.43 4.16
CA GLY E 452 -8.21 -75.20 4.90
C GLY E 452 -7.34 -74.11 4.31
N ASN E 453 -7.59 -73.74 3.06
CA ASN E 453 -6.81 -72.73 2.36
C ASN E 453 -7.49 -71.37 2.34
N LEU E 454 -8.68 -71.24 2.94
CA LEU E 454 -9.33 -69.94 3.13
C LEU E 454 -8.62 -69.24 4.27
N ARG E 455 -7.49 -68.61 3.94
CA ARG E 455 -6.58 -68.15 4.99
C ARG E 455 -7.19 -67.01 5.80
N SER E 456 -7.80 -66.04 5.14
CA SER E 456 -8.35 -64.87 5.81
C SER E 456 -9.79 -65.07 6.31
N ILE E 457 -10.31 -66.29 6.27
CA ILE E 457 -11.73 -66.51 6.52
C ILE E 457 -12.06 -66.16 7.97
N GLN E 458 -13.29 -65.72 8.19
CA GLN E 458 -13.77 -65.34 9.51
C GLN E 458 -15.01 -66.09 9.97
N MET E 459 -15.91 -66.44 9.05
CA MET E 459 -17.23 -66.96 9.40
C MET E 459 -17.66 -67.93 8.31
N ILE E 460 -17.70 -69.22 8.64
CA ILE E 460 -18.17 -70.24 7.70
C ILE E 460 -19.50 -70.78 8.23
N ASP E 461 -20.57 -70.52 7.50
CA ASP E 461 -21.90 -71.04 7.84
C ASP E 461 -22.44 -71.79 6.62
N VAL E 462 -22.12 -73.07 6.54
CA VAL E 462 -22.71 -73.96 5.54
C VAL E 462 -23.82 -74.81 6.16
N SER E 463 -24.43 -74.33 7.26
CA SER E 463 -25.42 -75.08 8.00
C SER E 463 -26.68 -75.30 7.18
N PHE E 464 -27.58 -76.09 7.74
CA PHE E 464 -28.92 -76.35 7.19
C PHE E 464 -28.82 -76.81 5.72
N ASN E 465 -28.23 -77.98 5.55
CA ASN E 465 -27.98 -78.56 4.23
C ASN E 465 -28.05 -80.07 4.35
N LEU E 466 -27.75 -80.75 3.24
CA LEU E 466 -27.64 -82.20 3.19
C LEU E 466 -26.18 -82.66 3.12
N LEU E 467 -25.29 -81.93 3.80
CA LEU E 467 -23.86 -82.22 3.73
C LEU E 467 -23.52 -83.48 4.52
N SER E 468 -23.00 -84.50 3.83
CA SER E 468 -22.61 -85.76 4.44
C SER E 468 -21.10 -85.80 4.63
N GLY E 469 -20.60 -86.90 5.19
CA GLY E 469 -19.18 -87.11 5.33
C GLY E 469 -18.63 -86.68 6.67
N VAL E 470 -17.32 -86.50 6.71
CA VAL E 470 -16.62 -86.15 7.93
C VAL E 470 -16.32 -84.66 7.94
N ILE E 471 -15.92 -84.14 9.09
CA ILE E 471 -15.45 -82.76 9.21
C ILE E 471 -13.97 -82.75 8.86
N PRO E 472 -13.56 -82.02 7.82
CA PRO E 472 -12.14 -82.01 7.43
C PRO E 472 -11.23 -81.63 8.58
N THR E 473 -10.05 -82.23 8.59
CA THR E 473 -9.05 -81.90 9.61
C THR E 473 -8.34 -80.58 9.30
N GLU E 474 -8.27 -80.20 8.03
CA GLU E 474 -7.53 -79.01 7.65
C GLU E 474 -8.11 -77.74 8.22
N LEU E 475 -9.34 -77.80 8.75
CA LEU E 475 -9.91 -76.63 9.40
C LEU E 475 -9.10 -76.19 10.61
N GLY E 476 -8.18 -77.03 11.08
CA GLY E 476 -7.29 -76.59 12.15
C GLY E 476 -6.31 -75.51 11.72
N GLN E 477 -6.13 -75.32 10.41
CA GLN E 477 -5.19 -74.32 9.90
C GLN E 477 -5.76 -72.91 9.89
N LEU E 478 -7.08 -72.74 9.98
CA LEU E 478 -7.69 -71.41 9.90
C LEU E 478 -7.44 -70.58 11.14
N GLN E 479 -6.36 -69.80 11.14
CA GLN E 479 -5.99 -68.94 12.26
C GLN E 479 -6.71 -67.59 12.22
N ASN E 480 -7.89 -67.53 11.60
CA ASN E 480 -8.72 -66.32 11.63
C ASN E 480 -10.21 -66.61 11.80
N LEU E 481 -10.62 -67.86 11.87
CA LEU E 481 -12.03 -68.24 11.84
C LEU E 481 -12.62 -68.15 13.24
N ASN E 482 -13.53 -67.22 13.46
CA ASN E 482 -14.14 -67.01 14.77
C ASN E 482 -15.57 -67.53 14.86
N SER E 483 -16.16 -67.99 13.76
CA SER E 483 -17.47 -68.64 13.80
C SER E 483 -17.51 -69.78 12.79
N LEU E 484 -17.70 -71.00 13.29
CA LEU E 484 -17.77 -72.20 12.45
C LEU E 484 -19.10 -72.88 12.75
N ILE E 485 -20.09 -72.63 11.90
CA ILE E 485 -21.43 -73.15 12.11
C ILE E 485 -21.69 -74.20 11.05
N LEU E 486 -21.69 -75.46 11.47
CA LEU E 486 -21.93 -76.62 10.61
C LEU E 486 -23.25 -77.29 10.96
N ASN E 487 -24.12 -76.59 11.70
CA ASN E 487 -25.33 -77.12 12.30
C ASN E 487 -26.29 -77.68 11.24
N ASN E 488 -27.16 -78.58 11.70
CA ASN E 488 -28.27 -79.14 10.92
C ASN E 488 -27.79 -79.64 9.54
N ASN E 489 -27.05 -80.73 9.58
CA ASN E 489 -26.46 -81.34 8.39
C ASN E 489 -26.52 -82.85 8.57
N LYS E 490 -25.67 -83.57 7.82
CA LYS E 490 -25.61 -85.02 7.91
C LYS E 490 -24.22 -85.56 8.18
N LEU E 491 -23.31 -84.74 8.73
CA LEU E 491 -21.95 -85.22 8.90
C LEU E 491 -21.86 -86.21 10.06
N HIS E 492 -20.75 -86.92 10.13
CA HIS E 492 -20.56 -87.98 11.10
C HIS E 492 -19.08 -88.06 11.46
N GLY E 493 -18.67 -89.19 12.01
CA GLY E 493 -17.32 -89.31 12.55
C GLY E 493 -17.17 -88.49 13.81
N LYS E 494 -15.95 -88.45 14.33
CA LYS E 494 -15.69 -87.58 15.46
C LYS E 494 -15.20 -86.22 14.99
N ILE E 495 -15.41 -85.22 15.83
CA ILE E 495 -14.84 -83.89 15.58
C ILE E 495 -13.32 -84.02 15.53
N PRO E 496 -12.65 -83.41 14.55
CA PRO E 496 -11.18 -83.41 14.57
C PRO E 496 -10.68 -82.73 15.83
N ASP E 497 -9.61 -83.29 16.39
CA ASP E 497 -8.99 -82.70 17.57
C ASP E 497 -8.14 -81.48 17.23
N GLN E 498 -8.08 -81.09 15.95
CA GLN E 498 -7.27 -79.97 15.52
C GLN E 498 -7.97 -78.64 15.76
N LEU E 499 -9.30 -78.62 15.88
CA LEU E 499 -10.00 -77.39 16.22
C LEU E 499 -9.63 -76.90 17.62
N ASN E 501 -6.50 -75.62 17.78
CA ASN E 501 -5.49 -74.87 17.04
C ASN E 501 -6.11 -73.67 16.35
N CYS E 502 -7.41 -73.50 16.55
CA CYS E 502 -8.12 -72.31 16.08
C CYS E 502 -8.37 -71.37 17.26
N PHE E 503 -7.30 -70.71 17.71
CA PHE E 503 -7.40 -69.81 18.85
C PHE E 503 -8.35 -68.64 18.59
N THR E 504 -8.73 -68.41 17.34
CA THR E 504 -9.68 -67.36 16.98
C THR E 504 -11.13 -67.75 17.26
N LEU E 505 -11.46 -69.05 17.16
CA LEU E 505 -12.83 -69.50 17.37
C LEU E 505 -13.38 -69.02 18.70
N VAL E 506 -14.60 -68.48 18.67
CA VAL E 506 -15.28 -67.98 19.86
C VAL E 506 -16.73 -68.44 19.72
N ASN E 507 -17.03 -69.12 18.61
CA ASN E 507 -18.41 -69.55 18.36
C ASN E 507 -18.37 -70.72 17.37
N LEU E 508 -18.56 -71.92 17.90
CA LEU E 508 -18.74 -73.14 17.14
C LEU E 508 -20.19 -73.57 17.28
N ASN E 509 -20.73 -74.16 16.21
CA ASN E 509 -22.06 -74.77 16.26
C ASN E 509 -22.07 -76.01 15.37
N VAL E 510 -21.63 -77.13 15.93
CA VAL E 510 -22.03 -78.43 15.44
C VAL E 510 -23.19 -78.91 16.29
N SER E 511 -24.24 -79.37 15.63
CA SER E 511 -25.48 -79.76 16.29
C SER E 511 -26.39 -80.36 15.23
N PHE E 512 -27.34 -81.19 15.68
CA PHE E 512 -28.29 -81.85 14.80
C PHE E 512 -27.58 -82.49 13.62
N ASN E 513 -26.50 -83.20 13.94
CA ASN E 513 -25.67 -83.92 12.99
C ASN E 513 -25.73 -85.38 13.38
N ASN E 514 -24.68 -86.15 13.07
CA ASN E 514 -24.55 -87.51 13.59
C ASN E 514 -23.09 -87.81 13.91
N LEU E 515 -22.50 -87.01 14.80
CA LEU E 515 -21.11 -87.21 15.15
C LEU E 515 -20.96 -88.40 16.09
N SER E 516 -19.74 -88.92 16.15
CA SER E 516 -19.42 -90.12 16.94
C SER E 516 -18.17 -89.85 17.75
N GLY E 517 -18.35 -89.38 18.98
CA GLY E 517 -17.22 -89.25 19.89
C GLY E 517 -17.44 -88.28 21.03
N ILE E 518 -16.37 -87.58 21.42
CA ILE E 518 -16.44 -86.59 22.48
C ILE E 518 -15.76 -85.28 22.09
N THR F 1 -36.77 -26.95 -17.39
CA THR F 1 -35.92 -26.87 -18.58
C THR F 1 -34.66 -27.71 -18.40
N GLY F 2 -34.14 -27.77 -17.17
CA GLY F 2 -33.11 -28.72 -16.83
C GLY F 2 -31.74 -28.15 -16.55
N SER F 3 -30.71 -28.87 -17.00
CA SER F 3 -29.32 -28.50 -16.82
C SER F 3 -28.49 -29.35 -17.78
N SER F 4 -27.29 -28.86 -18.07
CA SER F 4 -26.41 -29.51 -19.04
C SER F 4 -24.99 -29.61 -18.49
N LEU F 5 -24.22 -30.52 -19.06
CA LEU F 5 -22.83 -30.68 -18.68
C LEU F 5 -22.07 -29.37 -18.90
N PRO F 6 -21.00 -29.13 -18.13
CA PRO F 6 -20.30 -27.85 -18.21
C PRO F 6 -19.91 -27.43 -19.62
N ASP F 7 -19.54 -28.37 -20.49
CA ASP F 7 -18.98 -28.07 -21.81
C ASP F 7 -17.86 -27.03 -21.67
N CYS F 8 -16.79 -27.47 -21.03
CA CYS F 8 -15.75 -26.53 -20.62
C CYS F 8 -14.70 -26.33 -21.72
N SER F 9 -15.16 -26.05 -22.93
CA SER F 9 -14.22 -25.86 -24.05
C SER F 9 -13.53 -24.51 -23.96
N TYR F 10 -14.24 -23.46 -23.56
CA TYR F 10 -13.77 -22.09 -23.69
C TYR F 10 -13.65 -21.32 -22.38
N ALA F 11 -13.91 -21.95 -21.23
CA ALA F 11 -14.08 -21.21 -19.98
C ALA F 11 -12.79 -20.86 -19.28
N CYS F 12 -11.63 -21.26 -19.82
CA CYS F 12 -10.39 -20.96 -19.11
C CYS F 12 -9.81 -19.63 -19.55
N GLY F 13 -9.73 -19.39 -20.85
CA GLY F 13 -9.16 -18.15 -21.30
C GLY F 13 -7.65 -18.18 -21.32
N ALA F 14 -7.06 -19.18 -20.67
CA ALA F 14 -5.64 -19.44 -20.76
C ALA F 14 -5.41 -20.94 -20.76
N CYS F 15 -4.35 -21.33 -21.46
CA CYS F 15 -3.95 -22.70 -21.74
C CYS F 15 -5.22 -23.39 -22.25
N SER F 16 -5.52 -23.22 -23.54
CA SER F 16 -6.82 -23.62 -24.08
C SER F 16 -7.31 -25.03 -23.73
N PRO F 17 -6.45 -26.08 -23.59
CA PRO F 17 -6.97 -27.36 -23.05
C PRO F 17 -7.69 -27.21 -21.73
N CYS F 18 -8.94 -26.80 -21.82
CA CYS F 18 -9.81 -26.52 -20.69
C CYS F 18 -10.68 -27.74 -20.44
N LYS F 19 -10.53 -28.36 -19.28
CA LYS F 19 -11.22 -29.62 -19.05
C LYS F 19 -12.22 -29.51 -17.90
N ARG F 20 -13.07 -30.51 -17.81
CA ARG F 20 -13.88 -30.72 -16.61
C ARG F 20 -13.13 -31.63 -15.65
N VAL F 21 -13.47 -31.51 -14.38
CA VAL F 21 -12.71 -32.16 -13.31
C VAL F 21 -13.68 -32.56 -12.21
N MET F 22 -13.40 -33.70 -11.58
CA MET F 22 -14.24 -34.29 -10.55
C MET F 22 -13.70 -33.88 -9.19
N ILE F 23 -14.58 -33.31 -8.35
CA ILE F 23 -14.18 -32.94 -7.00
C ILE F 23 -15.12 -33.60 -6.00
N SER F 24 -14.56 -34.01 -4.86
CA SER F 24 -15.29 -34.72 -3.84
C SER F 24 -14.87 -34.20 -2.47
N PHE F 25 -15.83 -34.11 -1.55
CA PHE F 25 -15.55 -33.55 -0.23
C PHE F 25 -15.99 -34.50 0.88
N CYS F 33 -18.45 -37.78 0.36
CA CYS F 33 -18.81 -38.28 -0.96
C CYS F 33 -19.79 -37.32 -1.65
N SER F 34 -19.41 -36.05 -1.70
CA SER F 34 -20.16 -35.04 -2.43
C SER F 34 -19.30 -34.51 -3.55
N VAL F 35 -19.85 -34.51 -4.77
CA VAL F 35 -19.09 -34.30 -5.99
C VAL F 35 -19.54 -33.00 -6.64
N ILE F 36 -18.58 -32.16 -7.03
CA ILE F 36 -18.85 -31.00 -7.86
C ILE F 36 -18.03 -31.08 -9.14
N TYR F 37 -18.53 -30.38 -10.16
CA TYR F 37 -17.86 -30.21 -11.43
C TYR F 37 -16.95 -29.00 -11.38
N ARG F 38 -15.73 -29.15 -11.86
CA ARG F 38 -14.81 -28.05 -12.02
C ARG F 38 -14.26 -28.07 -13.42
N CYS F 39 -13.45 -27.07 -13.72
CA CYS F 39 -12.78 -26.91 -15.00
C CYS F 39 -11.35 -26.55 -14.73
N THR F 40 -10.43 -27.24 -15.36
CA THR F 40 -9.05 -26.94 -15.05
C THR F 40 -8.28 -26.58 -16.30
N CYS F 41 -7.30 -25.72 -16.05
CA CYS F 41 -6.27 -25.28 -16.96
C CYS F 41 -5.00 -25.26 -16.16
N ARG F 42 -3.97 -25.95 -16.65
CA ARG F 42 -2.70 -25.93 -15.96
C ARG F 42 -2.90 -26.27 -14.52
N GLY F 43 -2.50 -25.37 -13.64
CA GLY F 43 -2.65 -25.56 -12.21
C GLY F 43 -3.82 -24.82 -11.59
N ARG F 44 -4.71 -24.27 -12.39
CA ARG F 44 -5.84 -23.55 -11.83
C ARG F 44 -7.17 -24.15 -12.28
N TYR F 45 -8.23 -23.93 -11.51
CA TYR F 45 -9.54 -24.48 -11.80
C TYR F 45 -10.56 -23.39 -12.13
N TYR F 46 -11.44 -23.61 -13.12
CA TYR F 46 -12.43 -22.59 -13.54
C TYR F 46 -13.96 -22.63 -13.16
N HIS F 47 -14.89 -22.67 -14.13
CA HIS F 47 -16.34 -22.65 -13.82
C HIS F 47 -17.35 -23.14 -14.88
N VAL F 48 -17.96 -22.20 -15.62
CA VAL F 48 -18.96 -22.30 -16.73
C VAL F 48 -20.41 -22.31 -16.24
N PRO F 49 -21.32 -21.50 -16.84
CA PRO F 49 -22.67 -21.44 -16.28
C PRO F 49 -23.88 -21.30 -17.18
N SER F 50 -25.06 -21.43 -16.56
CA SER F 50 -26.30 -21.13 -17.27
C SER F 50 -27.37 -20.94 -16.20
N ARG F 51 -28.57 -20.53 -16.61
CA ARG F 51 -29.58 -20.14 -15.64
C ARG F 51 -30.98 -20.42 -16.15
N ALA F 52 -31.93 -20.43 -15.23
CA ALA F 52 -33.33 -20.62 -15.52
C ALA F 52 -34.20 -20.24 -14.32
#